data_5ZQX
#
_entry.id   5ZQX
#
_cell.length_a   103.259
_cell.length_b   104.776
_cell.length_c   113.163
_cell.angle_alpha   90.00
_cell.angle_beta   111.13
_cell.angle_gamma   90.00
#
_symmetry.space_group_name_H-M   'P 1 21 1'
#
loop_
_entity.id
_entity.type
_entity.pdbx_description
1 polymer Beta-xylosidase
2 branched beta-D-xylopyranose-(1-4)-beta-D-xylopyranose
3 water water
#
_entity_poly.entity_id   1
_entity_poly.type   'polypeptide(L)'
_entity_poly.pdbx_seq_one_letter_code
;MKITNPVLKGFNPDPSICRAGEDYYMAVSTFEWFPGVQIYHSKDLIHWRLAARPLQKTSQLDMKGNPDSGGVWAPCLSYA
DGQFWLIYSDIKVVDGPFKDGHNYLVTADAVDGEWSDPVRLNSSGFDPSLFHDPSGKKYVLNMLWDHREKHHSFAGIALQ
EYSVSEKKLVGERKVIFKGTPIKLTQAPHLYYINDVYYLLTAEGGTRYEHAATIARSSRIDGPYEVHPDNPILTAFHAPS
HPLQKCGHASIVQTHTNEWYLAHLTGRPIHSSKESIFQQRGWCPLGRETAIQKLEWKDGWPYVVGGKEGLLEVEAPAMSV
KEFSPTYHIVDEFKDSSLNRHFQTLRIPFTDQIGSVTENPHHLRLYGQESLTSKFTQAFVARRWQSFYFEAETAVSFFPK
NFQQAAGLVNYYNTENWTALQVTYDDALGRILELSVCENLAFSQPLIKKIIIPDEIPYVYLKVTVQRETYTYSYSFDQQE
WEKIDVPLESTHLSDDFIRGGGFFTGAFVGMQCQDTSGERLPADFKYFRYEETTEHHHHHH
;
_entity_poly.pdbx_strand_id   A,B,C,D
#
loop_
_chem_comp.id
_chem_comp.type
_chem_comp.name
_chem_comp.formula
XYP D-saccharide, beta linking beta-D-xylopyranose 'C5 H10 O5'
#
# COMPACT_ATOMS: atom_id res chain seq x y z
N MET A 1 11.54 -16.92 49.49
CA MET A 1 10.67 -16.43 48.42
C MET A 1 11.47 -15.73 47.33
N LYS A 2 11.11 -16.01 46.07
CA LYS A 2 11.83 -15.48 44.92
C LYS A 2 11.12 -14.25 44.34
N ILE A 3 11.87 -13.50 43.54
CA ILE A 3 11.29 -12.45 42.71
C ILE A 3 10.60 -13.10 41.53
N THR A 4 9.32 -12.76 41.31
CA THR A 4 8.54 -13.31 40.21
C THR A 4 8.40 -12.24 39.15
N ASN A 5 8.83 -12.56 37.93
CA ASN A 5 8.83 -11.58 36.85
C ASN A 5 7.63 -11.79 35.94
N PRO A 6 7.05 -10.71 35.39
CA PRO A 6 7.45 -9.31 35.60
C PRO A 6 7.05 -8.78 36.99
N VAL A 7 7.84 -7.86 37.55
CA VAL A 7 7.48 -7.29 38.84
C VAL A 7 6.47 -6.16 38.67
N LEU A 8 6.45 -5.48 37.53
CA LEU A 8 5.42 -4.52 37.18
C LEU A 8 4.69 -5.05 35.95
N LYS A 9 3.45 -5.48 36.15
CA LYS A 9 2.69 -6.11 35.07
C LYS A 9 1.94 -5.07 34.25
N GLY A 10 1.77 -5.39 32.97
CA GLY A 10 1.17 -4.45 32.06
C GLY A 10 2.13 -3.33 31.70
N PHE A 11 1.56 -2.30 31.04
CA PHE A 11 2.30 -1.20 30.44
C PHE A 11 3.19 -0.48 31.46
N ASN A 12 4.47 -0.90 31.54
CA ASN A 12 5.41 -0.33 32.51
C ASN A 12 6.83 -0.43 31.95
N PRO A 13 7.15 0.35 30.92
CA PRO A 13 8.43 0.19 30.23
C PRO A 13 9.53 1.10 30.77
N ASP A 14 10.76 0.84 30.30
CA ASP A 14 11.91 1.68 30.59
C ASP A 14 12.17 1.86 32.08
N PRO A 15 12.37 0.78 32.85
CA PRO A 15 12.53 0.94 34.30
C PRO A 15 13.85 1.61 34.66
N SER A 16 13.78 2.63 35.48
CA SER A 16 14.95 3.31 36.03
C SER A 16 14.94 3.05 37.54
N ILE A 17 15.82 2.14 38.00
CA ILE A 17 15.84 1.72 39.39
C ILE A 17 16.78 2.62 40.17
N CYS A 18 16.47 2.79 41.46
CA CYS A 18 17.07 3.84 42.26
C CYS A 18 16.92 3.46 43.73
N ARG A 19 17.87 3.93 44.55
CA ARG A 19 17.94 3.55 45.95
C ARG A 19 18.14 4.78 46.83
N ALA A 20 17.32 4.89 47.87
CA ALA A 20 17.50 5.87 48.93
C ALA A 20 17.54 5.09 50.24
N GLY A 21 18.75 4.85 50.75
CA GLY A 21 18.87 4.08 51.98
C GLY A 21 18.43 2.65 51.75
N GLU A 22 17.42 2.23 52.51
CA GLU A 22 16.84 0.90 52.38
C GLU A 22 15.52 0.90 51.61
N ASP A 23 15.22 1.99 50.91
CA ASP A 23 14.02 2.11 50.10
C ASP A 23 14.40 2.13 48.62
N TYR A 24 13.71 1.31 47.82
CA TYR A 24 14.01 1.17 46.40
C TYR A 24 12.85 1.70 45.57
N TYR A 25 13.18 2.42 44.49
CA TYR A 25 12.20 3.07 43.64
C TYR A 25 12.51 2.79 42.18
N MET A 26 11.45 2.68 41.38
CA MET A 26 11.57 2.41 39.95
C MET A 26 10.61 3.32 39.20
N ALA A 27 11.15 4.14 38.30
CA ALA A 27 10.35 4.98 37.42
C ALA A 27 10.18 4.30 36.06
N VAL A 28 8.98 4.44 35.48
CA VAL A 28 8.68 3.89 34.16
C VAL A 28 8.00 4.96 33.32
N SER A 29 8.04 4.75 32.01
CA SER A 29 7.52 5.74 31.07
C SER A 29 6.01 5.62 30.92
N THR A 30 5.37 6.72 30.53
CA THR A 30 3.92 6.77 30.41
C THR A 30 3.41 7.35 29.10
N PHE A 31 4.27 7.96 28.29
CA PHE A 31 3.96 8.40 26.93
C PHE A 31 2.81 9.40 26.99
N GLU A 32 1.70 9.20 26.29
CA GLU A 32 0.63 10.19 26.25
C GLU A 32 -0.33 10.11 27.44
N TRP A 33 -0.13 9.16 28.36
CA TRP A 33 -1.03 9.00 29.49
C TRP A 33 -0.62 9.93 30.62
N PHE A 34 -1.62 10.58 31.23
CA PHE A 34 -1.48 11.66 32.18
C PHE A 34 -2.18 11.33 33.51
N PRO A 35 -1.54 11.64 34.66
CA PRO A 35 -0.26 12.33 34.85
C PRO A 35 0.95 11.48 34.46
N GLY A 36 2.10 12.13 34.23
CA GLY A 36 3.25 11.47 33.63
C GLY A 36 4.20 10.84 34.64
N VAL A 37 4.88 9.78 34.17
CA VAL A 37 5.81 8.97 34.95
C VAL A 37 5.10 8.26 36.09
N GLN A 38 5.33 6.95 36.19
CA GLN A 38 4.90 6.17 37.34
C GLN A 38 6.13 5.79 38.14
N ILE A 39 6.06 5.97 39.46
CA ILE A 39 7.14 5.62 40.37
C ILE A 39 6.61 4.55 41.30
N TYR A 40 7.26 3.40 41.30
CA TYR A 40 6.95 2.31 42.23
C TYR A 40 7.99 2.28 43.34
N HIS A 41 7.62 1.65 44.46
CA HIS A 41 8.43 1.62 45.66
C HIS A 41 8.50 0.19 46.17
N SER A 42 9.65 -0.18 46.74
CA SER A 42 9.82 -1.52 47.25
C SER A 42 10.86 -1.50 48.38
N LYS A 43 10.73 -2.48 49.27
CA LYS A 43 11.71 -2.70 50.30
C LYS A 43 12.36 -4.08 50.23
N ASP A 44 11.90 -4.95 49.33
CA ASP A 44 12.49 -6.27 49.16
C ASP A 44 12.78 -6.64 47.71
N LEU A 45 12.41 -5.78 46.74
CA LEU A 45 12.54 -6.03 45.30
C LEU A 45 11.55 -7.09 44.79
N ILE A 46 10.84 -7.76 45.70
CA ILE A 46 9.81 -8.71 45.29
C ILE A 46 8.48 -8.00 45.06
N HIS A 47 8.05 -7.21 46.04
CA HIS A 47 6.76 -6.54 46.03
C HIS A 47 6.95 -5.07 45.74
N TRP A 48 6.16 -4.55 44.80
CA TRP A 48 6.23 -3.16 44.39
C TRP A 48 4.83 -2.55 44.51
N ARG A 49 4.78 -1.31 44.99
CA ARG A 49 3.54 -0.56 45.13
C ARG A 49 3.65 0.71 44.29
N LEU A 50 2.55 1.06 43.62
CA LEU A 50 2.49 2.30 42.87
C LEU A 50 2.49 3.48 43.85
N ALA A 51 3.54 4.29 43.83
CA ALA A 51 3.80 5.24 44.89
C ALA A 51 3.52 6.69 44.53
N ALA A 52 3.72 7.08 43.27
CA ALA A 52 3.57 8.48 42.88
C ALA A 52 3.54 8.58 41.37
N ARG A 53 2.99 9.70 40.90
CA ARG A 53 3.00 10.07 39.48
C ARG A 53 3.39 11.54 39.42
N PRO A 54 4.69 11.84 39.21
CA PRO A 54 5.19 13.19 39.51
C PRO A 54 4.62 14.30 38.64
N LEU A 55 4.48 14.07 37.34
CA LEU A 55 4.17 15.15 36.39
C LEU A 55 2.66 15.35 36.34
N GLN A 56 2.16 16.23 37.21
CA GLN A 56 0.73 16.42 37.40
C GLN A 56 0.18 17.73 36.87
N LYS A 57 1.05 18.71 36.58
CA LYS A 57 0.60 20.01 36.12
C LYS A 57 0.99 20.22 34.66
N THR A 58 0.17 21.01 33.96
CA THR A 58 0.50 21.38 32.58
C THR A 58 1.79 22.19 32.50
N SER A 59 2.21 22.82 33.60
CA SER A 59 3.51 23.50 33.62
C SER A 59 4.67 22.53 33.62
N GLN A 60 4.45 21.28 34.04
CA GLN A 60 5.47 20.25 33.93
C GLN A 60 5.35 19.42 32.66
N LEU A 61 4.14 19.29 32.11
CA LEU A 61 3.90 18.36 31.01
C LEU A 61 2.64 18.82 30.28
N ASP A 62 2.79 19.25 29.03
CA ASP A 62 1.67 19.75 28.23
C ASP A 62 1.63 18.94 26.94
N MET A 63 0.74 17.94 26.89
CA MET A 63 0.76 16.95 25.83
C MET A 63 -0.46 17.00 24.93
N LYS A 64 -1.25 18.07 25.00
CA LYS A 64 -2.37 18.22 24.07
C LYS A 64 -1.88 18.15 22.64
N GLY A 65 -2.50 17.28 21.84
CA GLY A 65 -2.10 17.11 20.46
C GLY A 65 -0.92 16.19 20.22
N ASN A 66 -0.25 15.71 21.27
CA ASN A 66 0.92 14.87 21.09
C ASN A 66 0.56 13.62 20.28
N PRO A 67 1.44 13.13 19.41
CA PRO A 67 1.14 11.92 18.66
C PRO A 67 1.02 10.72 19.58
N ASP A 68 0.35 9.68 19.09
CA ASP A 68 0.31 8.42 19.80
C ASP A 68 1.73 7.93 20.08
N SER A 69 1.98 7.52 21.33
CA SER A 69 3.29 7.09 21.80
C SER A 69 4.34 8.19 21.69
N GLY A 70 3.91 9.45 21.64
CA GLY A 70 4.78 10.57 21.93
C GLY A 70 4.85 10.79 23.45
N GLY A 71 5.13 12.03 23.84
CA GLY A 71 5.17 12.37 25.25
C GLY A 71 6.32 11.79 26.04
N VAL A 72 6.03 11.23 27.22
CA VAL A 72 7.07 10.86 28.18
C VAL A 72 7.67 9.52 27.77
N TRP A 73 8.86 9.56 27.18
CA TRP A 73 9.59 8.34 26.87
C TRP A 73 10.39 7.91 28.09
N ALA A 74 11.50 7.20 27.90
CA ALA A 74 12.22 6.64 29.02
C ALA A 74 12.62 7.72 30.02
N PRO A 75 12.29 7.57 31.31
CA PRO A 75 12.74 8.53 32.31
C PRO A 75 13.93 8.03 33.11
N CYS A 76 14.56 8.93 33.88
CA CYS A 76 15.67 8.57 34.77
C CYS A 76 15.40 9.14 36.15
N LEU A 77 15.29 8.27 37.15
CA LEU A 77 15.11 8.66 38.54
C LEU A 77 16.37 8.35 39.33
N SER A 78 16.89 9.34 40.04
CA SER A 78 18.07 9.12 40.88
C SER A 78 17.87 9.81 42.23
N TYR A 79 18.69 9.42 43.19
CA TYR A 79 18.69 10.02 44.52
C TYR A 79 20.12 10.42 44.87
N ALA A 80 20.33 11.71 45.10
CA ALA A 80 21.64 12.20 45.47
C ALA A 80 21.49 13.56 46.14
N ASP A 81 22.39 13.82 47.10
CA ASP A 81 22.39 15.09 47.83
C ASP A 81 21.07 15.32 48.56
N GLY A 82 20.48 14.24 49.06
CA GLY A 82 19.29 14.35 49.87
C GLY A 82 18.00 14.66 49.14
N GLN A 83 17.95 14.49 47.82
CA GLN A 83 16.73 14.72 47.08
C GLN A 83 16.68 13.80 45.86
N PHE A 84 15.49 13.69 45.28
CA PHE A 84 15.28 12.92 44.06
C PHE A 84 15.46 13.81 42.85
N TRP A 85 15.97 13.21 41.77
CA TRP A 85 16.15 13.88 40.49
C TRP A 85 15.44 13.06 39.42
N LEU A 86 14.57 13.69 38.65
CA LEU A 86 13.82 13.03 37.59
C LEU A 86 14.13 13.70 36.27
N ILE A 87 14.75 12.96 35.37
CA ILE A 87 14.98 13.41 34.00
C ILE A 87 13.93 12.75 33.12
N TYR A 88 13.18 13.55 32.38
CA TYR A 88 12.13 13.03 31.52
C TYR A 88 12.13 13.76 30.19
N SER A 89 11.43 13.18 29.22
CA SER A 89 11.32 13.72 27.88
C SER A 89 9.87 14.00 27.53
N ASP A 90 9.69 14.87 26.54
CA ASP A 90 8.40 15.10 25.90
C ASP A 90 8.64 15.03 24.40
N ILE A 91 8.28 13.89 23.79
CA ILE A 91 8.53 13.68 22.37
C ILE A 91 7.34 14.18 21.56
N LYS A 92 7.61 15.03 20.57
CA LYS A 92 6.58 15.63 19.75
C LYS A 92 6.46 15.02 18.37
N VAL A 93 7.47 14.29 17.90
CA VAL A 93 7.47 13.69 16.57
C VAL A 93 8.00 12.27 16.70
N VAL A 94 7.23 11.30 16.22
CA VAL A 94 7.58 9.89 16.36
C VAL A 94 7.74 9.19 15.02
N ASP A 95 7.52 9.89 13.90
CA ASP A 95 7.57 9.30 12.58
C ASP A 95 8.42 10.16 11.67
N GLY A 96 9.20 9.51 10.80
CA GLY A 96 9.95 10.20 9.79
C GLY A 96 11.40 10.44 10.15
N PRO A 97 12.05 11.37 9.44
CA PRO A 97 13.49 11.58 9.63
C PRO A 97 13.87 12.18 10.98
N PHE A 98 12.99 12.95 11.61
CA PHE A 98 13.31 13.62 12.87
C PHE A 98 12.58 12.97 14.02
N LYS A 99 12.98 13.35 15.23
CA LYS A 99 12.34 12.89 16.46
C LYS A 99 12.28 14.05 17.45
N ASP A 100 11.66 15.14 17.04
CA ASP A 100 11.61 16.37 17.83
C ASP A 100 11.08 16.12 19.24
N GLY A 101 11.89 16.46 20.23
CA GLY A 101 11.54 16.24 21.61
C GLY A 101 12.51 16.95 22.52
N HIS A 102 12.10 17.11 23.77
CA HIS A 102 12.79 17.95 24.74
C HIS A 102 12.94 17.23 26.06
N ASN A 103 14.12 17.39 26.67
CA ASN A 103 14.46 16.73 27.92
C ASN A 103 14.46 17.74 29.06
N TYR A 104 13.97 17.32 30.22
CA TYR A 104 13.75 18.21 31.35
C TYR A 104 14.24 17.54 32.63
N LEU A 105 14.45 18.37 33.65
CA LEU A 105 14.85 17.92 34.99
C LEU A 105 13.89 18.53 36.01
N VAL A 106 13.39 17.70 36.92
CA VAL A 106 12.62 18.15 38.07
C VAL A 106 13.14 17.43 39.30
N THR A 107 12.92 18.04 40.47
CA THR A 107 13.43 17.51 41.73
C THR A 107 12.35 17.56 42.79
N ALA A 108 12.58 16.83 43.88
CA ALA A 108 11.64 16.75 45.00
C ALA A 108 12.34 16.07 46.17
N ASP A 109 11.83 16.37 47.37
CA ASP A 109 12.35 15.74 48.58
C ASP A 109 11.86 14.31 48.75
N ALA A 110 10.65 14.01 48.28
CA ALA A 110 10.11 12.66 48.31
C ALA A 110 9.35 12.42 47.01
N VAL A 111 9.27 11.16 46.58
CA VAL A 111 8.71 10.87 45.26
C VAL A 111 7.23 11.23 45.22
N ASP A 112 6.52 11.11 46.34
CA ASP A 112 5.11 11.44 46.41
C ASP A 112 4.85 12.85 46.92
N GLY A 113 5.89 13.69 46.99
CA GLY A 113 5.73 15.09 47.33
C GLY A 113 5.50 15.94 46.09
N GLU A 114 5.58 17.24 46.27
CA GLU A 114 5.42 18.17 45.16
C GLU A 114 6.75 18.30 44.42
N TRP A 115 6.74 18.02 43.12
CA TRP A 115 7.93 18.11 42.30
C TRP A 115 8.08 19.51 41.74
N SER A 116 9.32 19.90 41.50
CA SER A 116 9.64 21.24 41.03
C SER A 116 9.11 21.46 39.61
N ASP A 117 9.20 22.70 39.15
CA ASP A 117 8.94 23.00 37.77
C ASP A 117 10.18 22.69 36.94
N PRO A 118 10.03 22.37 35.66
CA PRO A 118 11.14 21.78 34.90
C PRO A 118 12.20 22.78 34.50
N VAL A 119 13.46 22.31 34.52
CA VAL A 119 14.59 23.00 33.92
C VAL A 119 14.88 22.35 32.58
N ARG A 120 15.05 23.16 31.54
CA ARG A 120 15.41 22.63 30.24
C ARG A 120 16.84 22.10 30.25
N LEU A 121 17.06 20.98 29.56
CA LEU A 121 18.39 20.39 29.45
C LEU A 121 18.87 20.47 28.00
N ASN A 122 18.36 19.65 27.11
CA ASN A 122 18.69 19.72 25.70
C ASN A 122 17.56 19.09 24.90
N SER A 123 17.75 19.01 23.59
CA SER A 123 16.75 18.45 22.68
C SER A 123 17.39 17.47 21.69
N SER A 124 18.63 17.04 21.95
CA SER A 124 19.45 16.36 20.96
C SER A 124 19.15 14.87 20.81
N GLY A 125 18.35 14.30 21.69
CA GLY A 125 18.05 12.88 21.63
C GLY A 125 17.34 12.47 22.91
N PHE A 126 16.74 11.28 22.85
CA PHE A 126 15.91 10.81 23.95
C PHE A 126 16.74 9.93 24.89
N ASP A 127 16.06 9.25 25.81
CA ASP A 127 16.68 8.48 26.89
C ASP A 127 17.68 9.30 27.72
N PRO A 128 17.30 10.49 28.18
CA PRO A 128 18.24 11.29 28.97
C PRO A 128 18.48 10.67 30.33
N SER A 129 19.69 10.84 30.84
CA SER A 129 20.03 10.28 32.15
C SER A 129 20.98 11.22 32.88
N LEU A 130 20.83 11.28 34.20
CA LEU A 130 21.64 12.12 35.07
C LEU A 130 22.61 11.25 35.84
N PHE A 131 23.90 11.56 35.73
CA PHE A 131 24.96 10.83 36.43
C PHE A 131 25.54 11.70 37.54
N HIS A 132 25.70 11.11 38.72
CA HIS A 132 26.23 11.79 39.90
C HIS A 132 27.65 11.30 40.11
N ASP A 133 28.61 12.05 39.57
CA ASP A 133 30.01 11.62 39.61
C ASP A 133 30.56 11.80 41.02
N PRO A 134 31.42 10.88 41.49
CA PRO A 134 31.92 10.98 42.87
C PRO A 134 32.63 12.29 43.19
N SER A 135 33.13 13.00 42.17
CA SER A 135 33.73 14.31 42.38
C SER A 135 32.71 15.39 42.73
N GLY A 136 31.42 15.07 42.71
CA GLY A 136 30.38 16.06 42.90
C GLY A 136 29.89 16.74 41.63
N LYS A 137 30.55 16.49 40.50
CA LYS A 137 30.07 17.00 39.23
C LYS A 137 28.85 16.20 38.77
N LYS A 138 28.01 16.85 37.97
CA LYS A 138 26.81 16.24 37.41
C LYS A 138 26.93 16.21 35.89
N TYR A 139 26.44 15.13 35.29
CA TYR A 139 26.49 14.97 33.84
C TYR A 139 25.18 14.41 33.33
N VAL A 140 24.76 14.87 32.15
CA VAL A 140 23.57 14.40 31.47
C VAL A 140 24.01 13.59 30.26
N LEU A 141 23.54 12.34 30.19
CA LEU A 141 23.75 11.49 29.04
C LEU A 141 22.43 11.32 28.28
N ASN A 142 22.53 11.18 26.97
CA ASN A 142 21.38 10.83 26.16
C ASN A 142 21.88 10.31 24.82
N MET A 143 21.04 9.56 24.12
CA MET A 143 21.39 9.18 22.77
C MET A 143 21.38 10.41 21.88
N LEU A 144 22.02 10.27 20.72
CA LEU A 144 22.15 11.37 19.76
C LEU A 144 21.42 10.98 18.49
N TRP A 145 20.41 11.76 18.12
CA TRP A 145 19.58 11.45 16.98
C TRP A 145 20.13 12.14 15.74
N ASP A 146 20.51 11.35 14.74
CA ASP A 146 21.02 11.86 13.46
C ASP A 146 19.93 11.66 12.41
N HIS A 147 19.39 12.78 11.94
CA HIS A 147 18.33 12.78 10.94
C HIS A 147 18.84 12.66 9.51
N ARG A 148 20.14 12.79 9.28
CA ARG A 148 20.65 12.90 7.92
C ARG A 148 20.47 11.58 7.16
N GLU A 149 20.28 11.72 5.85
CA GLU A 149 19.79 10.60 5.04
C GLU A 149 20.73 9.40 5.07
N LYS A 150 22.03 9.65 4.99
CA LYS A 150 22.97 8.56 4.83
C LYS A 150 23.39 7.91 6.14
N HIS A 151 23.01 8.48 7.29
CA HIS A 151 23.50 8.05 8.59
C HIS A 151 22.46 7.21 9.32
N HIS A 152 22.95 6.19 10.04
CA HIS A 152 22.13 5.54 11.05
C HIS A 152 21.65 6.58 12.06
N SER A 153 20.37 6.50 12.44
CA SER A 153 19.77 7.57 13.22
C SER A 153 20.30 7.60 14.65
N PHE A 154 20.73 6.45 15.17
CA PHE A 154 21.28 6.36 16.53
C PHE A 154 22.79 6.61 16.41
N ALA A 155 23.20 7.85 16.62
CA ALA A 155 24.56 8.30 16.34
C ALA A 155 25.50 8.14 17.53
N GLY A 156 25.09 7.46 18.58
CA GLY A 156 25.94 7.25 19.74
C GLY A 156 25.40 7.96 20.98
N ILE A 157 26.19 7.84 22.05
CA ILE A 157 25.84 8.37 23.36
C ILE A 157 26.55 9.70 23.57
N ALA A 158 25.79 10.75 23.85
CA ALA A 158 26.34 12.07 24.14
C ALA A 158 26.47 12.27 25.65
N LEU A 159 27.51 13.01 26.04
CA LEU A 159 27.77 13.33 27.45
C LEU A 159 28.03 14.83 27.57
N GLN A 160 27.47 15.44 28.62
CA GLN A 160 27.67 16.87 28.84
C GLN A 160 27.47 17.18 30.32
N GLU A 161 28.30 18.07 30.85
CA GLU A 161 28.20 18.43 32.26
C GLU A 161 26.95 19.26 32.53
N TYR A 162 26.29 18.97 33.65
CA TYR A 162 25.16 19.76 34.12
C TYR A 162 25.59 20.53 35.37
N SER A 163 25.43 21.85 35.32
CA SER A 163 25.77 22.72 36.44
C SER A 163 24.52 22.94 37.30
N VAL A 164 24.57 22.46 38.54
CA VAL A 164 23.41 22.59 39.44
C VAL A 164 23.14 24.06 39.76
N SER A 165 24.20 24.86 39.89
CA SER A 165 24.03 26.25 40.29
C SER A 165 23.54 27.14 39.15
N GLU A 166 23.95 26.85 37.92
CA GLU A 166 23.47 27.60 36.76
C GLU A 166 22.19 27.02 36.16
N LYS A 167 21.80 25.82 36.58
CA LYS A 167 20.56 25.17 36.12
C LYS A 167 20.55 24.99 34.60
N LYS A 168 21.65 24.46 34.07
CA LYS A 168 21.79 24.29 32.62
C LYS A 168 23.02 23.46 32.35
N LEU A 169 23.05 22.90 31.14
CA LEU A 169 24.25 22.21 30.67
C LEU A 169 25.33 23.24 30.33
N VAL A 170 26.59 22.85 30.53
CA VAL A 170 27.72 23.75 30.36
C VAL A 170 28.85 23.01 29.66
N GLY A 171 29.78 23.78 29.12
CA GLY A 171 30.87 23.19 28.37
C GLY A 171 30.37 22.55 27.09
N GLU A 172 31.23 21.70 26.54
CA GLU A 172 30.93 21.01 25.29
C GLU A 172 30.40 19.61 25.57
N ARG A 173 29.61 19.10 24.64
CA ARG A 173 29.20 17.71 24.67
C ARG A 173 30.13 16.89 23.80
N LYS A 174 30.27 15.61 24.15
CA LYS A 174 31.13 14.70 23.40
C LYS A 174 30.44 13.35 23.29
N VAL A 175 30.53 12.75 22.12
CA VAL A 175 30.07 11.38 21.93
C VAL A 175 31.12 10.45 22.51
N ILE A 176 30.72 9.64 23.50
CA ILE A 176 31.66 8.82 24.26
C ILE A 176 31.57 7.35 23.92
N PHE A 177 30.61 6.95 23.09
CA PHE A 177 30.40 5.54 22.77
C PHE A 177 29.53 5.47 21.52
N LYS A 178 29.83 4.51 20.65
CA LYS A 178 29.12 4.38 19.39
C LYS A 178 28.39 3.05 19.24
N GLY A 179 28.51 2.15 20.20
CA GLY A 179 27.74 0.92 20.17
C GLY A 179 28.48 -0.21 19.52
N THR A 180 27.75 -1.32 19.38
CA THR A 180 28.24 -2.55 18.77
C THR A 180 27.50 -2.74 17.45
N PRO A 181 27.78 -3.80 16.67
CA PRO A 181 26.99 -4.02 15.44
C PRO A 181 25.49 -4.20 15.65
N ILE A 182 25.02 -4.38 16.89
CA ILE A 182 23.58 -4.43 17.11
C ILE A 182 22.96 -3.06 16.83
N LYS A 183 23.69 -1.98 17.09
CA LYS A 183 23.28 -0.62 16.79
C LYS A 183 21.97 -0.23 17.51
N LEU A 184 21.33 0.85 17.05
CA LEU A 184 20.25 1.49 17.79
C LEU A 184 20.66 1.69 19.26
N THR A 185 21.89 2.13 19.47
CA THR A 185 22.44 2.28 20.81
C THR A 185 21.72 3.41 21.54
N GLN A 186 21.15 3.11 22.70
CA GLN A 186 20.36 4.10 23.43
C GLN A 186 20.39 3.75 24.92
N ALA A 187 19.49 4.36 25.68
CA ALA A 187 19.35 4.10 27.11
C ALA A 187 20.65 4.15 27.91
N PRO A 188 21.41 5.26 27.81
CA PRO A 188 22.72 5.32 28.50
C PRO A 188 22.56 5.57 30.00
N HIS A 189 23.25 4.76 30.81
CA HIS A 189 23.33 4.95 32.26
C HIS A 189 24.77 4.72 32.68
N LEU A 190 25.33 5.67 33.44
CA LEU A 190 26.71 5.60 33.91
C LEU A 190 26.76 5.11 35.35
N TYR A 191 27.75 4.26 35.63
CA TYR A 191 27.97 3.73 36.97
C TYR A 191 29.46 3.77 37.30
N TYR A 192 29.78 4.24 38.50
CA TYR A 192 31.16 4.26 39.00
C TYR A 192 31.31 3.13 40.02
N ILE A 193 32.01 2.07 39.63
CA ILE A 193 32.15 0.87 40.45
C ILE A 193 33.64 0.56 40.59
N ASN A 194 34.15 0.65 41.81
CA ASN A 194 35.57 0.58 42.16
C ASN A 194 36.45 1.27 41.11
N ASP A 195 36.32 2.59 41.01
CA ASP A 195 37.19 3.47 40.24
C ASP A 195 37.15 3.20 38.73
N VAL A 196 36.10 2.53 38.25
CA VAL A 196 35.93 2.25 36.84
C VAL A 196 34.55 2.75 36.41
N TYR A 197 34.48 3.40 35.25
CA TYR A 197 33.21 3.85 34.70
C TYR A 197 32.61 2.73 33.85
N TYR A 198 31.41 2.28 34.22
CA TYR A 198 30.64 1.35 33.42
C TYR A 198 29.51 2.10 32.73
N LEU A 199 29.39 1.92 31.41
CA LEU A 199 28.33 2.52 30.62
C LEU A 199 27.39 1.42 30.15
N LEU A 200 26.15 1.45 30.64
CA LEU A 200 25.12 0.52 30.22
C LEU A 200 24.26 1.17 29.14
N THR A 201 23.95 0.41 28.10
CA THR A 201 23.12 0.91 27.00
C THR A 201 22.14 -0.18 26.57
N ALA A 202 21.12 0.24 25.83
CA ALA A 202 20.25 -0.68 25.12
C ALA A 202 20.60 -0.63 23.64
N GLU A 203 20.44 -1.77 22.97
CA GLU A 203 20.71 -1.87 21.56
C GLU A 203 19.66 -2.78 20.92
N GLY A 204 19.50 -2.63 19.61
CA GLY A 204 18.66 -3.51 18.82
C GLY A 204 17.24 -3.03 18.59
N GLY A 205 16.83 -1.93 19.21
CA GLY A 205 15.44 -1.52 19.15
C GLY A 205 14.58 -2.35 20.07
N THR A 206 13.43 -1.80 20.40
CA THR A 206 12.61 -2.34 21.48
C THR A 206 11.68 -3.46 21.02
N ARG A 207 11.85 -3.96 19.79
CA ARG A 207 11.12 -5.15 19.38
C ARG A 207 11.93 -6.39 19.77
N TYR A 208 11.94 -7.43 18.94
CA TYR A 208 12.47 -8.70 19.41
C TYR A 208 13.99 -8.81 19.30
N GLU A 209 14.67 -7.78 18.80
CA GLU A 209 16.12 -7.74 18.77
C GLU A 209 16.71 -6.97 19.96
N HIS A 210 15.87 -6.56 20.92
CA HIS A 210 16.31 -5.78 22.07
C HIS A 210 17.43 -6.48 22.83
N ALA A 211 18.40 -5.69 23.29
CA ALA A 211 19.51 -6.21 24.06
C ALA A 211 20.01 -5.14 25.03
N ALA A 212 20.66 -5.60 26.09
CA ALA A 212 21.36 -4.72 27.01
C ALA A 212 22.86 -4.98 26.87
N THR A 213 23.59 -3.94 26.44
CA THR A 213 25.03 -4.04 26.33
C THR A 213 25.69 -3.19 27.41
N ILE A 214 26.90 -3.59 27.81
CA ILE A 214 27.64 -2.87 28.83
C ILE A 214 29.10 -2.77 28.40
N ALA A 215 29.75 -1.69 28.83
CA ALA A 215 31.13 -1.39 28.50
C ALA A 215 31.76 -0.66 29.68
N ARG A 216 33.08 -0.59 29.69
CA ARG A 216 33.78 0.05 30.81
C ARG A 216 34.97 0.85 30.31
N SER A 217 35.37 1.83 31.12
CA SER A 217 36.48 2.71 30.79
C SER A 217 37.08 3.27 32.06
N SER A 218 38.37 3.61 31.99
CA SER A 218 39.03 4.25 33.13
C SER A 218 38.59 5.70 33.29
N ARG A 219 38.21 6.35 32.19
CA ARG A 219 37.80 7.74 32.18
C ARG A 219 36.34 7.84 31.75
N ILE A 220 35.68 8.92 32.20
CA ILE A 220 34.25 9.06 31.97
C ILE A 220 33.94 9.23 30.48
N ASP A 221 34.85 9.84 29.73
CA ASP A 221 34.62 10.16 28.32
C ASP A 221 35.21 9.12 27.37
N GLY A 222 35.62 7.96 27.87
CA GLY A 222 36.07 6.89 27.02
C GLY A 222 37.57 6.92 26.78
N PRO A 223 38.06 6.03 25.91
CA PRO A 223 37.28 5.04 25.15
C PRO A 223 36.78 3.88 26.01
N TYR A 224 35.63 3.32 25.64
CA TYR A 224 35.00 2.24 26.39
C TYR A 224 35.26 0.90 25.71
N GLU A 225 35.56 -0.11 26.52
CA GLU A 225 35.73 -1.48 26.05
C GLU A 225 34.46 -2.27 26.30
N VAL A 226 34.00 -3.01 25.30
CA VAL A 226 32.73 -3.71 25.37
C VAL A 226 32.93 -5.05 26.09
N HIS A 227 31.90 -5.44 26.84
CA HIS A 227 31.85 -6.72 27.53
C HIS A 227 32.28 -7.85 26.60
N PRO A 228 33.12 -8.79 27.07
CA PRO A 228 33.58 -9.87 26.17
C PRO A 228 32.48 -10.82 25.73
N ASP A 229 31.44 -10.98 26.53
CA ASP A 229 30.29 -11.82 26.19
C ASP A 229 29.05 -10.98 25.88
N ASN A 230 29.26 -9.78 25.35
CA ASN A 230 28.17 -8.87 25.03
C ASN A 230 27.20 -9.50 24.03
N PRO A 231 25.89 -9.19 24.14
CA PRO A 231 25.24 -8.39 25.18
C PRO A 231 24.98 -9.21 26.43
N ILE A 232 24.84 -8.54 27.59
CA ILE A 232 24.59 -9.26 28.84
C ILE A 232 23.14 -9.71 28.98
N LEU A 233 22.23 -9.14 28.21
CA LEU A 233 20.82 -9.49 28.31
C LEU A 233 20.18 -9.37 26.93
N THR A 234 19.51 -10.44 26.50
CA THR A 234 18.73 -10.46 25.27
C THR A 234 18.03 -11.79 25.12
N ALA A 235 16.86 -11.78 24.48
CA ALA A 235 16.19 -13.01 24.08
C ALA A 235 16.07 -13.14 22.57
N PHE A 236 16.80 -12.32 21.82
CA PHE A 236 16.72 -12.36 20.35
C PHE A 236 16.94 -13.77 19.83
N HIS A 237 17.87 -14.51 20.44
CA HIS A 237 18.24 -15.85 19.98
C HIS A 237 17.33 -16.94 20.52
N ALA A 238 16.36 -16.61 21.37
CA ALA A 238 15.53 -17.60 22.06
C ALA A 238 14.05 -17.33 21.82
N PRO A 239 13.57 -17.56 20.60
CA PRO A 239 12.18 -17.19 20.26
C PRO A 239 11.12 -17.81 21.15
N SER A 240 11.42 -18.93 21.82
CA SER A 240 10.45 -19.59 22.68
C SER A 240 10.52 -19.15 24.14
N HIS A 241 11.52 -18.35 24.49
CA HIS A 241 11.69 -17.90 25.87
C HIS A 241 10.48 -17.11 26.33
N PRO A 242 10.00 -17.32 27.57
CA PRO A 242 8.79 -16.63 28.03
C PRO A 242 8.96 -15.12 28.17
N LEU A 243 10.18 -14.61 28.32
CA LEU A 243 10.44 -13.18 28.31
C LEU A 243 11.09 -12.79 26.99
N GLN A 244 10.52 -11.79 26.33
CA GLN A 244 11.04 -11.30 25.05
C GLN A 244 11.35 -9.81 25.18
N LYS A 245 12.03 -9.28 24.16
CA LYS A 245 12.35 -7.86 24.08
C LYS A 245 13.14 -7.38 25.30
N CYS A 246 14.02 -8.23 25.82
CA CYS A 246 14.69 -7.95 27.08
C CYS A 246 15.81 -6.93 26.86
N GLY A 247 15.62 -5.73 27.39
CA GLY A 247 16.59 -4.68 27.19
C GLY A 247 16.19 -3.43 27.95
N HIS A 248 16.91 -2.35 27.68
CA HIS A 248 16.71 -1.07 28.36
C HIS A 248 16.75 -1.25 29.87
N ALA A 249 17.96 -1.54 30.35
CA ALA A 249 18.17 -1.94 31.73
C ALA A 249 18.76 -0.81 32.57
N SER A 250 18.70 -1.00 33.89
CA SER A 250 19.38 -0.15 34.84
C SER A 250 19.79 -1.01 36.03
N ILE A 251 20.92 -0.65 36.64
CA ILE A 251 21.58 -1.47 37.67
C ILE A 251 21.50 -0.75 39.01
N VAL A 252 21.28 -1.52 40.07
CA VAL A 252 21.35 -0.98 41.42
C VAL A 252 22.14 -1.94 42.30
N GLN A 253 22.96 -1.39 43.20
CA GLN A 253 23.60 -2.15 44.26
C GLN A 253 22.78 -1.97 45.53
N THR A 254 22.27 -3.06 46.06
CA THR A 254 21.43 -3.02 47.24
C THR A 254 22.25 -2.69 48.48
N HIS A 255 21.55 -2.33 49.56
CA HIS A 255 22.23 -2.12 50.83
C HIS A 255 22.71 -3.41 51.47
N THR A 256 22.34 -4.57 50.91
CA THR A 256 22.89 -5.85 51.30
C THR A 256 24.15 -6.21 50.51
N ASN A 257 24.67 -5.27 49.73
CA ASN A 257 25.82 -5.48 48.85
C ASN A 257 25.54 -6.55 47.79
N GLU A 258 24.36 -6.48 47.18
CA GLU A 258 24.02 -7.35 46.07
C GLU A 258 23.64 -6.50 44.87
N TRP A 259 23.74 -7.11 43.68
CA TRP A 259 23.57 -6.38 42.41
C TRP A 259 22.38 -6.93 41.66
N TYR A 260 21.51 -6.03 41.19
CA TYR A 260 20.30 -6.42 40.47
C TYR A 260 20.12 -5.53 39.24
N LEU A 261 19.41 -6.07 38.27
CA LEU A 261 19.23 -5.44 36.96
C LEU A 261 17.74 -5.36 36.65
N ALA A 262 17.23 -4.14 36.52
CA ALA A 262 15.85 -3.91 36.11
C ALA A 262 15.81 -3.67 34.61
N HIS A 263 14.88 -4.33 33.92
CA HIS A 263 14.80 -4.20 32.47
C HIS A 263 13.36 -4.36 32.00
N LEU A 264 13.09 -3.87 30.80
CA LEU A 264 11.77 -4.07 30.21
C LEU A 264 11.71 -5.42 29.52
N THR A 265 10.48 -5.88 29.26
CA THR A 265 10.28 -7.17 28.64
C THR A 265 8.85 -7.25 28.12
N GLY A 266 8.66 -8.09 27.11
CA GLY A 266 7.34 -8.36 26.56
C GLY A 266 7.02 -9.83 26.73
N ARG A 267 5.75 -10.11 27.04
CA ARG A 267 5.25 -11.48 27.17
C ARG A 267 4.30 -11.74 26.01
N PRO A 268 4.77 -12.29 24.90
CA PRO A 268 3.93 -12.32 23.70
C PRO A 268 2.94 -13.48 23.70
N ILE A 269 1.80 -13.21 23.07
CA ILE A 269 0.85 -14.26 22.69
C ILE A 269 1.24 -14.76 21.31
N HIS A 270 1.36 -16.08 21.17
CA HIS A 270 1.77 -16.69 19.92
C HIS A 270 0.59 -17.35 19.23
N SER A 271 0.59 -17.30 17.91
CA SER A 271 -0.34 -18.05 17.08
C SER A 271 0.27 -19.41 16.79
N SER A 272 -0.42 -20.47 17.17
CA SER A 272 0.09 -21.80 16.90
C SER A 272 -0.38 -22.24 15.51
N LYS A 273 -0.58 -21.28 14.61
CA LYS A 273 -0.71 -21.51 13.18
C LYS A 273 0.19 -20.53 12.45
N GLU A 274 1.37 -20.31 13.02
CA GLU A 274 2.33 -19.34 12.52
C GLU A 274 3.70 -19.72 13.07
N SER A 275 4.74 -19.39 12.30
CA SER A 275 6.10 -19.71 12.71
C SER A 275 6.52 -18.85 13.89
N ILE A 276 7.00 -19.50 14.95
CA ILE A 276 7.57 -18.78 16.08
C ILE A 276 8.83 -18.02 15.69
N PHE A 277 9.49 -18.42 14.61
CA PHE A 277 10.65 -17.67 14.12
C PHE A 277 10.21 -16.43 13.35
N GLN A 278 9.21 -16.58 12.48
CA GLN A 278 8.77 -15.48 11.65
C GLN A 278 7.91 -14.49 12.42
N GLN A 279 6.97 -14.99 13.21
CA GLN A 279 6.07 -14.16 14.00
C GLN A 279 6.37 -14.40 15.47
N ARG A 280 7.11 -13.49 16.08
CA ARG A 280 7.57 -13.66 17.45
C ARG A 280 6.46 -13.43 18.49
N GLY A 281 5.34 -12.84 18.12
CA GLY A 281 4.19 -12.76 19.02
C GLY A 281 3.65 -11.34 19.13
N TRP A 282 2.51 -11.25 19.82
CA TRP A 282 1.82 -9.98 20.06
C TRP A 282 1.67 -9.77 21.57
N CYS A 283 2.00 -8.57 22.04
CA CYS A 283 2.00 -8.26 23.47
C CYS A 283 0.93 -7.22 23.80
N PRO A 284 -0.30 -7.61 24.14
CA PRO A 284 -1.30 -6.62 24.53
C PRO A 284 -1.02 -5.97 25.88
N LEU A 285 -0.22 -6.60 26.74
CA LEU A 285 0.18 -5.94 27.98
C LEU A 285 1.36 -5.01 27.80
N GLY A 286 1.80 -4.81 26.55
CA GLY A 286 2.86 -3.88 26.28
C GLY A 286 4.19 -4.37 26.82
N ARG A 287 5.03 -3.42 27.19
CA ARG A 287 6.34 -3.71 27.76
C ARG A 287 6.25 -3.56 29.27
N GLU A 288 6.63 -4.61 29.97
CA GLU A 288 6.56 -4.69 31.42
C GLU A 288 7.97 -4.63 31.97
N THR A 289 8.09 -4.63 33.30
CA THR A 289 9.38 -4.52 33.95
C THR A 289 9.68 -5.80 34.72
N ALA A 290 10.91 -6.28 34.56
CA ALA A 290 11.41 -7.45 35.27
C ALA A 290 12.74 -7.10 35.92
N ILE A 291 13.14 -7.90 36.89
CA ILE A 291 14.40 -7.70 37.61
C ILE A 291 15.21 -8.98 37.54
N GLN A 292 16.49 -8.86 37.21
CA GLN A 292 17.42 -9.98 37.17
C GLN A 292 18.53 -9.77 38.18
N LYS A 293 19.06 -10.87 38.72
CA LYS A 293 20.20 -10.82 39.63
C LYS A 293 21.50 -10.84 38.87
N LEU A 294 22.44 -10.01 39.28
CA LEU A 294 23.74 -9.91 38.65
C LEU A 294 24.82 -10.61 39.48
N GLU A 295 25.90 -10.99 38.81
CA GLU A 295 27.07 -11.57 39.47
C GLU A 295 28.30 -11.17 38.66
N TRP A 296 29.41 -10.96 39.35
CA TRP A 296 30.59 -10.38 38.75
C TRP A 296 31.69 -11.42 38.55
N LYS A 297 32.56 -11.12 37.58
CA LYS A 297 33.76 -11.93 37.32
C LYS A 297 34.69 -11.10 36.45
N ASP A 298 35.90 -10.85 36.94
CA ASP A 298 36.93 -10.12 36.20
C ASP A 298 36.46 -8.71 35.83
N GLY A 299 35.71 -8.09 36.73
CA GLY A 299 35.24 -6.73 36.51
C GLY A 299 34.09 -6.60 35.53
N TRP A 300 33.40 -7.69 35.21
CA TRP A 300 32.26 -7.66 34.31
C TRP A 300 31.06 -8.29 35.00
N PRO A 301 29.88 -7.69 34.93
CA PRO A 301 28.68 -8.33 35.46
C PRO A 301 28.10 -9.31 34.47
N TYR A 302 27.46 -10.36 35.00
CA TYR A 302 26.77 -11.37 34.22
C TYR A 302 25.38 -11.58 34.81
N VAL A 303 24.42 -11.87 33.95
CA VAL A 303 23.04 -12.06 34.40
C VAL A 303 22.88 -13.51 34.88
N VAL A 304 22.44 -13.68 36.12
CA VAL A 304 22.30 -15.01 36.69
C VAL A 304 21.24 -15.79 35.94
N GLY A 305 21.60 -16.98 35.48
CA GLY A 305 20.71 -17.85 34.73
C GLY A 305 20.89 -17.80 33.23
N GLY A 306 21.73 -16.91 32.72
CA GLY A 306 21.87 -16.67 31.31
C GLY A 306 21.32 -15.31 30.91
N LYS A 307 21.68 -14.89 29.70
CA LYS A 307 21.31 -13.56 29.24
C LYS A 307 19.86 -13.45 28.79
N GLU A 308 19.11 -14.55 28.77
CA GLU A 308 17.69 -14.47 28.46
C GLU A 308 16.85 -13.94 29.63
N GLY A 309 17.38 -13.99 30.86
CA GLY A 309 16.62 -13.56 32.01
C GLY A 309 15.74 -14.66 32.54
N LEU A 310 15.52 -14.69 33.86
CA LEU A 310 14.71 -15.74 34.47
C LEU A 310 13.32 -15.22 34.85
N LEU A 311 12.37 -16.16 34.95
CA LEU A 311 11.04 -15.84 35.44
C LEU A 311 10.99 -15.82 36.96
N GLU A 312 11.81 -16.64 37.62
CA GLU A 312 11.94 -16.65 39.07
C GLU A 312 13.39 -16.34 39.42
N VAL A 313 13.60 -15.34 40.29
CA VAL A 313 14.91 -14.77 40.53
C VAL A 313 15.18 -14.71 42.02
N GLU A 314 16.40 -15.07 42.41
CA GLU A 314 16.83 -15.03 43.81
C GLU A 314 16.72 -13.61 44.36
N ALA A 315 15.95 -13.47 45.44
CA ALA A 315 15.68 -12.18 46.08
C ALA A 315 16.84 -11.77 46.97
N PRO A 316 17.02 -10.47 47.20
CA PRO A 316 18.07 -10.02 48.11
C PRO A 316 17.78 -10.43 49.55
N ALA A 317 18.83 -10.38 50.37
CA ALA A 317 18.73 -10.76 51.79
C ALA A 317 18.07 -9.63 52.57
N MET A 318 16.76 -9.48 52.34
CA MET A 318 15.96 -8.48 53.02
C MET A 318 14.68 -9.11 53.53
N SER A 319 14.10 -8.49 54.55
CA SER A 319 12.82 -8.95 55.08
C SER A 319 11.73 -8.75 54.05
N VAL A 320 10.85 -9.75 53.92
CA VAL A 320 9.69 -9.61 53.04
C VAL A 320 8.84 -8.45 53.52
N LYS A 321 8.32 -7.66 52.57
CA LYS A 321 7.47 -6.51 52.87
C LYS A 321 6.40 -6.46 51.77
N GLU A 322 5.30 -7.16 52.01
CA GLU A 322 4.17 -7.13 51.10
C GLU A 322 3.37 -5.84 51.30
N PHE A 323 2.69 -5.43 50.24
CA PHE A 323 1.86 -4.23 50.28
C PHE A 323 0.42 -4.59 50.01
N SER A 324 -0.49 -3.87 50.66
CA SER A 324 -1.90 -3.98 50.36
C SER A 324 -2.20 -3.31 49.02
N PRO A 325 -3.20 -3.79 48.29
CA PRO A 325 -3.49 -3.23 46.96
C PRO A 325 -3.80 -1.74 47.03
N THR A 326 -3.47 -1.05 45.94
CA THR A 326 -3.67 0.39 45.84
C THR A 326 -4.86 0.76 44.96
N TYR A 327 -5.73 -0.21 44.66
CA TYR A 327 -6.98 0.04 43.97
C TYR A 327 -8.05 -0.87 44.56
N HIS A 328 -9.31 -0.46 44.45
CA HIS A 328 -10.42 -1.32 44.82
C HIS A 328 -10.79 -2.20 43.64
N ILE A 329 -11.08 -3.47 43.92
CA ILE A 329 -11.58 -4.36 42.87
C ILE A 329 -12.89 -3.82 42.31
N VAL A 330 -13.73 -3.26 43.18
CA VAL A 330 -14.90 -2.50 42.76
C VAL A 330 -14.73 -1.10 43.30
N ASP A 331 -14.47 -0.14 42.42
CA ASP A 331 -14.37 1.26 42.77
C ASP A 331 -15.74 1.90 42.60
N GLU A 332 -16.36 2.32 43.70
CA GLU A 332 -17.70 2.90 43.68
C GLU A 332 -17.68 4.43 43.63
N PHE A 333 -16.51 5.03 43.47
CA PHE A 333 -16.39 6.48 43.22
C PHE A 333 -16.92 7.31 44.39
N LYS A 334 -16.72 6.82 45.61
CA LYS A 334 -17.12 7.60 46.78
C LYS A 334 -16.09 8.65 47.17
N ASP A 335 -14.87 8.59 46.63
CA ASP A 335 -13.88 9.62 46.89
C ASP A 335 -14.04 10.77 45.91
N SER A 336 -13.60 11.96 46.34
CA SER A 336 -13.52 13.14 45.49
C SER A 336 -12.24 13.17 44.67
N SER A 337 -11.54 12.05 44.58
CA SER A 337 -10.31 11.97 43.80
C SER A 337 -10.27 10.65 43.05
N LEU A 338 -9.73 10.67 41.85
CA LEU A 338 -9.66 9.46 41.03
C LEU A 338 -8.52 8.57 41.51
N ASN A 339 -8.82 7.29 41.69
CA ASN A 339 -7.80 6.33 42.11
C ASN A 339 -6.56 6.41 41.22
N ARG A 340 -5.40 6.13 41.81
CA ARG A 340 -4.12 6.37 41.16
C ARG A 340 -3.85 5.45 39.96
N HIS A 341 -4.60 4.37 39.81
CA HIS A 341 -4.44 3.51 38.64
C HIS A 341 -5.24 3.99 37.44
N PHE A 342 -6.07 5.01 37.61
CA PHE A 342 -6.76 5.65 36.49
C PHE A 342 -5.90 6.75 35.90
N GLN A 343 -5.87 6.83 34.58
CA GLN A 343 -5.20 7.90 33.87
C GLN A 343 -6.13 8.46 32.80
N THR A 344 -5.78 9.63 32.30
CA THR A 344 -6.47 10.27 31.18
C THR A 344 -5.49 10.45 30.04
N LEU A 345 -6.03 10.69 28.85
CA LEU A 345 -5.22 10.89 27.66
C LEU A 345 -4.76 12.34 27.59
N ARG A 346 -3.46 12.56 27.80
CA ARG A 346 -2.75 13.79 27.43
C ARG A 346 -2.99 15.00 28.33
N ILE A 347 -4.19 15.14 28.88
CA ILE A 347 -4.55 16.36 29.60
C ILE A 347 -4.94 15.98 31.02
N PRO A 348 -4.94 16.94 31.94
CA PRO A 348 -5.41 16.66 33.30
C PRO A 348 -6.90 16.34 33.33
N PHE A 349 -7.29 15.65 34.39
CA PHE A 349 -8.71 15.46 34.69
C PHE A 349 -9.24 16.73 35.33
N THR A 350 -10.05 17.48 34.60
CA THR A 350 -10.70 18.68 35.12
C THR A 350 -12.15 18.68 34.66
N ASP A 351 -12.87 19.75 35.03
CA ASP A 351 -14.26 19.93 34.63
C ASP A 351 -14.45 19.90 33.13
N GLN A 352 -13.39 20.12 32.36
CA GLN A 352 -13.53 20.04 30.91
C GLN A 352 -14.04 18.67 30.47
N ILE A 353 -13.65 17.61 31.18
CA ILE A 353 -14.03 16.27 30.76
C ILE A 353 -14.83 15.51 31.82
N GLY A 354 -14.66 15.84 33.09
CA GLY A 354 -15.27 14.98 34.09
C GLY A 354 -15.32 15.58 35.48
N SER A 355 -15.93 14.83 36.39
CA SER A 355 -16.08 15.25 37.78
C SER A 355 -16.46 14.06 38.64
N VAL A 356 -15.82 13.92 39.80
CA VAL A 356 -16.24 12.96 40.81
C VAL A 356 -17.03 13.61 41.93
N THR A 357 -17.27 14.92 41.86
CA THR A 357 -17.97 15.64 42.91
C THR A 357 -19.33 16.19 42.49
N GLU A 358 -19.61 16.26 41.20
CA GLU A 358 -20.87 16.88 40.76
C GLU A 358 -22.06 15.98 41.06
N ASN A 359 -21.94 14.69 40.82
CA ASN A 359 -22.96 13.71 41.19
C ASN A 359 -22.33 12.72 42.14
N PRO A 360 -22.51 12.86 43.45
CA PRO A 360 -21.77 12.04 44.42
C PRO A 360 -21.98 10.55 44.18
N HIS A 361 -20.91 9.79 44.42
CA HIS A 361 -20.82 8.35 44.21
C HIS A 361 -20.92 7.95 42.74
N HIS A 362 -20.62 8.87 41.83
CA HIS A 362 -20.54 8.59 40.41
C HIS A 362 -19.33 9.29 39.80
N LEU A 363 -18.78 8.70 38.75
CA LEU A 363 -17.86 9.40 37.87
C LEU A 363 -18.69 10.00 36.74
N ARG A 364 -18.74 11.32 36.66
CA ARG A 364 -19.47 12.01 35.60
C ARG A 364 -18.47 12.43 34.53
N LEU A 365 -18.68 11.95 33.32
CA LEU A 365 -17.87 12.37 32.18
C LEU A 365 -18.74 13.21 31.26
N TYR A 366 -18.24 14.38 30.89
CA TYR A 366 -18.94 15.26 29.97
C TYR A 366 -18.51 14.93 28.54
N GLY A 367 -19.48 14.69 27.68
CA GLY A 367 -19.19 14.23 26.34
C GLY A 367 -18.30 15.18 25.58
N GLN A 368 -17.16 14.69 25.10
CA GLN A 368 -16.23 15.49 24.31
C GLN A 368 -15.87 14.76 23.03
N GLU A 369 -14.58 14.73 22.68
CA GLU A 369 -14.21 14.28 21.35
C GLU A 369 -14.12 12.75 21.27
N SER A 370 -14.10 12.25 20.04
CA SER A 370 -14.11 10.83 19.78
C SER A 370 -12.80 10.17 20.24
N LEU A 371 -12.80 8.84 20.23
CA LEU A 371 -11.63 8.08 20.60
C LEU A 371 -10.48 8.22 19.63
N THR A 372 -10.69 8.82 18.45
CA THR A 372 -9.61 9.06 17.51
C THR A 372 -8.94 10.42 17.69
N SER A 373 -9.36 11.22 18.69
CA SER A 373 -8.84 12.57 18.86
C SER A 373 -7.61 12.60 19.77
N LYS A 374 -6.60 13.36 19.36
CA LYS A 374 -5.40 13.53 20.16
C LYS A 374 -5.48 14.76 21.06
N PHE A 375 -6.69 15.25 21.35
CA PHE A 375 -6.82 16.51 22.06
C PHE A 375 -7.61 16.35 23.35
N THR A 376 -8.95 16.43 23.30
CA THR A 376 -9.77 16.45 24.50
C THR A 376 -10.77 15.29 24.52
N GLN A 377 -10.39 14.20 25.19
CA GLN A 377 -11.26 13.02 25.32
C GLN A 377 -11.68 12.85 26.77
N ALA A 378 -12.98 12.70 26.99
CA ALA A 378 -13.51 12.39 28.32
C ALA A 378 -13.44 10.88 28.47
N PHE A 379 -12.25 10.41 28.86
CA PHE A 379 -11.88 9.00 28.85
C PHE A 379 -10.99 8.77 30.06
N VAL A 380 -11.42 7.88 30.94
CA VAL A 380 -10.69 7.53 32.17
C VAL A 380 -10.45 6.03 32.13
N ALA A 381 -9.18 5.63 32.17
CA ALA A 381 -8.83 4.24 31.86
C ALA A 381 -7.71 3.74 32.76
N ARG A 382 -7.59 2.42 32.79
CA ARG A 382 -6.54 1.75 33.56
C ARG A 382 -5.99 0.58 32.73
N ARG A 383 -4.79 0.16 33.08
CA ARG A 383 -4.05 -0.80 32.27
C ARG A 383 -4.66 -2.20 32.32
N TRP A 384 -4.63 -2.89 31.18
CA TRP A 384 -4.63 -4.35 31.23
C TRP A 384 -3.37 -4.79 31.96
N GLN A 385 -3.53 -5.56 33.04
CA GLN A 385 -2.36 -6.04 33.78
C GLN A 385 -2.40 -7.55 33.99
N SER A 386 -3.25 -8.25 33.25
CA SER A 386 -3.25 -9.70 33.25
C SER A 386 -3.85 -10.15 31.93
N PHE A 387 -3.56 -11.38 31.53
CA PHE A 387 -4.15 -11.94 30.33
C PHE A 387 -5.56 -12.46 30.57
N TYR A 388 -5.96 -12.60 31.83
CA TYR A 388 -7.29 -13.09 32.19
C TYR A 388 -7.88 -12.16 33.23
N PHE A 389 -8.92 -11.43 32.86
CA PHE A 389 -9.64 -10.56 33.78
C PHE A 389 -10.99 -10.24 33.19
N GLU A 390 -11.85 -9.65 34.01
CA GLU A 390 -12.98 -8.92 33.46
C GLU A 390 -13.11 -7.57 34.16
N ALA A 391 -13.55 -6.60 33.38
CA ALA A 391 -13.84 -5.27 33.85
C ALA A 391 -15.31 -4.98 33.59
N GLU A 392 -15.88 -4.11 34.41
CA GLU A 392 -17.32 -3.91 34.39
C GLU A 392 -17.64 -2.52 34.90
N THR A 393 -18.69 -1.92 34.34
CA THR A 393 -19.14 -0.61 34.79
C THR A 393 -20.65 -0.53 34.61
N ALA A 394 -21.24 0.55 35.13
CA ALA A 394 -22.66 0.81 34.98
C ALA A 394 -22.84 2.29 34.68
N VAL A 395 -23.53 2.61 33.58
CA VAL A 395 -23.59 3.97 33.07
C VAL A 395 -25.04 4.43 33.01
N SER A 396 -25.29 5.64 33.51
CA SER A 396 -26.55 6.36 33.31
C SER A 396 -26.33 7.39 32.23
N PHE A 397 -27.01 7.22 31.10
CA PHE A 397 -26.74 8.03 29.92
C PHE A 397 -27.99 8.01 29.05
N PHE A 398 -28.53 9.19 28.76
CA PHE A 398 -29.75 9.34 27.97
C PHE A 398 -29.45 10.23 26.77
N PRO A 399 -28.83 9.66 25.74
CA PRO A 399 -28.51 10.46 24.55
C PRO A 399 -29.77 10.84 23.78
N LYS A 400 -29.69 11.98 23.11
CA LYS A 400 -30.80 12.48 22.31
C LYS A 400 -30.50 12.56 20.82
N ASN A 401 -29.25 12.31 20.41
CA ASN A 401 -28.90 12.26 19.00
C ASN A 401 -27.74 11.28 18.80
N PHE A 402 -27.51 10.92 17.53
CA PHE A 402 -26.54 9.88 17.22
C PHE A 402 -25.09 10.29 17.48
N GLN A 403 -24.84 11.57 17.77
CA GLN A 403 -23.48 12.03 18.01
C GLN A 403 -23.09 11.94 19.48
N GLN A 404 -23.93 11.31 20.30
CA GLN A 404 -23.67 11.15 21.73
C GLN A 404 -23.56 9.66 22.03
N ALA A 405 -22.48 9.27 22.72
CA ALA A 405 -22.24 7.87 23.02
C ALA A 405 -21.37 7.78 24.26
N ALA A 406 -21.64 6.80 25.12
CA ALA A 406 -20.86 6.62 26.34
C ALA A 406 -20.86 5.16 26.74
N GLY A 407 -19.73 4.68 27.28
CA GLY A 407 -19.67 3.31 27.72
C GLY A 407 -18.30 2.77 28.07
N LEU A 408 -18.05 1.52 27.71
CA LEU A 408 -16.86 0.80 28.12
C LEU A 408 -15.96 0.59 26.92
N VAL A 409 -14.67 0.89 27.07
CA VAL A 409 -13.73 0.97 25.96
C VAL A 409 -12.49 0.14 26.27
N ASN A 410 -11.99 -0.57 25.27
CA ASN A 410 -10.67 -1.17 25.31
C ASN A 410 -9.82 -0.50 24.24
N TYR A 411 -8.65 0.00 24.63
CA TYR A 411 -7.98 1.05 23.87
C TYR A 411 -6.48 0.79 23.85
N TYR A 412 -5.86 1.00 22.68
CA TYR A 412 -4.41 1.11 22.58
C TYR A 412 -3.99 2.52 22.20
N ASN A 413 -4.47 3.03 21.06
CA ASN A 413 -4.19 4.40 20.65
C ASN A 413 -5.41 4.91 19.87
N THR A 414 -5.27 6.10 19.28
CA THR A 414 -6.42 6.73 18.63
C THR A 414 -6.88 5.97 17.38
N GLU A 415 -6.05 5.09 16.82
CA GLU A 415 -6.44 4.31 15.66
C GLU A 415 -6.84 2.88 15.99
N ASN A 416 -6.76 2.49 17.26
CA ASN A 416 -6.90 1.08 17.64
C ASN A 416 -7.64 1.01 18.98
N TRP A 417 -8.91 0.64 18.92
CA TRP A 417 -9.76 0.53 20.10
C TRP A 417 -11.04 -0.18 19.70
N THR A 418 -11.75 -0.68 20.71
CA THR A 418 -13.14 -1.08 20.54
C THR A 418 -13.95 -0.44 21.65
N ALA A 419 -15.25 -0.27 21.41
CA ALA A 419 -16.09 0.45 22.36
C ALA A 419 -17.50 -0.10 22.33
N LEU A 420 -18.06 -0.32 23.52
CA LEU A 420 -19.45 -0.69 23.69
C LEU A 420 -20.14 0.48 24.37
N GLN A 421 -21.00 1.18 23.63
CA GLN A 421 -21.53 2.46 24.09
C GLN A 421 -23.05 2.48 24.00
N VAL A 422 -23.66 3.11 25.00
CA VAL A 422 -25.04 3.57 24.91
C VAL A 422 -25.09 4.78 23.98
N THR A 423 -25.94 4.71 22.96
CA THR A 423 -26.07 5.80 22.00
C THR A 423 -27.53 5.88 21.58
N TYR A 424 -27.79 6.70 20.56
CA TYR A 424 -29.16 7.00 20.16
C TYR A 424 -29.30 6.80 18.66
N ASP A 425 -30.43 6.22 18.26
CA ASP A 425 -30.79 6.04 16.87
C ASP A 425 -32.14 6.68 16.63
N ASP A 426 -32.25 7.44 15.53
CA ASP A 426 -33.46 8.22 15.27
C ASP A 426 -34.71 7.35 15.23
N ALA A 427 -34.59 6.15 14.67
CA ALA A 427 -35.75 5.27 14.53
C ALA A 427 -36.01 4.38 15.74
N LEU A 428 -34.97 4.10 16.55
CA LEU A 428 -35.07 3.09 17.58
C LEU A 428 -34.91 3.59 19.01
N GLY A 429 -34.56 4.86 19.22
CA GLY A 429 -34.29 5.34 20.57
C GLY A 429 -32.90 4.94 21.04
N ARG A 430 -32.75 4.82 22.36
CA ARG A 430 -31.48 4.37 22.93
C ARG A 430 -31.14 2.97 22.44
N ILE A 431 -29.90 2.81 21.94
CA ILE A 431 -29.38 1.51 21.53
C ILE A 431 -27.98 1.33 22.11
N LEU A 432 -27.55 0.08 22.15
CA LEU A 432 -26.20 -0.29 22.58
C LEU A 432 -25.43 -0.71 21.34
N GLU A 433 -24.33 -0.02 21.05
CA GLU A 433 -23.61 -0.19 19.80
C GLU A 433 -22.17 -0.60 20.04
N LEU A 434 -21.69 -1.54 19.23
CA LEU A 434 -20.31 -1.97 19.25
C LEU A 434 -19.57 -1.31 18.09
N SER A 435 -18.49 -0.61 18.41
CA SER A 435 -17.65 0.07 17.42
C SER A 435 -16.25 -0.52 17.51
N VAL A 436 -15.62 -0.72 16.35
CA VAL A 436 -14.29 -1.32 16.24
C VAL A 436 -13.45 -0.46 15.32
N CYS A 437 -12.25 -0.11 15.78
CA CYS A 437 -11.30 0.70 15.01
C CYS A 437 -9.98 -0.05 15.00
N GLU A 438 -9.60 -0.58 13.83
CA GLU A 438 -8.35 -1.32 13.64
C GLU A 438 -7.46 -0.54 12.69
N ASN A 439 -6.43 0.10 13.23
CA ASN A 439 -5.54 0.95 12.43
C ASN A 439 -6.35 1.93 11.58
N LEU A 440 -7.31 2.59 12.23
CA LEU A 440 -8.22 3.61 11.71
C LEU A 440 -9.28 3.07 10.75
N ALA A 441 -9.33 1.77 10.48
CA ALA A 441 -10.44 1.19 9.73
C ALA A 441 -11.60 0.92 10.69
N PHE A 442 -12.76 1.48 10.39
CA PHE A 442 -13.86 1.57 11.34
C PHE A 442 -15.00 0.66 10.93
N SER A 443 -15.48 -0.15 11.88
CA SER A 443 -16.63 -1.01 11.62
C SER A 443 -17.54 -1.03 12.83
N GLN A 444 -18.82 -1.33 12.56
CA GLN A 444 -19.85 -1.50 13.57
C GLN A 444 -20.61 -2.76 13.20
N PRO A 445 -20.15 -3.93 13.67
CA PRO A 445 -20.55 -5.19 13.02
C PRO A 445 -21.89 -5.75 13.45
N LEU A 446 -22.49 -5.27 14.54
CA LEU A 446 -23.79 -5.79 14.95
C LEU A 446 -24.81 -5.56 13.85
N ILE A 447 -25.44 -6.63 13.38
CA ILE A 447 -26.48 -6.51 12.37
C ILE A 447 -27.79 -6.10 13.01
N LYS A 448 -28.18 -6.78 14.09
CA LYS A 448 -29.37 -6.43 14.85
C LYS A 448 -29.00 -5.46 15.96
N LYS A 449 -29.63 -4.29 15.96
CA LYS A 449 -29.33 -3.31 17.00
C LYS A 449 -29.95 -3.75 18.32
N ILE A 450 -29.24 -3.44 19.42
CA ILE A 450 -29.67 -3.81 20.76
C ILE A 450 -30.48 -2.65 21.33
N ILE A 451 -31.79 -2.87 21.48
CA ILE A 451 -32.67 -1.80 21.95
C ILE A 451 -32.60 -1.73 23.48
N ILE A 452 -32.46 -0.52 23.99
CA ILE A 452 -32.43 -0.26 25.43
C ILE A 452 -33.76 0.39 25.81
N PRO A 453 -34.56 -0.24 26.66
CA PRO A 453 -35.86 0.34 27.01
C PRO A 453 -35.72 1.62 27.80
N ASP A 454 -36.73 2.49 27.67
CA ASP A 454 -36.72 3.79 28.32
C ASP A 454 -36.70 3.70 29.83
N GLU A 455 -37.21 2.61 30.40
CA GLU A 455 -37.30 2.50 31.86
C GLU A 455 -35.97 2.18 32.52
N ILE A 456 -34.97 1.75 31.76
CA ILE A 456 -33.69 1.29 32.30
C ILE A 456 -32.85 2.47 32.75
N PRO A 457 -32.57 2.60 34.06
CA PRO A 457 -31.79 3.76 34.54
C PRO A 457 -30.29 3.61 34.34
N TYR A 458 -29.75 2.40 34.58
CA TYR A 458 -28.36 2.09 34.34
C TYR A 458 -28.26 0.92 33.38
N VAL A 459 -27.32 1.00 32.44
CA VAL A 459 -26.96 -0.13 31.59
C VAL A 459 -25.63 -0.66 32.07
N TYR A 460 -25.58 -1.96 32.35
CA TYR A 460 -24.39 -2.62 32.89
C TYR A 460 -23.57 -3.21 31.76
N LEU A 461 -22.26 -2.95 31.78
CA LEU A 461 -21.38 -3.29 30.67
C LEU A 461 -20.17 -4.04 31.20
N LYS A 462 -19.74 -5.06 30.48
CA LYS A 462 -18.66 -5.92 30.92
C LYS A 462 -17.80 -6.34 29.73
N VAL A 463 -16.50 -6.50 29.98
CA VAL A 463 -15.59 -7.14 29.05
C VAL A 463 -14.90 -8.29 29.77
N THR A 464 -14.82 -9.44 29.10
CA THR A 464 -14.17 -10.62 29.64
C THR A 464 -12.97 -10.95 28.76
N VAL A 465 -11.77 -10.81 29.30
CA VAL A 465 -10.52 -10.99 28.56
C VAL A 465 -9.96 -12.37 28.84
N GLN A 466 -9.74 -13.15 27.79
CA GLN A 466 -9.24 -14.51 27.90
C GLN A 466 -8.05 -14.69 26.96
N ARG A 467 -6.92 -14.10 27.34
CA ARG A 467 -5.68 -14.16 26.58
C ARG A 467 -5.91 -13.62 25.17
N GLU A 468 -5.95 -14.51 24.17
CA GLU A 468 -5.96 -14.08 22.78
C GLU A 468 -7.26 -13.43 22.35
N THR A 469 -8.37 -13.63 23.06
CA THR A 469 -9.65 -13.07 22.67
C THR A 469 -10.33 -12.42 23.87
N TYR A 470 -11.24 -11.48 23.58
CA TYR A 470 -12.10 -10.91 24.60
C TYR A 470 -13.47 -10.65 23.99
N THR A 471 -14.48 -10.56 24.85
CA THR A 471 -15.85 -10.39 24.41
C THR A 471 -16.57 -9.43 25.36
N TYR A 472 -17.47 -8.63 24.81
CA TYR A 472 -18.29 -7.74 25.61
C TYR A 472 -19.59 -8.44 25.97
N SER A 473 -20.17 -8.03 27.11
CA SER A 473 -21.53 -8.44 27.45
C SER A 473 -22.19 -7.30 28.21
N TYR A 474 -23.51 -7.32 28.24
CA TYR A 474 -24.30 -6.23 28.82
C TYR A 474 -25.47 -6.81 29.61
N SER A 475 -26.05 -5.97 30.45
CA SER A 475 -27.14 -6.36 31.32
C SER A 475 -27.94 -5.14 31.73
N PHE A 476 -29.24 -5.33 31.93
CA PHE A 476 -30.12 -4.27 32.40
C PHE A 476 -30.48 -4.39 33.87
N ASP A 477 -29.95 -5.39 34.57
CA ASP A 477 -30.36 -5.59 35.97
C ASP A 477 -29.21 -6.04 36.86
N GLN A 478 -27.98 -6.04 36.37
CA GLN A 478 -26.75 -6.41 37.06
C GLN A 478 -26.61 -7.92 37.23
N GLN A 479 -27.65 -8.72 37.02
CA GLN A 479 -27.58 -10.16 37.29
C GLN A 479 -27.75 -11.03 36.05
N GLU A 480 -28.61 -10.62 35.10
CA GLU A 480 -28.81 -11.38 33.86
C GLU A 480 -28.00 -10.72 32.75
N TRP A 481 -27.00 -11.42 32.24
CA TRP A 481 -26.10 -10.88 31.22
C TRP A 481 -26.32 -11.56 29.88
N GLU A 482 -26.16 -10.78 28.81
CA GLU A 482 -26.19 -11.30 27.45
C GLU A 482 -24.86 -11.02 26.78
N LYS A 483 -24.24 -12.06 26.22
CA LYS A 483 -22.94 -11.92 25.59
C LYS A 483 -23.11 -11.46 24.15
N ILE A 484 -22.33 -10.46 23.76
CA ILE A 484 -22.35 -9.99 22.38
C ILE A 484 -21.45 -10.91 21.56
N ASP A 485 -22.06 -11.62 20.60
CA ASP A 485 -21.38 -12.72 19.91
C ASP A 485 -20.53 -12.18 18.75
N VAL A 486 -19.51 -11.44 19.12
CA VAL A 486 -18.40 -11.17 18.21
C VAL A 486 -17.12 -11.25 19.02
N PRO A 487 -16.28 -12.26 18.80
CA PRO A 487 -15.03 -12.36 19.57
C PRO A 487 -14.02 -11.36 19.01
N LEU A 488 -13.45 -10.56 19.90
CA LEU A 488 -12.47 -9.56 19.51
C LEU A 488 -11.08 -10.07 19.88
N GLU A 489 -10.09 -9.65 19.11
CA GLU A 489 -8.74 -10.17 19.24
C GLU A 489 -7.93 -9.24 20.13
N SER A 490 -7.46 -9.77 21.27
CA SER A 490 -6.61 -9.00 22.16
C SER A 490 -5.31 -8.58 21.48
N THR A 491 -4.84 -9.39 20.52
CA THR A 491 -3.57 -9.09 19.84
C THR A 491 -3.64 -7.84 18.99
N HIS A 492 -4.84 -7.38 18.63
CA HIS A 492 -4.98 -6.14 17.89
C HIS A 492 -4.83 -4.91 18.77
N LEU A 493 -4.79 -5.08 20.09
CA LEU A 493 -4.48 -4.00 21.01
C LEU A 493 -3.08 -4.20 21.57
N SER A 494 -2.08 -4.35 20.70
CA SER A 494 -0.74 -4.72 21.15
C SER A 494 0.30 -3.88 20.41
N ASP A 495 1.48 -3.76 21.06
CA ASP A 495 2.62 -3.08 20.44
C ASP A 495 2.91 -3.61 19.05
N ASP A 496 2.69 -4.90 18.84
CA ASP A 496 3.14 -5.58 17.63
C ASP A 496 2.13 -5.52 16.49
N PHE A 497 0.93 -4.98 16.73
CA PHE A 497 -0.09 -4.90 15.69
C PHE A 497 -0.24 -3.51 15.07
N ILE A 498 -0.15 -2.45 15.87
CA ILE A 498 -0.53 -1.12 15.40
C ILE A 498 0.54 -0.55 14.47
N ARG A 499 0.10 0.29 13.53
CA ARG A 499 0.99 0.91 12.56
C ARG A 499 1.62 2.18 13.13
N GLY A 500 2.66 2.66 12.44
CA GLY A 500 3.29 3.92 12.77
C GLY A 500 4.59 3.73 13.54
N GLY A 501 5.25 4.88 13.76
CA GLY A 501 6.53 4.91 14.45
C GLY A 501 6.46 4.88 15.96
N GLY A 502 5.28 5.03 16.53
CA GLY A 502 5.11 4.98 17.97
C GLY A 502 4.30 3.78 18.40
N PHE A 503 4.94 2.80 19.04
CA PHE A 503 4.31 1.52 19.36
C PHE A 503 4.70 1.10 20.78
N PHE A 504 4.51 2.02 21.74
CA PHE A 504 5.24 1.96 22.99
C PHE A 504 4.37 1.87 24.25
N THR A 505 3.07 1.66 24.13
CA THR A 505 2.27 1.66 25.36
C THR A 505 1.72 0.28 25.69
N GLY A 506 0.40 0.11 25.62
CA GLY A 506 -0.24 -1.12 26.01
C GLY A 506 -1.74 -0.93 26.05
N ALA A 507 -2.45 -2.05 26.24
CA ALA A 507 -3.91 -1.99 26.24
C ALA A 507 -4.43 -1.42 27.56
N PHE A 508 -5.48 -0.61 27.45
CA PHE A 508 -6.20 -0.02 28.57
C PHE A 508 -7.68 -0.41 28.49
N VAL A 509 -8.33 -0.38 29.65
CA VAL A 509 -9.79 -0.52 29.74
C VAL A 509 -10.30 0.64 30.59
N GLY A 510 -11.44 1.21 30.22
CA GLY A 510 -11.94 2.34 30.98
C GLY A 510 -13.30 2.80 30.54
N MET A 511 -13.74 3.89 31.16
CA MET A 511 -15.05 4.49 30.95
C MET A 511 -14.91 5.74 30.08
N GLN A 512 -15.89 5.96 29.22
CA GLN A 512 -15.74 6.99 28.19
C GLN A 512 -17.10 7.57 27.85
N CYS A 513 -17.11 8.85 27.49
CA CYS A 513 -18.29 9.52 26.98
C CYS A 513 -17.85 10.45 25.88
N GLN A 514 -18.56 10.45 24.76
CA GLN A 514 -18.31 11.40 23.68
C GLN A 514 -19.61 12.10 23.32
N ASP A 515 -19.50 13.38 22.96
CA ASP A 515 -20.61 14.17 22.45
C ASP A 515 -20.03 15.05 21.37
N THR A 516 -20.09 14.60 20.11
CA THR A 516 -19.64 15.40 18.99
C THR A 516 -20.75 16.25 18.40
N SER A 517 -21.84 16.45 19.14
CA SER A 517 -22.82 17.46 18.76
C SER A 517 -22.49 18.82 19.35
N GLY A 518 -21.85 18.86 20.52
CA GLY A 518 -21.49 20.10 21.19
C GLY A 518 -22.17 20.30 22.52
N GLU A 519 -23.14 19.46 22.88
CA GLU A 519 -23.95 19.66 24.07
C GLU A 519 -23.29 19.22 25.36
N ARG A 520 -22.11 18.57 25.30
CA ARG A 520 -21.40 18.15 26.51
C ARG A 520 -22.28 17.30 27.41
N LEU A 521 -23.02 16.39 26.80
CA LEU A 521 -24.01 15.60 27.54
C LEU A 521 -23.30 14.71 28.55
N PRO A 522 -23.71 14.69 29.80
CA PRO A 522 -22.99 13.91 30.81
C PRO A 522 -23.44 12.46 30.85
N ALA A 523 -22.49 11.60 31.19
CA ALA A 523 -22.72 10.20 31.48
C ALA A 523 -22.20 9.93 32.87
N ASP A 524 -22.99 9.22 33.68
CA ASP A 524 -22.66 8.96 35.08
C ASP A 524 -22.34 7.48 35.27
N PHE A 525 -21.12 7.19 35.68
CA PHE A 525 -20.68 5.82 35.90
C PHE A 525 -20.75 5.51 37.40
N LYS A 526 -21.53 4.49 37.76
CA LYS A 526 -21.78 4.19 39.16
C LYS A 526 -20.59 3.51 39.83
N TYR A 527 -19.84 2.71 39.07
CA TYR A 527 -18.70 2.00 39.63
C TYR A 527 -17.83 1.51 38.47
N PHE A 528 -16.64 1.05 38.83
CA PHE A 528 -15.75 0.39 37.88
C PHE A 528 -15.10 -0.78 38.57
N ARG A 529 -15.33 -1.98 38.03
CA ARG A 529 -14.74 -3.20 38.55
C ARG A 529 -13.64 -3.68 37.61
N TYR A 530 -12.51 -4.07 38.19
CA TYR A 530 -11.42 -4.72 37.46
C TYR A 530 -10.94 -5.88 38.31
N GLU A 531 -11.20 -7.10 37.85
CA GLU A 531 -11.01 -8.31 38.65
C GLU A 531 -10.21 -9.31 37.85
N GLU A 532 -8.95 -9.51 38.22
CA GLU A 532 -8.09 -10.46 37.53
C GLU A 532 -8.43 -11.90 37.96
N THR A 533 -8.36 -12.81 36.99
CA THR A 533 -8.59 -14.24 37.24
C THR A 533 -7.24 -14.87 37.57
N THR A 534 -6.81 -14.71 38.83
CA THR A 534 -5.50 -15.19 39.24
C THR A 534 -5.36 -16.70 39.08
N GLU A 535 -6.47 -17.44 39.08
CA GLU A 535 -6.42 -18.87 38.77
C GLU A 535 -5.91 -19.12 37.35
N HIS A 536 -6.15 -18.18 36.43
CA HIS A 536 -5.68 -18.10 35.03
C HIS A 536 -6.74 -18.57 34.02
N MET B 1 -12.18 47.11 -15.88
CA MET B 1 -13.62 47.15 -16.16
C MET B 1 -14.21 45.73 -16.15
N LYS B 2 -13.33 44.73 -16.15
CA LYS B 2 -13.74 43.34 -16.01
C LYS B 2 -13.11 42.74 -14.77
N ILE B 3 -13.83 41.81 -14.15
CA ILE B 3 -13.29 41.01 -13.06
C ILE B 3 -12.41 39.91 -13.66
N THR B 4 -11.15 39.86 -13.25
CA THR B 4 -10.20 38.85 -13.73
C THR B 4 -9.96 37.86 -12.60
N ASN B 5 -10.43 36.62 -12.80
CA ASN B 5 -10.36 35.47 -11.89
C ASN B 5 -9.05 34.71 -12.10
N PRO B 6 -8.46 34.16 -11.02
CA PRO B 6 -8.91 34.26 -9.63
C PRO B 6 -8.66 35.65 -9.04
N VAL B 7 -9.66 36.20 -8.32
CA VAL B 7 -9.48 37.51 -7.69
C VAL B 7 -8.60 37.43 -6.45
N LEU B 8 -8.49 36.26 -5.84
CA LEU B 8 -7.54 36.01 -4.76
C LEU B 8 -6.64 34.87 -5.22
N LYS B 9 -5.36 35.16 -5.42
CA LYS B 9 -4.46 34.18 -6.01
C LYS B 9 -3.72 33.42 -4.92
N GLY B 10 -3.32 32.20 -5.24
CA GLY B 10 -2.74 31.33 -4.24
C GLY B 10 -3.78 30.89 -3.22
N PHE B 11 -3.28 30.23 -2.17
CA PHE B 11 -4.07 29.61 -1.11
C PHE B 11 -5.08 30.58 -0.49
N ASN B 12 -6.34 30.52 -0.93
CA ASN B 12 -7.40 31.42 -0.46
C ASN B 12 -8.75 30.76 -0.68
N PRO B 13 -9.05 29.69 0.07
CA PRO B 13 -10.23 28.88 -0.22
C PRO B 13 -11.45 29.32 0.57
N ASP B 14 -12.58 28.71 0.21
CA ASP B 14 -13.84 28.86 0.92
C ASP B 14 -14.23 30.34 1.11
N PRO B 15 -14.49 31.06 0.02
CA PRO B 15 -14.79 32.50 0.16
C PRO B 15 -16.19 32.74 0.72
N SER B 16 -16.26 33.57 1.76
CA SER B 16 -17.52 34.02 2.33
C SER B 16 -17.64 35.51 2.08
N ILE B 17 -18.57 35.89 1.23
CA ILE B 17 -18.70 37.28 0.77
C ILE B 17 -19.84 37.94 1.52
N CYS B 18 -19.63 39.19 1.93
CA CYS B 18 -20.71 39.96 2.53
C CYS B 18 -20.53 41.43 2.17
N ARG B 19 -21.61 42.19 2.37
CA ARG B 19 -21.66 43.60 2.03
C ARG B 19 -22.02 44.40 3.28
N ALA B 20 -21.18 45.38 3.62
CA ALA B 20 -21.46 46.35 4.67
C ALA B 20 -21.73 47.68 3.97
N GLY B 21 -23.00 47.92 3.64
CA GLY B 21 -23.35 49.11 2.88
C GLY B 21 -22.78 49.09 1.48
N GLU B 22 -21.69 49.84 1.27
CA GLU B 22 -21.02 49.90 -0.01
C GLU B 22 -19.63 49.30 0.03
N ASP B 23 -19.24 48.71 1.15
CA ASP B 23 -17.96 48.01 1.26
C ASP B 23 -18.19 46.50 1.18
N TYR B 24 -17.27 45.81 0.53
CA TYR B 24 -17.40 44.38 0.29
C TYR B 24 -16.21 43.64 0.88
N TYR B 25 -16.50 42.54 1.55
CA TYR B 25 -15.50 41.75 2.26
C TYR B 25 -15.66 40.28 1.91
N MET B 26 -14.54 39.56 1.98
CA MET B 26 -14.54 38.11 1.83
C MET B 26 -13.59 37.51 2.84
N ALA B 27 -14.06 36.52 3.60
CA ALA B 27 -13.23 35.76 4.52
C ALA B 27 -12.87 34.42 3.87
N VAL B 28 -11.63 33.99 4.07
CA VAL B 28 -11.15 32.72 3.53
C VAL B 28 -10.49 31.93 4.66
N SER B 29 -10.48 30.61 4.50
CA SER B 29 -9.92 29.71 5.50
C SER B 29 -8.40 29.73 5.49
N THR B 30 -7.81 29.39 6.64
CA THR B 30 -6.36 29.42 6.81
C THR B 30 -5.79 28.14 7.40
N PHE B 31 -6.62 27.26 7.97
CA PHE B 31 -6.21 25.95 8.46
C PHE B 31 -5.14 26.13 9.53
N GLU B 32 -3.95 25.55 9.39
CA GLU B 32 -2.98 25.60 10.46
C GLU B 32 -2.16 26.88 10.49
N TRP B 33 -2.35 27.77 9.52
CA TRP B 33 -1.51 28.96 9.40
C TRP B 33 -2.04 30.10 10.28
N PHE B 34 -1.12 30.76 11.00
CA PHE B 34 -1.46 31.70 12.05
C PHE B 34 -0.91 33.11 11.75
N PRO B 35 -1.68 34.18 12.02
CA PRO B 35 -3.03 34.26 12.59
C PRO B 35 -4.13 33.75 11.69
N GLY B 36 -5.30 33.48 12.26
CA GLY B 36 -6.34 32.73 11.58
C GLY B 36 -7.34 33.60 10.85
N VAL B 37 -7.80 33.10 9.70
CA VAL B 37 -8.78 33.72 8.81
C VAL B 37 -8.19 34.97 8.16
N GLN B 38 -8.33 35.07 6.84
CA GLN B 38 -7.98 36.27 6.11
C GLN B 38 -9.25 36.95 5.63
N ILE B 39 -9.33 38.26 5.83
CA ILE B 39 -10.43 39.06 5.31
C ILE B 39 -9.90 40.05 4.29
N TYR B 40 -10.47 40.03 3.09
CA TYR B 40 -10.11 40.93 2.01
C TYR B 40 -11.20 41.99 1.84
N HIS B 41 -10.79 43.19 1.44
CA HIS B 41 -11.72 44.29 1.23
C HIS B 41 -11.68 44.72 -0.23
N SER B 42 -12.85 45.12 -0.76
CA SER B 42 -12.98 45.61 -2.12
C SER B 42 -14.11 46.61 -2.21
N LYS B 43 -13.93 47.63 -3.05
CA LYS B 43 -14.98 48.58 -3.38
C LYS B 43 -15.64 48.32 -4.72
N ASP B 44 -15.03 47.46 -5.57
CA ASP B 44 -15.52 47.25 -6.92
C ASP B 44 -15.66 45.79 -7.33
N LEU B 45 -15.33 44.84 -6.45
CA LEU B 45 -15.32 43.40 -6.69
C LEU B 45 -14.21 42.95 -7.63
N ILE B 46 -13.43 43.87 -8.19
CA ILE B 46 -12.32 43.53 -9.08
C ILE B 46 -11.00 43.49 -8.34
N HIS B 47 -10.74 44.49 -7.50
CA HIS B 47 -9.49 44.61 -6.77
C HIS B 47 -9.77 44.36 -5.29
N TRP B 48 -8.92 43.56 -4.66
CA TRP B 48 -9.11 43.15 -3.27
C TRP B 48 -7.83 43.38 -2.50
N ARG B 49 -7.93 44.00 -1.34
CA ARG B 49 -6.79 44.19 -0.46
C ARG B 49 -6.96 43.36 0.80
N LEU B 50 -5.84 42.84 1.30
CA LEU B 50 -5.84 42.06 2.54
C LEU B 50 -5.97 43.01 3.72
N ALA B 51 -7.14 42.99 4.37
CA ALA B 51 -7.52 43.98 5.37
C ALA B 51 -7.31 43.53 6.80
N ALA B 52 -7.57 42.27 7.11
CA ALA B 52 -7.54 41.84 8.50
C ALA B 52 -7.31 40.34 8.58
N ARG B 53 -6.80 39.92 9.74
CA ARG B 53 -6.66 38.51 10.08
C ARG B 53 -7.15 38.38 11.52
N PRO B 54 -8.46 38.13 11.69
CA PRO B 54 -9.08 38.31 13.02
C PRO B 54 -8.46 37.51 14.15
N LEU B 55 -8.15 36.23 13.93
CA LEU B 55 -7.83 35.34 15.04
C LEU B 55 -6.36 35.50 15.39
N GLN B 56 -6.10 36.44 16.32
CA GLN B 56 -4.74 36.86 16.64
C GLN B 56 -4.19 36.27 17.93
N LYS B 57 -5.03 35.80 18.84
CA LYS B 57 -4.55 35.33 20.14
C LYS B 57 -5.00 33.90 20.39
N THR B 58 -4.21 33.21 21.22
CA THR B 58 -4.49 31.81 21.55
C THR B 58 -5.80 31.66 22.31
N SER B 59 -6.32 32.74 22.89
CA SER B 59 -7.65 32.68 23.49
C SER B 59 -8.74 32.58 22.44
N GLN B 60 -8.45 32.96 21.20
CA GLN B 60 -9.37 32.76 20.07
C GLN B 60 -9.06 31.52 19.28
N LEU B 61 -7.78 31.15 19.16
CA LEU B 61 -7.36 30.07 18.26
C LEU B 61 -6.09 29.43 18.82
N ASP B 62 -6.22 28.21 19.34
CA ASP B 62 -5.09 27.48 19.92
C ASP B 62 -4.88 26.22 19.07
N MET B 63 -3.86 26.22 18.22
CA MET B 63 -3.69 25.15 17.25
C MET B 63 -2.37 24.39 17.40
N LYS B 64 -1.68 24.52 18.53
CA LYS B 64 -0.48 23.73 18.74
C LYS B 64 -0.84 22.25 18.66
N GLY B 65 -0.17 21.53 17.78
CA GLY B 65 -0.41 20.11 17.58
C GLY B 65 -1.51 19.76 16.59
N ASN B 66 -2.23 20.74 16.05
CA ASN B 66 -3.29 20.43 15.10
C ASN B 66 -2.72 19.65 13.92
N PRO B 67 -3.45 18.67 13.38
CA PRO B 67 -2.97 17.97 12.18
C PRO B 67 -2.82 18.95 11.02
N ASP B 68 -2.02 18.55 10.04
CA ASP B 68 -1.94 19.28 8.79
C ASP B 68 -3.33 19.39 8.18
N SER B 69 -3.68 20.59 7.71
CA SER B 69 -5.00 20.91 7.16
C SER B 69 -6.11 20.72 8.18
N GLY B 70 -5.76 20.70 9.48
CA GLY B 70 -6.73 20.90 10.53
C GLY B 70 -6.93 22.39 10.73
N GLY B 71 -7.42 22.74 11.91
CA GLY B 71 -7.56 24.16 12.25
C GLY B 71 -8.75 24.80 11.57
N VAL B 72 -8.52 25.98 10.98
CA VAL B 72 -9.59 26.88 10.54
C VAL B 72 -10.04 26.44 9.14
N TRP B 73 -11.18 25.75 9.09
CA TRP B 73 -11.77 25.37 7.83
C TRP B 73 -12.62 26.53 7.32
N ALA B 74 -13.65 26.24 6.53
CA ALA B 74 -14.44 27.29 5.90
C ALA B 74 -15.02 28.25 6.94
N PRO B 75 -14.76 29.56 6.83
CA PRO B 75 -15.39 30.51 7.76
C PRO B 75 -16.63 31.16 7.15
N CYS B 76 -17.39 31.91 7.96
CA CYS B 76 -18.53 32.66 7.47
C CYS B 76 -18.51 34.05 8.07
N LEU B 77 -18.42 35.07 7.21
CA LEU B 77 -18.39 36.46 7.64
C LEU B 77 -19.66 37.16 7.19
N SER B 78 -20.35 37.81 8.13
CA SER B 78 -21.60 38.48 7.84
C SER B 78 -21.60 39.84 8.51
N TYR B 79 -22.56 40.67 8.10
CA TYR B 79 -22.77 41.99 8.69
C TYR B 79 -24.25 42.18 8.98
N ALA B 80 -24.57 42.53 10.22
CA ALA B 80 -25.94 42.75 10.64
C ALA B 80 -25.91 43.44 12.00
N ASP B 81 -26.94 44.26 12.24
CA ASP B 81 -27.09 44.98 13.51
C ASP B 81 -25.83 45.77 13.86
N GLY B 82 -25.22 46.37 12.84
CA GLY B 82 -24.09 47.25 13.05
C GLY B 82 -22.79 46.59 13.46
N GLN B 83 -22.66 45.28 13.28
CA GLN B 83 -21.40 44.62 13.61
C GLN B 83 -21.17 43.46 12.67
N PHE B 84 -19.90 43.08 12.55
CA PHE B 84 -19.50 41.92 11.78
C PHE B 84 -19.55 40.68 12.67
N TRP B 85 -19.94 39.55 12.06
CA TRP B 85 -20.00 38.26 12.73
C TRP B 85 -19.14 37.28 11.96
N LEU B 86 -18.24 36.59 12.66
CA LEU B 86 -17.35 35.61 12.05
C LEU B 86 -17.55 34.26 12.72
N ILE B 87 -18.04 33.29 11.96
CA ILE B 87 -18.21 31.91 12.42
C ILE B 87 -17.02 31.11 11.89
N TYR B 88 -16.29 30.45 12.78
CA TYR B 88 -15.11 29.70 12.37
C TYR B 88 -15.05 28.36 13.10
N SER B 89 -14.25 27.46 12.54
CA SER B 89 -14.06 26.13 13.10
C SER B 89 -12.60 25.93 13.48
N ASP B 90 -12.39 25.00 14.41
CA ASP B 90 -11.06 24.50 14.76
C ASP B 90 -11.14 22.97 14.66
N ILE B 91 -10.68 22.41 13.55
CA ILE B 91 -10.81 20.98 13.29
C ILE B 91 -9.60 20.26 13.87
N LYS B 92 -9.87 19.27 14.72
CA LYS B 92 -8.82 18.54 15.43
C LYS B 92 -8.49 17.19 14.82
N VAL B 93 -9.41 16.60 14.06
CA VAL B 93 -9.25 15.29 13.46
C VAL B 93 -9.65 15.40 12.00
N VAL B 94 -8.76 15.01 11.09
CA VAL B 94 -8.99 15.13 9.66
C VAL B 94 -8.93 13.80 8.93
N ASP B 95 -8.75 12.70 9.65
CA ASP B 95 -8.62 11.38 9.05
C ASP B 95 -9.49 10.39 9.81
N GLY B 96 -10.08 9.44 9.10
CA GLY B 96 -10.83 8.38 9.74
C GLY B 96 -12.32 8.65 9.78
N PRO B 97 -13.04 7.90 10.63
CA PRO B 97 -14.50 8.01 10.64
C PRO B 97 -15.04 9.27 11.29
N PHE B 98 -14.28 9.92 12.16
CA PHE B 98 -14.73 11.12 12.85
C PHE B 98 -14.06 12.35 12.25
N LYS B 99 -14.58 13.52 12.62
CA LYS B 99 -14.03 14.81 12.19
C LYS B 99 -14.12 15.80 13.34
N ASP B 100 -13.57 15.42 14.49
CA ASP B 100 -13.68 16.20 15.72
C ASP B 100 -13.22 17.63 15.50
N GLY B 101 -14.15 18.56 15.71
CA GLY B 101 -13.86 19.96 15.55
C GLY B 101 -14.99 20.77 16.12
N HIS B 102 -14.71 22.05 16.38
CA HIS B 102 -15.62 22.90 17.13
C HIS B 102 -15.83 24.21 16.40
N ASN B 103 -17.07 24.70 16.44
CA ASN B 103 -17.47 25.93 15.76
C ASN B 103 -17.65 27.04 16.79
N TYR B 104 -17.10 28.22 16.48
CA TYR B 104 -17.09 29.35 17.40
C TYR B 104 -17.61 30.61 16.70
N LEU B 105 -17.94 31.63 17.51
CA LEU B 105 -18.41 32.92 17.01
C LEU B 105 -17.64 34.04 17.70
N VAL B 106 -17.08 34.94 16.89
CA VAL B 106 -16.51 36.19 17.37
C VAL B 106 -17.18 37.34 16.64
N THR B 107 -17.23 38.51 17.28
CA THR B 107 -17.83 39.70 16.70
C THR B 107 -16.85 40.86 16.77
N ALA B 108 -17.09 41.85 15.92
CA ALA B 108 -16.30 43.09 15.92
C ALA B 108 -17.12 44.20 15.29
N ASP B 109 -16.69 45.43 15.54
CA ASP B 109 -17.32 46.58 14.91
C ASP B 109 -16.69 46.92 13.56
N ALA B 110 -15.37 46.88 13.49
CA ALA B 110 -14.63 47.04 12.24
C ALA B 110 -13.84 45.78 11.98
N VAL B 111 -13.77 45.40 10.70
CA VAL B 111 -13.16 44.12 10.32
C VAL B 111 -11.70 44.08 10.77
N ASP B 112 -10.99 45.20 10.67
CA ASP B 112 -9.61 45.28 11.15
C ASP B 112 -9.52 45.79 12.59
N GLY B 113 -10.65 45.91 13.29
CA GLY B 113 -10.64 46.28 14.69
C GLY B 113 -10.35 45.09 15.58
N GLU B 114 -10.79 45.19 16.82
CA GLU B 114 -10.57 44.14 17.81
C GLU B 114 -11.77 43.20 17.84
N TRP B 115 -11.48 41.90 17.73
CA TRP B 115 -12.52 40.88 17.74
C TRP B 115 -12.71 40.32 19.14
N SER B 116 -13.93 39.91 19.43
CA SER B 116 -14.29 39.46 20.76
C SER B 116 -13.62 38.11 21.07
N ASP B 117 -13.83 37.64 22.30
CA ASP B 117 -13.50 36.26 22.65
C ASP B 117 -14.60 35.34 22.12
N PRO B 118 -14.25 34.10 21.76
CA PRO B 118 -15.22 33.26 21.07
C PRO B 118 -16.32 32.75 21.97
N VAL B 119 -17.49 32.55 21.36
CA VAL B 119 -18.62 31.87 21.98
C VAL B 119 -18.72 30.48 21.38
N ARG B 120 -18.87 29.46 22.24
CA ARG B 120 -19.04 28.09 21.77
C ARG B 120 -20.40 27.93 21.09
N LEU B 121 -20.39 27.33 19.89
CA LEU B 121 -21.66 27.08 19.21
C LEU B 121 -22.02 25.60 19.26
N ASN B 122 -21.39 24.79 18.41
CA ASN B 122 -21.63 23.36 18.39
C ASN B 122 -20.38 22.66 17.85
N SER B 123 -20.45 21.33 17.75
CA SER B 123 -19.33 20.54 17.23
C SER B 123 -19.79 19.54 16.17
N SER B 124 -21.02 19.63 15.70
CA SER B 124 -21.68 18.57 14.96
C SER B 124 -21.29 18.49 13.50
N GLY B 125 -20.44 19.38 13.01
CA GLY B 125 -20.02 19.38 11.63
C GLY B 125 -19.39 20.69 11.24
N PHE B 126 -18.71 20.68 10.10
CA PHE B 126 -17.97 21.84 9.65
C PHE B 126 -18.84 22.71 8.73
N ASP B 127 -18.23 23.73 8.12
CA ASP B 127 -18.89 24.75 7.32
C ASP B 127 -20.02 25.44 8.09
N PRO B 128 -19.79 25.94 9.30
CA PRO B 128 -20.86 26.64 10.01
C PRO B 128 -21.13 27.99 9.36
N SER B 129 -22.41 28.35 9.31
CA SER B 129 -22.82 29.65 8.79
C SER B 129 -23.89 30.24 9.70
N LEU B 130 -23.84 31.56 9.87
CA LEU B 130 -24.80 32.29 10.69
C LEU B 130 -25.75 33.03 9.76
N PHE B 131 -27.04 32.73 9.89
CA PHE B 131 -28.07 33.31 9.03
C PHE B 131 -28.88 34.32 9.84
N HIS B 132 -28.92 35.56 9.37
CA HIS B 132 -29.69 36.62 10.02
C HIS B 132 -31.07 36.65 9.37
N ASP B 133 -32.04 35.98 10.00
CA ASP B 133 -33.37 35.88 9.42
C ASP B 133 -34.10 37.21 9.51
N PRO B 134 -34.91 37.57 8.50
CA PRO B 134 -35.63 38.85 8.54
C PRO B 134 -36.44 39.08 9.80
N SER B 135 -36.94 38.03 10.44
CA SER B 135 -37.73 38.16 11.65
C SER B 135 -36.93 38.67 12.85
N GLY B 136 -35.63 38.89 12.72
CA GLY B 136 -34.78 39.21 13.84
C GLY B 136 -34.13 38.03 14.52
N LYS B 137 -34.72 36.84 14.41
CA LYS B 137 -34.10 35.62 14.92
C LYS B 137 -32.81 35.31 14.15
N LYS B 138 -31.98 34.46 14.75
CA LYS B 138 -30.70 34.08 14.17
C LYS B 138 -30.57 32.56 14.18
N TYR B 139 -29.87 32.03 13.18
CA TYR B 139 -29.75 30.59 12.98
C TYR B 139 -28.35 30.22 12.55
N VAL B 140 -27.86 29.09 13.06
CA VAL B 140 -26.59 28.50 12.64
C VAL B 140 -26.89 27.29 11.78
N LEU B 141 -26.33 27.27 10.58
CA LEU B 141 -26.34 26.13 9.68
C LEU B 141 -24.97 25.46 9.73
N ASN B 142 -24.95 24.14 9.57
CA ASN B 142 -23.71 23.43 9.28
C ASN B 142 -24.06 22.07 8.67
N MET B 143 -23.06 21.45 8.06
CA MET B 143 -23.24 20.07 7.64
C MET B 143 -23.21 19.16 8.86
N LEU B 144 -23.93 18.05 8.79
CA LEU B 144 -23.97 17.05 9.85
C LEU B 144 -22.98 15.94 9.51
N TRP B 145 -21.95 15.75 10.33
CA TRP B 145 -21.00 14.66 10.09
C TRP B 145 -21.51 13.37 10.75
N ASP B 146 -21.57 12.30 9.97
CA ASP B 146 -22.07 11.02 10.43
C ASP B 146 -20.94 10.00 10.34
N HIS B 147 -20.44 9.59 11.50
CA HIS B 147 -19.34 8.65 11.60
C HIS B 147 -19.75 7.20 11.36
N ARG B 148 -21.04 6.89 11.36
CA ARG B 148 -21.47 5.50 11.43
C ARG B 148 -21.11 4.77 10.14
N GLU B 149 -20.71 3.49 10.29
CA GLU B 149 -20.08 2.78 9.19
C GLU B 149 -20.98 2.74 7.95
N LYS B 150 -22.26 2.42 8.13
CA LYS B 150 -23.13 2.17 7.00
C LYS B 150 -23.74 3.44 6.41
N HIS B 151 -23.41 4.62 6.94
CA HIS B 151 -24.01 5.87 6.52
C HIS B 151 -23.00 6.73 5.76
N HIS B 152 -23.47 7.41 4.71
CA HIS B 152 -22.66 8.42 4.06
C HIS B 152 -22.35 9.53 5.07
N SER B 153 -21.07 9.95 5.08
CA SER B 153 -20.57 10.82 6.14
C SER B 153 -21.19 12.21 6.10
N PHE B 154 -21.68 12.66 4.94
CA PHE B 154 -22.30 13.98 4.82
C PHE B 154 -23.81 13.75 4.95
N ALA B 155 -24.30 13.80 6.20
CA ALA B 155 -25.67 13.42 6.48
C ALA B 155 -26.70 14.51 6.18
N GLY B 156 -26.29 15.68 5.70
CA GLY B 156 -27.21 16.74 5.34
C GLY B 156 -26.91 18.04 6.07
N ILE B 157 -27.88 18.94 6.02
CA ILE B 157 -27.71 20.32 6.50
C ILE B 157 -28.50 20.47 7.79
N ALA B 158 -27.82 20.87 8.86
CA ALA B 158 -28.46 21.05 10.15
C ALA B 158 -28.81 22.52 10.35
N LEU B 159 -29.93 22.76 11.02
CA LEU B 159 -30.41 24.10 11.36
C LEU B 159 -30.75 24.16 12.84
N GLN B 160 -30.31 25.23 13.51
CA GLN B 160 -30.65 25.44 14.91
C GLN B 160 -30.56 26.91 15.23
N GLU B 161 -31.50 27.40 16.04
CA GLU B 161 -31.53 28.82 16.37
C GLU B 161 -30.40 29.20 17.32
N TYR B 162 -29.79 30.36 17.08
CA TYR B 162 -28.82 30.95 17.97
C TYR B 162 -29.46 32.08 18.76
N SER B 163 -29.43 31.97 20.08
CA SER B 163 -29.97 33.00 20.97
C SER B 163 -28.87 34.03 21.28
N VAL B 164 -29.02 35.24 20.76
CA VAL B 164 -28.03 36.28 21.00
C VAL B 164 -27.95 36.63 22.48
N SER B 165 -29.09 36.65 23.17
CA SER B 165 -29.10 37.09 24.56
C SER B 165 -28.47 36.05 25.48
N GLU B 166 -28.69 34.77 25.19
CA GLU B 166 -28.11 33.69 25.99
C GLU B 166 -26.75 33.25 25.47
N LYS B 167 -26.31 33.78 24.33
CA LYS B 167 -25.03 33.44 23.71
C LYS B 167 -24.84 31.92 23.62
N LYS B 168 -25.86 31.24 23.08
CA LYS B 168 -25.84 29.80 22.93
C LYS B 168 -26.90 29.38 21.93
N LEU B 169 -26.69 28.23 21.31
CA LEU B 169 -27.72 27.62 20.49
C LEU B 169 -28.85 27.12 21.38
N VAL B 170 -30.09 27.31 20.94
CA VAL B 170 -31.27 26.98 21.73
C VAL B 170 -32.23 26.17 20.88
N GLY B 171 -33.24 25.63 21.54
CA GLY B 171 -34.28 24.91 20.85
C GLY B 171 -33.78 23.63 20.21
N GLU B 172 -34.60 23.10 19.31
CA GLU B 172 -34.28 21.85 18.66
C GLU B 172 -33.44 22.06 17.41
N ARG B 173 -32.59 21.09 17.12
CA ARG B 173 -31.82 21.06 15.89
C ARG B 173 -32.57 20.23 14.84
N LYS B 174 -32.51 20.68 13.59
CA LYS B 174 -33.29 20.08 12.53
C LYS B 174 -32.46 19.94 11.26
N VAL B 175 -32.55 18.77 10.64
CA VAL B 175 -31.98 18.55 9.32
C VAL B 175 -33.00 18.98 8.28
N ILE B 176 -32.67 19.98 7.48
CA ILE B 176 -33.61 20.61 6.57
C ILE B 176 -33.40 20.19 5.12
N PHE B 177 -32.27 19.57 4.80
CA PHE B 177 -31.91 19.26 3.43
C PHE B 177 -30.94 18.09 3.44
N LYS B 178 -31.20 17.10 2.59
CA LYS B 178 -30.37 15.90 2.49
C LYS B 178 -29.46 15.91 1.27
N GLY B 179 -29.63 16.85 0.35
CA GLY B 179 -28.77 16.95 -0.80
C GLY B 179 -29.34 16.23 -2.02
N THR B 180 -28.52 16.21 -3.06
CA THR B 180 -28.80 15.58 -4.34
C THR B 180 -27.89 14.36 -4.52
N PRO B 181 -28.07 13.57 -5.59
CA PRO B 181 -27.19 12.40 -5.80
C PRO B 181 -25.70 12.73 -5.91
N ILE B 182 -25.35 14.01 -6.07
CA ILE B 182 -23.94 14.38 -6.02
C ILE B 182 -23.37 14.17 -4.63
N LYS B 183 -24.17 14.41 -3.58
CA LYS B 183 -23.81 14.12 -2.20
C LYS B 183 -22.59 14.91 -1.76
N LEU B 184 -21.99 14.50 -0.63
CA LEU B 184 -21.03 15.34 0.09
C LEU B 184 -21.61 16.74 0.28
N THR B 185 -22.87 16.78 0.69
CA THR B 185 -23.59 18.04 0.84
C THR B 185 -22.97 18.87 1.95
N GLN B 186 -22.64 20.12 1.62
CA GLN B 186 -21.66 20.90 2.37
C GLN B 186 -22.02 22.39 2.30
N ALA B 187 -21.24 23.20 3.00
CA ALA B 187 -21.21 24.65 2.82
C ALA B 187 -22.59 25.33 2.73
N PRO B 188 -23.48 25.09 3.68
CA PRO B 188 -24.82 25.69 3.59
C PRO B 188 -24.78 27.19 3.86
N HIS B 189 -25.43 27.95 2.97
CA HIS B 189 -25.71 29.37 3.18
C HIS B 189 -27.17 29.63 2.86
N LEU B 190 -27.86 30.32 3.77
CA LEU B 190 -29.27 30.65 3.62
C LEU B 190 -29.44 32.09 3.17
N TYR B 191 -30.46 32.32 2.34
CA TYR B 191 -30.75 33.67 1.81
C TYR B 191 -32.25 33.85 1.72
N TYR B 192 -32.73 34.98 2.22
CA TYR B 192 -34.12 35.40 2.06
C TYR B 192 -34.20 36.33 0.86
N ILE B 193 -34.89 35.88 -0.20
CA ILE B 193 -34.99 36.62 -1.46
C ILE B 193 -36.42 36.51 -1.94
N ASN B 194 -37.11 37.65 -2.07
CA ASN B 194 -38.48 37.69 -2.58
C ASN B 194 -39.40 36.75 -1.80
N ASP B 195 -39.30 36.82 -0.47
CA ASP B 195 -40.15 36.08 0.45
C ASP B 195 -39.99 34.57 0.35
N VAL B 196 -38.87 34.08 -0.19
CA VAL B 196 -38.59 32.65 -0.19
C VAL B 196 -37.15 32.42 0.22
N TYR B 197 -36.91 31.26 0.84
CA TYR B 197 -35.59 30.90 1.34
C TYR B 197 -34.82 30.14 0.27
N TYR B 198 -33.58 30.55 0.01
CA TYR B 198 -32.69 29.86 -0.90
C TYR B 198 -31.54 29.25 -0.11
N LEU B 199 -31.36 27.94 -0.25
CA LEU B 199 -30.28 27.23 0.43
C LEU B 199 -29.20 26.90 -0.61
N LEU B 200 -28.03 27.51 -0.46
CA LEU B 200 -26.88 27.23 -1.30
C LEU B 200 -25.97 26.24 -0.59
N THR B 201 -25.55 25.20 -1.32
CA THR B 201 -24.66 24.19 -0.74
C THR B 201 -23.55 23.85 -1.74
N ALA B 202 -22.51 23.22 -1.21
CA ALA B 202 -21.48 22.58 -2.03
C ALA B 202 -21.73 21.08 -2.04
N GLU B 203 -21.32 20.43 -3.14
CA GLU B 203 -21.48 18.99 -3.28
C GLU B 203 -20.36 18.44 -4.14
N GLY B 204 -20.13 17.14 -4.01
CA GLY B 204 -19.10 16.45 -4.76
C GLY B 204 -17.70 16.44 -4.18
N GLY B 205 -17.47 17.14 -3.06
CA GLY B 205 -16.14 17.20 -2.48
C GLY B 205 -15.29 18.22 -3.19
N THR B 206 -14.18 18.66 -2.60
CA THR B 206 -13.45 19.80 -3.11
C THR B 206 -12.34 19.42 -4.10
N ARG B 207 -12.39 18.21 -4.66
CA ARG B 207 -11.51 17.89 -5.77
C ARG B 207 -12.25 18.18 -7.07
N TYR B 208 -12.04 17.40 -8.13
CA TYR B 208 -12.52 17.82 -9.44
C TYR B 208 -14.00 17.54 -9.66
N GLU B 209 -14.67 16.88 -8.72
CA GLU B 209 -16.12 16.71 -8.75
C GLU B 209 -16.87 17.85 -8.06
N HIS B 210 -16.17 18.90 -7.64
CA HIS B 210 -16.79 19.97 -6.86
C HIS B 210 -17.94 20.62 -7.63
N ALA B 211 -18.95 21.07 -6.89
CA ALA B 211 -20.12 21.70 -7.48
C ALA B 211 -20.82 22.57 -6.44
N ALA B 212 -21.65 23.48 -6.93
CA ALA B 212 -22.53 24.29 -6.09
C ALA B 212 -23.97 23.98 -6.46
N THR B 213 -24.75 23.56 -5.47
CA THR B 213 -26.16 23.25 -5.60
C THR B 213 -26.97 24.37 -4.96
N ILE B 214 -28.17 24.62 -5.47
CA ILE B 214 -29.09 25.56 -4.85
C ILE B 214 -30.49 24.98 -4.83
N ALA B 215 -31.23 25.29 -3.77
CA ALA B 215 -32.59 24.86 -3.58
C ALA B 215 -33.35 26.00 -2.91
N ARG B 216 -34.68 25.91 -2.92
CA ARG B 216 -35.48 26.98 -2.37
C ARG B 216 -36.68 26.41 -1.64
N SER B 217 -37.25 27.22 -0.74
CA SER B 217 -38.38 26.80 0.06
C SER B 217 -39.10 28.03 0.59
N SER B 218 -40.39 27.84 0.90
CA SER B 218 -41.17 28.89 1.54
C SER B 218 -40.82 29.01 3.02
N ARG B 219 -40.55 27.90 3.68
CA ARG B 219 -40.20 27.88 5.10
C ARG B 219 -38.70 27.66 5.27
N ILE B 220 -38.17 28.19 6.38
CA ILE B 220 -36.73 28.06 6.64
C ILE B 220 -36.34 26.60 6.81
N ASP B 221 -37.24 25.77 7.35
CA ASP B 221 -36.97 24.37 7.62
C ASP B 221 -37.44 23.44 6.51
N GLY B 222 -37.80 23.98 5.35
CA GLY B 222 -38.12 23.17 4.20
C GLY B 222 -39.53 22.64 4.22
N PRO B 223 -39.83 21.64 3.34
CA PRO B 223 -38.87 21.00 2.42
C PRO B 223 -38.42 21.90 1.28
N TYR B 224 -37.19 21.69 0.80
CA TYR B 224 -36.60 22.48 -0.25
C TYR B 224 -36.70 21.76 -1.59
N GLU B 225 -37.02 22.49 -2.64
CA GLU B 225 -37.00 21.97 -4.00
C GLU B 225 -35.72 22.40 -4.70
N VAL B 226 -35.12 21.49 -5.46
CA VAL B 226 -33.82 21.73 -6.06
C VAL B 226 -33.99 22.38 -7.43
N HIS B 227 -33.10 23.32 -7.73
CA HIS B 227 -32.93 24.00 -9.01
C HIS B 227 -33.09 23.02 -10.18
N PRO B 228 -33.88 23.35 -11.21
CA PRO B 228 -34.13 22.37 -12.28
C PRO B 228 -32.94 22.10 -13.17
N ASP B 229 -31.91 22.95 -13.16
CA ASP B 229 -30.69 22.68 -13.90
C ASP B 229 -29.49 22.61 -12.94
N ASN B 230 -29.68 21.87 -11.84
CA ASN B 230 -28.64 21.71 -10.83
C ASN B 230 -27.55 20.76 -11.34
N PRO B 231 -26.28 20.99 -10.95
CA PRO B 231 -25.71 22.10 -10.17
C PRO B 231 -25.59 23.39 -10.97
N ILE B 232 -25.61 24.53 -10.28
CA ILE B 232 -25.47 25.80 -10.96
C ILE B 232 -24.02 26.14 -11.25
N LEU B 233 -23.07 25.50 -10.55
CA LEU B 233 -21.65 25.74 -10.78
C LEU B 233 -20.93 24.40 -10.66
N THR B 234 -20.10 24.09 -11.66
CA THR B 234 -19.18 22.94 -11.63
C THR B 234 -18.31 22.91 -12.88
N ALA B 235 -17.10 22.37 -12.76
CA ALA B 235 -16.25 22.10 -13.91
C ALA B 235 -15.99 20.60 -14.07
N PHE B 236 -16.75 19.75 -13.38
CA PHE B 236 -16.53 18.31 -13.41
C PHE B 236 -16.55 17.78 -14.84
N HIS B 237 -17.41 18.33 -15.69
CA HIS B 237 -17.60 17.87 -17.05
C HIS B 237 -16.61 18.47 -18.06
N ALA B 238 -15.85 19.49 -17.67
CA ALA B 238 -14.99 20.24 -18.60
C ALA B 238 -13.55 20.19 -18.11
N PRO B 239 -12.84 19.09 -18.37
CA PRO B 239 -11.48 18.94 -17.83
C PRO B 239 -10.48 19.95 -18.37
N SER B 240 -10.67 20.48 -19.58
CA SER B 240 -9.71 21.44 -20.11
C SER B 240 -9.97 22.86 -19.66
N HIS B 241 -11.13 23.12 -19.04
CA HIS B 241 -11.46 24.45 -18.57
C HIS B 241 -10.39 24.97 -17.62
N PRO B 242 -10.02 26.25 -17.70
CA PRO B 242 -8.93 26.76 -16.85
C PRO B 242 -9.32 26.93 -15.40
N LEU B 243 -10.61 26.92 -15.07
CA LEU B 243 -11.08 26.97 -13.69
C LEU B 243 -11.62 25.59 -13.32
N GLN B 244 -11.04 24.97 -12.30
CA GLN B 244 -11.46 23.65 -11.86
C GLN B 244 -11.90 23.69 -10.40
N LYS B 245 -12.50 22.57 -9.96
CA LYS B 245 -12.95 22.40 -8.56
C LYS B 245 -13.87 23.54 -8.13
N CYS B 246 -14.81 23.89 -9.00
CA CYS B 246 -15.61 25.10 -8.81
C CYS B 246 -16.80 24.79 -7.91
N GLY B 247 -16.72 25.21 -6.65
CA GLY B 247 -17.79 24.98 -5.71
C GLY B 247 -17.56 25.77 -4.44
N HIS B 248 -18.35 25.45 -3.42
CA HIS B 248 -18.32 26.14 -2.14
C HIS B 248 -18.49 27.65 -2.35
N ALA B 249 -19.70 28.02 -2.71
CA ALA B 249 -20.01 29.38 -3.13
C ALA B 249 -20.73 30.16 -2.05
N SER B 250 -20.68 31.49 -2.18
CA SER B 250 -21.53 32.39 -1.43
C SER B 250 -22.01 33.52 -2.34
N ILE B 251 -23.23 33.99 -2.10
CA ILE B 251 -23.89 34.96 -2.96
C ILE B 251 -23.91 36.32 -2.26
N VAL B 252 -23.71 37.39 -3.04
CA VAL B 252 -23.91 38.75 -2.56
C VAL B 252 -24.83 39.48 -3.53
N GLN B 253 -25.73 40.29 -2.98
CA GLN B 253 -26.50 41.26 -3.76
C GLN B 253 -25.84 42.62 -3.56
N THR B 254 -25.37 43.23 -4.65
CA THR B 254 -24.62 44.47 -4.55
C THR B 254 -25.57 45.64 -4.26
N HIS B 255 -24.97 46.76 -3.84
CA HIS B 255 -25.76 47.96 -3.61
C HIS B 255 -26.29 48.57 -4.91
N THR B 256 -25.89 48.02 -6.05
CA THR B 256 -26.42 48.40 -7.36
C THR B 256 -27.50 47.45 -7.85
N ASN B 257 -28.06 46.64 -6.96
CA ASN B 257 -29.05 45.61 -7.32
C ASN B 257 -28.53 44.69 -8.42
N GLU B 258 -27.30 44.19 -8.23
CA GLU B 258 -26.72 43.17 -9.07
C GLU B 258 -26.39 41.95 -8.21
N TRP B 259 -26.14 40.81 -8.87
CA TRP B 259 -25.98 39.55 -8.17
C TRP B 259 -24.66 38.89 -8.56
N TYR B 260 -23.90 38.46 -7.55
CA TYR B 260 -22.59 37.86 -7.80
C TYR B 260 -22.37 36.69 -6.86
N LEU B 261 -21.45 35.81 -7.27
CA LEU B 261 -21.22 34.54 -6.61
C LEU B 261 -19.72 34.32 -6.47
N ALA B 262 -19.25 34.25 -5.24
CA ALA B 262 -17.84 33.94 -4.97
C ALA B 262 -17.71 32.44 -4.72
N HIS B 263 -16.65 31.85 -5.27
CA HIS B 263 -16.45 30.41 -5.12
C HIS B 263 -14.95 30.11 -5.13
N LEU B 264 -14.60 28.95 -4.57
CA LEU B 264 -13.22 28.52 -4.69
C LEU B 264 -13.01 27.82 -6.04
N THR B 265 -11.75 27.70 -6.43
CA THR B 265 -11.39 27.03 -7.67
C THR B 265 -9.89 26.74 -7.65
N GLY B 266 -9.49 25.78 -8.47
CA GLY B 266 -8.09 25.42 -8.61
C GLY B 266 -7.66 25.53 -10.05
N ARG B 267 -6.38 25.88 -10.25
CA ARG B 267 -5.80 26.04 -11.59
C ARG B 267 -4.70 25.00 -11.74
N PRO B 268 -5.02 23.83 -12.28
CA PRO B 268 -4.05 22.73 -12.26
C PRO B 268 -2.99 22.83 -13.36
N ILE B 269 -1.79 22.39 -13.01
CA ILE B 269 -0.76 22.06 -13.97
C ILE B 269 -1.03 20.65 -14.49
N HIS B 270 -0.86 20.45 -15.79
CA HIS B 270 -1.21 19.19 -16.41
C HIS B 270 0.02 18.34 -16.68
N SER B 271 -0.22 17.06 -16.99
CA SER B 271 0.83 16.06 -17.07
C SER B 271 1.51 15.99 -18.44
N SER B 272 0.72 15.93 -19.51
CA SER B 272 1.15 15.72 -20.90
C SER B 272 1.48 14.26 -21.17
N LYS B 273 2.06 13.57 -20.20
CA LYS B 273 2.14 12.11 -20.29
C LYS B 273 0.78 11.46 -20.13
N GLU B 274 -0.22 12.19 -19.65
CA GLU B 274 -1.52 11.63 -19.32
C GLU B 274 -2.64 12.46 -19.93
N SER B 275 -3.79 11.82 -20.08
CA SER B 275 -4.99 12.53 -20.51
C SER B 275 -5.54 13.37 -19.36
N ILE B 276 -5.96 14.60 -19.68
CA ILE B 276 -6.55 15.45 -18.66
C ILE B 276 -7.87 14.89 -18.15
N PHE B 277 -8.55 14.05 -18.93
CA PHE B 277 -9.80 13.47 -18.49
C PHE B 277 -9.60 12.43 -17.40
N GLN B 278 -8.42 11.81 -17.34
CA GLN B 278 -8.07 10.84 -16.31
C GLN B 278 -7.21 11.42 -15.20
N GLN B 279 -6.22 12.24 -15.55
CA GLN B 279 -5.35 12.91 -14.59
C GLN B 279 -5.65 14.40 -14.69
N ARG B 280 -6.46 14.92 -13.77
CA ARG B 280 -6.94 16.29 -13.89
C ARG B 280 -5.88 17.33 -13.53
N GLY B 281 -4.80 16.93 -12.88
CA GLY B 281 -3.65 17.80 -12.68
C GLY B 281 -3.41 18.15 -11.21
N TRP B 282 -2.41 19.00 -10.99
CA TRP B 282 -1.90 19.36 -9.67
C TRP B 282 -1.92 20.87 -9.50
N CYS B 283 -2.36 21.33 -8.33
CA CYS B 283 -2.59 22.75 -8.04
C CYS B 283 -1.65 23.21 -6.94
N PRO B 284 -0.43 23.63 -7.27
CA PRO B 284 0.48 24.10 -6.23
C PRO B 284 0.03 25.39 -5.56
N LEU B 285 -0.80 26.20 -6.22
CA LEU B 285 -1.37 27.38 -5.60
C LEU B 285 -2.59 27.06 -4.76
N GLY B 286 -2.93 25.78 -4.61
CA GLY B 286 -4.05 25.42 -3.76
C GLY B 286 -5.37 25.79 -4.39
N ARG B 287 -6.34 26.08 -3.54
CA ARG B 287 -7.66 26.53 -3.97
C ARG B 287 -7.72 28.04 -3.83
N GLU B 288 -8.05 28.71 -4.94
CA GLU B 288 -8.10 30.16 -5.02
C GLU B 288 -9.56 30.60 -5.07
N THR B 289 -9.78 31.92 -5.00
CA THR B 289 -11.12 32.49 -4.97
C THR B 289 -11.42 33.20 -6.28
N ALA B 290 -12.59 32.92 -6.85
CA ALA B 290 -13.04 33.56 -8.07
C ALA B 290 -14.47 34.05 -7.86
N ILE B 291 -14.89 34.97 -8.74
CA ILE B 291 -16.23 35.55 -8.67
C ILE B 291 -16.91 35.39 -10.03
N GLN B 292 -18.17 34.94 -10.00
CA GLN B 292 -19.01 34.82 -11.18
C GLN B 292 -20.22 35.74 -11.03
N LYS B 293 -20.81 36.08 -12.17
CA LYS B 293 -22.02 36.90 -12.19
C LYS B 293 -23.24 35.99 -12.31
N LEU B 294 -24.32 36.37 -11.64
CA LEU B 294 -25.57 35.63 -11.67
C LEU B 294 -26.66 36.43 -12.37
N GLU B 295 -27.46 35.74 -13.17
CA GLU B 295 -28.69 36.29 -13.72
C GLU B 295 -29.85 35.41 -13.31
N TRP B 296 -31.03 36.01 -13.21
CA TRP B 296 -32.20 35.35 -12.65
C TRP B 296 -33.23 35.05 -13.73
N LYS B 297 -33.83 33.85 -13.65
CA LYS B 297 -34.96 33.51 -14.50
C LYS B 297 -35.92 32.63 -13.71
N ASP B 298 -37.18 33.07 -13.61
CA ASP B 298 -38.24 32.31 -12.95
C ASP B 298 -37.88 31.98 -11.50
N GLY B 299 -37.24 32.92 -10.81
CA GLY B 299 -36.88 32.73 -9.41
C GLY B 299 -35.78 31.72 -9.17
N TRP B 300 -34.85 31.58 -10.13
CA TRP B 300 -33.72 30.66 -10.04
C TRP B 300 -32.50 31.43 -10.56
N PRO B 301 -31.37 31.38 -9.85
CA PRO B 301 -30.16 32.03 -10.37
C PRO B 301 -29.40 31.13 -11.33
N TYR B 302 -28.65 31.77 -12.24
CA TYR B 302 -27.87 31.08 -13.25
C TYR B 302 -26.51 31.76 -13.36
N VAL B 303 -25.46 30.96 -13.52
CA VAL B 303 -24.12 31.51 -13.69
C VAL B 303 -23.96 31.95 -15.14
N VAL B 304 -23.67 33.24 -15.34
CA VAL B 304 -23.55 33.76 -16.71
C VAL B 304 -22.28 33.20 -17.34
N GLY B 305 -22.42 32.71 -18.58
CA GLY B 305 -21.36 32.00 -19.25
C GLY B 305 -21.42 30.50 -19.11
N GLY B 306 -22.33 29.98 -18.30
CA GLY B 306 -22.43 28.54 -18.07
C GLY B 306 -21.87 28.14 -16.72
N LYS B 307 -22.01 26.84 -16.43
CA LYS B 307 -21.71 26.33 -15.09
C LYS B 307 -20.22 26.34 -14.77
N GLU B 308 -19.34 26.45 -15.77
CA GLU B 308 -17.91 26.30 -15.52
C GLU B 308 -17.24 27.58 -15.04
N GLY B 309 -17.93 28.72 -15.11
CA GLY B 309 -17.31 29.98 -14.75
C GLY B 309 -16.41 30.52 -15.85
N LEU B 310 -16.17 31.82 -15.78
CA LEU B 310 -15.33 32.51 -16.76
C LEU B 310 -14.11 33.10 -16.07
N LEU B 311 -13.04 33.28 -16.85
CA LEU B 311 -11.88 33.99 -16.34
C LEU B 311 -12.14 35.49 -16.28
N GLU B 312 -12.84 36.04 -17.27
CA GLU B 312 -13.19 37.45 -17.33
C GLU B 312 -14.68 37.58 -17.09
N VAL B 313 -15.05 38.30 -16.03
CA VAL B 313 -16.44 38.42 -15.59
C VAL B 313 -16.84 39.89 -15.58
N GLU B 314 -18.06 40.16 -16.06
CA GLU B 314 -18.69 41.47 -16.07
C GLU B 314 -18.71 42.13 -14.68
N ALA B 315 -17.86 43.13 -14.48
CA ALA B 315 -17.81 43.86 -13.21
C ALA B 315 -19.14 44.55 -12.93
N PRO B 316 -19.43 44.84 -11.66
CA PRO B 316 -20.69 45.52 -11.33
C PRO B 316 -20.62 47.02 -11.63
N ALA B 317 -21.81 47.64 -11.70
CA ALA B 317 -21.91 49.06 -11.99
C ALA B 317 -21.41 49.91 -10.82
N MET B 318 -20.10 49.91 -10.59
CA MET B 318 -19.53 50.60 -9.45
C MET B 318 -18.22 51.27 -9.84
N SER B 319 -17.79 52.22 -9.00
CA SER B 319 -16.57 52.95 -9.26
C SER B 319 -15.36 52.05 -9.01
N VAL B 320 -14.47 51.97 -9.99
CA VAL B 320 -13.24 51.22 -9.82
C VAL B 320 -12.39 51.86 -8.72
N LYS B 321 -11.79 51.03 -7.89
CA LYS B 321 -10.76 51.51 -6.96
C LYS B 321 -9.74 50.43 -6.72
N GLU B 322 -8.50 50.68 -7.14
CA GLU B 322 -7.40 49.82 -6.79
C GLU B 322 -6.84 50.21 -5.43
N PHE B 323 -5.90 49.42 -4.93
CA PHE B 323 -5.29 49.68 -3.63
C PHE B 323 -3.78 49.61 -3.76
N SER B 324 -3.11 50.28 -2.83
CA SER B 324 -1.67 50.15 -2.73
C SER B 324 -1.31 48.71 -2.36
N PRO B 325 -0.18 48.20 -2.86
CA PRO B 325 0.24 46.85 -2.47
C PRO B 325 0.49 46.79 -0.97
N THR B 326 0.17 45.64 -0.37
CA THR B 326 0.28 45.47 1.06
C THR B 326 1.54 44.71 1.48
N TYR B 327 2.49 44.52 0.57
CA TYR B 327 3.78 43.93 0.92
C TYR B 327 4.88 44.62 0.12
N HIS B 328 6.10 44.57 0.68
CA HIS B 328 7.29 45.06 0.00
C HIS B 328 7.83 43.97 -0.90
N ILE B 329 8.13 44.31 -2.15
CA ILE B 329 8.74 43.33 -3.04
C ILE B 329 10.06 42.85 -2.46
N VAL B 330 10.83 43.76 -1.86
CA VAL B 330 11.98 43.42 -1.04
C VAL B 330 11.73 43.99 0.35
N ASP B 331 11.51 43.10 1.32
CA ASP B 331 11.24 43.49 2.70
C ASP B 331 12.54 43.40 3.48
N GLU B 332 12.96 44.52 4.05
CA GLU B 332 14.19 44.58 4.83
C GLU B 332 13.93 44.57 6.33
N PHE B 333 12.70 44.27 6.74
CA PHE B 333 12.33 44.14 8.16
C PHE B 333 12.57 45.43 8.93
N LYS B 334 12.48 46.57 8.25
CA LYS B 334 12.55 47.86 8.93
C LYS B 334 11.26 48.18 9.67
N ASP B 335 10.16 47.50 9.36
CA ASP B 335 8.89 47.83 9.98
C ASP B 335 8.82 47.26 11.40
N SER B 336 7.82 47.73 12.15
CA SER B 336 7.74 47.42 13.57
C SER B 336 7.34 45.98 13.83
N SER B 337 6.46 45.43 12.99
CA SER B 337 6.01 44.05 13.12
C SER B 337 6.13 43.34 11.79
N LEU B 338 5.86 42.04 11.79
CA LEU B 338 5.90 41.26 10.57
C LEU B 338 4.80 41.70 9.63
N ASN B 339 5.14 41.83 8.34
CA ASN B 339 4.17 42.18 7.33
C ASN B 339 3.00 41.20 7.33
N ARG B 340 1.83 41.68 6.90
CA ARG B 340 0.58 40.93 7.01
C ARG B 340 0.50 39.73 6.07
N HIS B 341 1.43 39.58 5.13
CA HIS B 341 1.41 38.42 4.26
C HIS B 341 2.28 37.28 4.79
N PHE B 342 2.99 37.50 5.88
CA PHE B 342 3.74 36.45 6.54
C PHE B 342 2.84 35.75 7.55
N GLN B 343 3.01 34.43 7.66
CA GLN B 343 2.27 33.68 8.67
C GLN B 343 3.21 32.66 9.29
N THR B 344 2.85 32.20 10.48
CA THR B 344 3.56 31.15 11.17
C THR B 344 2.69 29.91 11.24
N LEU B 345 3.30 28.78 11.58
CA LEU B 345 2.57 27.53 11.69
C LEU B 345 2.00 27.40 13.10
N ARG B 346 0.68 27.45 13.19
CA ARG B 346 -0.08 27.05 14.38
C ARG B 346 -0.01 28.03 15.55
N ILE B 347 1.18 28.54 15.87
CA ILE B 347 1.37 29.34 17.07
C ILE B 347 1.64 30.80 16.72
N PRO B 348 1.34 31.74 17.61
CA PRO B 348 1.66 33.15 17.33
C PRO B 348 3.17 33.39 17.28
N PHE B 349 3.54 34.45 16.56
CA PHE B 349 4.93 34.86 16.44
C PHE B 349 5.35 35.57 17.73
N THR B 350 6.17 34.90 18.55
CA THR B 350 6.68 35.44 19.81
C THR B 350 8.16 35.11 19.94
N ASP B 351 8.78 35.62 21.01
CA ASP B 351 10.19 35.35 21.28
C ASP B 351 10.50 33.87 21.37
N GLN B 352 9.49 33.02 21.52
CA GLN B 352 9.73 31.58 21.46
C GLN B 352 10.41 31.18 20.16
N ILE B 353 10.02 31.81 19.05
CA ILE B 353 10.55 31.42 17.75
C ILE B 353 11.36 32.52 17.07
N GLY B 354 11.21 33.78 17.43
CA GLY B 354 12.02 34.80 16.79
C GLY B 354 11.67 36.20 17.27
N SER B 355 12.27 37.18 16.60
CA SER B 355 12.07 38.58 16.94
C SER B 355 12.47 39.46 15.75
N VAL B 356 11.72 40.55 15.56
CA VAL B 356 12.09 41.59 14.61
C VAL B 356 12.83 42.74 15.27
N THR B 357 12.92 42.77 16.60
CA THR B 357 13.54 43.87 17.33
C THR B 357 14.92 43.56 17.88
N GLU B 358 15.21 42.30 18.23
CA GLU B 358 16.47 41.99 18.91
C GLU B 358 17.67 42.34 18.05
N ASN B 359 17.60 42.07 16.75
CA ASN B 359 18.59 42.56 15.79
C ASN B 359 17.84 43.41 14.78
N PRO B 360 17.80 44.73 14.95
CA PRO B 360 16.91 45.56 14.13
C PRO B 360 17.23 45.45 12.65
N HIS B 361 16.19 45.63 11.83
CA HIS B 361 16.28 45.49 10.38
C HIS B 361 16.73 44.09 9.98
N HIS B 362 16.47 43.12 10.85
CA HIS B 362 16.64 41.70 10.58
C HIS B 362 15.47 40.95 11.19
N LEU B 363 15.10 39.83 10.57
CA LEU B 363 14.22 38.86 11.19
C LEU B 363 15.11 37.81 11.85
N ARG B 364 15.12 37.78 13.18
CA ARG B 364 15.86 36.78 13.91
C ARG B 364 14.94 35.60 14.20
N LEU B 365 15.42 34.39 13.94
CA LEU B 365 14.70 33.16 14.24
C LEU B 365 15.57 32.30 15.14
N TYR B 366 15.01 31.88 16.27
CA TYR B 366 15.70 30.99 17.20
C TYR B 366 15.39 29.55 16.83
N GLY B 367 16.43 28.77 16.58
CA GLY B 367 16.28 27.38 16.17
C GLY B 367 15.40 26.55 17.09
N GLN B 368 14.29 26.05 16.54
CA GLN B 368 13.41 25.17 17.30
C GLN B 368 13.25 23.84 16.58
N GLU B 369 12.01 23.39 16.38
CA GLU B 369 11.78 22.03 15.92
C GLU B 369 11.80 21.94 14.39
N SER B 370 11.99 20.72 13.92
CA SER B 370 12.15 20.46 12.49
C SER B 370 10.86 20.79 11.73
N LEU B 371 10.96 20.74 10.40
CA LEU B 371 9.83 21.05 9.53
C LEU B 371 8.73 19.98 9.56
N THR B 372 8.99 18.83 10.19
CA THR B 372 7.99 17.78 10.32
C THR B 372 7.18 17.92 11.61
N SER B 373 7.45 18.92 12.43
CA SER B 373 6.81 19.05 13.73
C SER B 373 5.54 19.87 13.64
N LYS B 374 4.46 19.35 14.23
CA LYS B 374 3.20 20.09 14.34
C LYS B 374 3.14 20.95 15.60
N PHE B 375 4.28 21.25 16.21
CA PHE B 375 4.23 21.98 17.46
C PHE B 375 4.91 23.34 17.34
N THR B 376 6.22 23.42 17.54
CA THR B 376 6.90 24.71 17.63
C THR B 376 7.98 24.82 16.55
N GLN B 377 7.64 25.50 15.46
CA GLN B 377 8.54 25.69 14.32
C GLN B 377 8.91 27.16 14.17
N ALA B 378 10.22 27.43 14.11
CA ALA B 378 10.72 28.78 13.87
C ALA B 378 10.77 28.98 12.36
N PHE B 379 9.64 29.37 11.81
CA PHE B 379 9.38 29.33 10.37
C PHE B 379 8.40 30.45 10.05
N VAL B 380 8.80 31.36 9.17
CA VAL B 380 7.96 32.48 8.75
C VAL B 380 7.85 32.41 7.23
N ALA B 381 6.63 32.37 6.72
CA ALA B 381 6.46 32.06 5.30
C ALA B 381 5.26 32.81 4.73
N ARG B 382 5.19 32.79 3.40
CA ARG B 382 4.12 33.47 2.66
C ARG B 382 3.75 32.62 1.44
N ARG B 383 2.56 32.87 0.91
CA ARG B 383 1.98 32.02 -0.12
C ARG B 383 2.70 32.16 -1.45
N TRP B 384 2.85 31.04 -2.17
CA TRP B 384 2.96 31.08 -3.62
C TRP B 384 1.68 31.65 -4.19
N GLN B 385 1.78 32.72 -4.98
CA GLN B 385 0.60 33.33 -5.57
C GLN B 385 0.73 33.54 -7.07
N SER B 386 1.81 33.04 -7.67
CA SER B 386 1.96 33.03 -9.11
C SER B 386 2.71 31.76 -9.50
N PHE B 387 2.46 31.29 -10.72
CA PHE B 387 3.22 30.18 -11.26
C PHE B 387 4.65 30.56 -11.63
N TYR B 388 4.96 31.85 -11.66
CA TYR B 388 6.27 32.34 -12.08
C TYR B 388 6.70 33.42 -11.10
N PHE B 389 7.72 33.14 -10.30
CA PHE B 389 8.23 34.12 -9.35
C PHE B 389 9.61 33.70 -8.89
N GLU B 390 10.28 34.63 -8.22
CA GLU B 390 11.54 34.38 -7.53
C GLU B 390 11.38 34.82 -6.08
N ALA B 391 11.92 34.00 -5.17
CA ALA B 391 12.01 34.36 -3.76
C ALA B 391 13.46 34.28 -3.34
N GLU B 392 13.89 35.19 -2.48
CA GLU B 392 15.30 35.32 -2.16
C GLU B 392 15.46 35.93 -0.78
N THR B 393 16.50 35.50 -0.08
CA THR B 393 16.76 35.97 1.28
C THR B 393 18.26 35.84 1.55
N ALA B 394 18.71 36.48 2.64
CA ALA B 394 20.10 36.46 3.04
C ALA B 394 20.17 36.15 4.53
N VAL B 395 20.91 35.10 4.89
CA VAL B 395 20.89 34.56 6.25
C VAL B 395 22.30 34.65 6.83
N SER B 396 22.40 35.16 8.05
CA SER B 396 23.59 35.05 8.86
C SER B 396 23.35 33.95 9.89
N PHE B 397 24.10 32.86 9.77
CA PHE B 397 23.89 31.70 10.62
C PHE B 397 25.21 30.96 10.73
N PHE B 398 25.67 30.74 11.97
CA PHE B 398 26.96 30.11 12.23
C PHE B 398 26.73 28.89 13.12
N PRO B 399 26.29 27.78 12.53
CA PRO B 399 25.97 26.59 13.32
C PRO B 399 27.22 25.83 13.74
N LYS B 400 27.11 25.15 14.88
CA LYS B 400 28.23 24.44 15.47
C LYS B 400 28.09 22.92 15.46
N ASN B 401 26.88 22.40 15.24
CA ASN B 401 26.68 20.96 15.13
C ASN B 401 25.69 20.68 14.00
N PHE B 402 25.61 19.41 13.61
CA PHE B 402 24.75 19.01 12.49
C PHE B 402 23.27 19.18 12.78
N GLN B 403 22.88 19.38 14.03
CA GLN B 403 21.48 19.50 14.41
C GLN B 403 20.95 20.92 14.28
N GLN B 404 21.75 21.85 13.75
CA GLN B 404 21.36 23.24 13.56
C GLN B 404 21.38 23.54 12.08
N ALA B 405 20.30 24.19 11.59
CA ALA B 405 20.20 24.51 10.18
C ALA B 405 19.17 25.63 10.01
N ALA B 406 19.41 26.46 9.00
CA ALA B 406 18.53 27.60 8.75
C ALA B 406 18.65 28.02 7.29
N GLY B 407 17.54 28.49 6.73
CA GLY B 407 17.58 28.93 5.35
C GLY B 407 16.23 29.15 4.72
N LEU B 408 16.12 28.79 3.43
CA LEU B 408 14.94 29.05 2.62
C LEU B 408 14.18 27.76 2.39
N VAL B 409 12.85 27.82 2.55
CA VAL B 409 12.00 26.63 2.54
C VAL B 409 10.83 26.84 1.59
N ASN B 410 10.51 25.80 0.82
CA ASN B 410 9.25 25.72 0.10
C ASN B 410 8.45 24.55 0.67
N TYR B 411 7.19 24.82 1.05
CA TYR B 411 6.51 24.03 2.06
C TYR B 411 5.03 23.87 1.73
N TYR B 412 4.52 22.64 1.89
CA TYR B 412 3.09 22.39 1.86
C TYR B 412 2.57 21.96 3.23
N ASN B 413 3.12 20.89 3.81
CA ASN B 413 2.77 20.48 5.17
C ASN B 413 3.98 19.81 5.79
N THR B 414 3.81 19.25 7.00
CA THR B 414 4.96 18.70 7.73
C THR B 414 5.61 17.55 6.99
N GLU B 415 4.93 16.91 6.06
CA GLU B 415 5.47 15.77 5.33
C GLU B 415 5.94 16.12 3.93
N ASN B 416 5.74 17.37 3.47
CA ASN B 416 6.01 17.74 2.08
C ASN B 416 6.65 19.11 2.04
N TRP B 417 7.96 19.15 1.82
CA TRP B 417 8.70 20.40 1.77
C TRP B 417 10.08 20.14 1.17
N THR B 418 10.74 21.23 0.77
CA THR B 418 12.15 21.22 0.43
C THR B 418 12.81 22.41 1.10
N ALA B 419 14.09 22.27 1.42
CA ALA B 419 14.77 23.29 2.21
C ALA B 419 16.23 23.37 1.83
N LEU B 420 16.70 24.59 1.55
CA LEU B 420 18.12 24.88 1.31
C LEU B 420 18.63 25.62 2.53
N GLN B 421 19.45 24.94 3.34
CA GLN B 421 19.80 25.44 4.66
C GLN B 421 21.30 25.50 4.85
N VAL B 422 21.73 26.55 5.54
CA VAL B 422 23.07 26.58 6.11
C VAL B 422 23.11 25.64 7.31
N THR B 423 23.99 24.65 7.28
CA THR B 423 24.14 23.72 8.39
C THR B 423 25.62 23.47 8.63
N TYR B 424 25.92 22.57 9.57
CA TYR B 424 27.29 22.32 9.99
C TYR B 424 27.64 20.85 9.80
N ASP B 425 28.80 20.60 9.20
CA ASP B 425 29.34 19.26 9.05
C ASP B 425 30.59 19.15 9.92
N ASP B 426 30.71 18.05 10.67
CA ASP B 426 31.78 17.92 11.63
C ASP B 426 33.15 17.77 10.97
N ALA B 427 33.20 17.33 9.71
CA ALA B 427 34.45 17.20 8.98
C ALA B 427 34.65 18.27 7.91
N LEU B 428 33.64 19.11 7.63
CA LEU B 428 33.74 20.11 6.58
C LEU B 428 33.41 21.53 7.03
N GLY B 429 32.88 21.73 8.22
CA GLY B 429 32.48 23.06 8.67
C GLY B 429 31.08 23.42 8.18
N ARG B 430 30.86 24.73 8.07
CA ARG B 430 29.59 25.22 7.53
C ARG B 430 29.41 24.74 6.09
N ILE B 431 28.27 24.11 5.82
CA ILE B 431 27.93 23.66 4.48
C ILE B 431 26.52 24.14 4.14
N LEU B 432 26.20 24.08 2.85
CA LEU B 432 24.86 24.38 2.34
C LEU B 432 24.25 23.07 1.86
N GLU B 433 23.13 22.67 2.46
CA GLU B 433 22.56 21.36 2.20
C GLU B 433 21.13 21.46 1.70
N LEU B 434 20.81 20.64 0.71
CA LEU B 434 19.46 20.54 0.16
C LEU B 434 18.78 19.32 0.77
N SER B 435 17.63 19.54 1.41
CA SER B 435 16.85 18.48 2.03
C SER B 435 15.47 18.43 1.38
N VAL B 436 15.03 17.23 1.03
CA VAL B 436 13.76 17.03 0.31
C VAL B 436 12.91 16.00 1.05
N CYS B 437 11.66 16.35 1.29
CA CYS B 437 10.72 15.50 2.02
C CYS B 437 9.44 15.40 1.20
N GLU B 438 9.15 14.20 0.68
CA GLU B 438 7.95 13.95 -0.13
C GLU B 438 7.12 12.88 0.55
N ASN B 439 5.99 13.27 1.12
CA ASN B 439 5.15 12.37 1.91
C ASN B 439 5.97 11.61 2.94
N LEU B 440 6.81 12.35 3.66
CA LEU B 440 7.67 11.90 4.75
C LEU B 440 8.85 11.06 4.29
N ALA B 441 8.99 10.80 2.98
CA ALA B 441 10.21 10.20 2.46
C ALA B 441 11.28 11.28 2.31
N PHE B 442 12.39 11.10 3.01
CA PHE B 442 13.39 12.14 3.21
C PHE B 442 14.66 11.80 2.44
N SER B 443 15.20 12.77 1.72
CA SER B 443 16.43 12.58 0.97
C SER B 443 17.24 13.87 0.98
N GLN B 444 18.55 13.71 0.85
CA GLN B 444 19.49 14.84 0.77
C GLN B 444 20.34 14.54 -0.46
N PRO B 445 19.91 14.98 -1.65
CA PRO B 445 20.40 14.35 -2.89
C PRO B 445 21.80 14.77 -3.32
N LEU B 446 22.26 15.95 -2.91
CA LEU B 446 23.58 16.41 -3.34
C LEU B 446 24.70 15.49 -2.87
N ILE B 447 25.33 14.79 -3.82
CA ILE B 447 26.46 13.93 -3.46
C ILE B 447 27.71 14.76 -3.17
N LYS B 448 27.75 16.00 -3.65
CA LYS B 448 28.91 16.88 -3.50
C LYS B 448 28.52 18.02 -2.57
N LYS B 449 29.01 17.96 -1.33
CA LYS B 449 28.67 18.97 -0.33
C LYS B 449 29.21 20.33 -0.72
N ILE B 450 28.38 21.36 -0.52
CA ILE B 450 28.73 22.73 -0.84
C ILE B 450 29.37 23.37 0.39
N ILE B 451 30.65 23.71 0.30
CA ILE B 451 31.38 24.32 1.42
C ILE B 451 31.18 25.82 1.39
N ILE B 452 31.07 26.42 2.58
CA ILE B 452 30.97 27.86 2.75
C ILE B 452 32.21 28.32 3.50
N PRO B 453 33.07 29.14 2.89
CA PRO B 453 34.21 29.72 3.62
C PRO B 453 33.77 30.42 4.91
N ASP B 454 34.65 30.35 5.91
CA ASP B 454 34.27 30.73 7.28
C ASP B 454 33.86 32.19 7.37
N GLU B 455 34.49 33.07 6.59
CA GLU B 455 34.32 34.51 6.76
C GLU B 455 33.27 35.10 5.82
N ILE B 456 32.36 34.29 5.31
CA ILE B 456 31.23 34.80 4.53
C ILE B 456 30.16 35.24 5.51
N PRO B 457 29.84 36.53 5.58
CA PRO B 457 28.92 37.03 6.61
C PRO B 457 27.46 36.67 6.33
N TYR B 458 27.11 36.58 5.06
CA TYR B 458 25.75 36.28 4.64
C TYR B 458 25.78 35.28 3.50
N VAL B 459 24.97 34.24 3.60
CA VAL B 459 24.72 33.33 2.49
C VAL B 459 23.40 33.75 1.85
N TYR B 460 23.46 34.09 0.56
CA TYR B 460 22.29 34.54 -0.17
C TYR B 460 21.62 33.35 -0.84
N LEU B 461 20.32 33.18 -0.57
CA LEU B 461 19.57 32.00 -1.00
C LEU B 461 18.39 32.43 -1.86
N LYS B 462 18.13 31.69 -2.93
CA LYS B 462 17.11 32.09 -3.88
C LYS B 462 16.44 30.87 -4.49
N VAL B 463 15.13 30.97 -4.72
CA VAL B 463 14.38 29.94 -5.43
C VAL B 463 13.70 30.60 -6.64
N THR B 464 13.79 29.92 -7.78
CA THR B 464 13.18 30.41 -9.03
C THR B 464 12.11 29.42 -9.44
N VAL B 465 10.86 29.87 -9.42
CA VAL B 465 9.70 29.02 -9.72
C VAL B 465 9.22 29.32 -11.13
N GLN B 466 9.17 28.29 -11.98
CA GLN B 466 8.74 28.42 -13.37
C GLN B 466 7.69 27.35 -13.66
N ARG B 467 6.45 27.63 -13.27
CA ARG B 467 5.30 26.74 -13.44
C ARG B 467 5.54 25.37 -12.82
N GLU B 468 5.85 24.36 -13.64
CA GLU B 468 5.85 22.99 -13.16
C GLU B 468 7.13 22.59 -12.44
N THR B 469 8.21 23.37 -12.58
CA THR B 469 9.47 23.08 -11.91
C THR B 469 9.97 24.33 -11.18
N TYR B 470 10.84 24.10 -10.21
CA TYR B 470 11.55 25.19 -9.54
C TYR B 470 12.95 24.70 -9.18
N THR B 471 13.86 25.66 -8.98
CA THR B 471 15.26 25.36 -8.72
C THR B 471 15.82 26.35 -7.71
N TYR B 472 16.76 25.88 -6.90
CA TYR B 472 17.47 26.71 -5.94
C TYR B 472 18.80 27.18 -6.52
N SER B 473 19.20 28.39 -6.12
CA SER B 473 20.52 28.92 -6.45
C SER B 473 21.04 29.69 -5.25
N TYR B 474 22.37 29.73 -5.12
CA TYR B 474 22.99 30.35 -3.96
C TYR B 474 24.13 31.27 -4.39
N SER B 475 24.44 32.22 -3.51
CA SER B 475 25.49 33.18 -3.77
C SER B 475 26.18 33.54 -2.47
N PHE B 476 27.50 33.77 -2.55
CA PHE B 476 28.27 34.22 -1.40
C PHE B 476 28.51 35.73 -1.42
N ASP B 477 28.05 36.43 -2.47
CA ASP B 477 28.21 37.89 -2.55
C ASP B 477 27.03 38.60 -3.20
N GLN B 478 25.97 37.87 -3.58
CA GLN B 478 24.74 38.39 -4.19
C GLN B 478 24.90 38.69 -5.68
N GLN B 479 26.04 39.23 -6.10
CA GLN B 479 26.29 39.49 -7.51
C GLN B 479 27.20 38.42 -8.11
N GLU B 480 26.68 37.18 -8.07
CA GLU B 480 27.27 35.97 -8.64
C GLU B 480 26.53 34.75 -8.12
N TRP B 481 25.57 34.24 -8.89
CA TRP B 481 24.73 33.14 -8.44
C TRP B 481 25.18 31.82 -9.04
N GLU B 482 25.02 30.76 -8.26
CA GLU B 482 25.35 29.39 -8.67
C GLU B 482 24.10 28.54 -8.49
N LYS B 483 23.65 27.91 -9.58
CA LYS B 483 22.40 27.16 -9.56
C LYS B 483 22.66 25.71 -9.16
N ILE B 484 21.85 25.21 -8.24
CA ILE B 484 21.89 23.80 -7.85
C ILE B 484 21.10 23.00 -8.88
N ASP B 485 21.79 22.09 -9.57
CA ASP B 485 21.19 21.37 -10.70
C ASP B 485 20.37 20.17 -10.22
N VAL B 486 19.30 20.48 -9.49
CA VAL B 486 18.31 19.50 -9.08
C VAL B 486 16.94 20.11 -9.34
N PRO B 487 16.29 19.79 -10.46
CA PRO B 487 14.98 20.38 -10.73
C PRO B 487 13.90 19.78 -9.85
N LEU B 488 13.35 20.57 -8.94
CA LEU B 488 12.30 20.10 -8.07
C LEU B 488 10.93 20.35 -8.69
N GLU B 489 10.01 19.43 -8.44
CA GLU B 489 8.69 19.49 -9.05
C GLU B 489 7.76 20.34 -8.21
N SER B 490 7.16 21.35 -8.84
CA SER B 490 6.18 22.18 -8.16
C SER B 490 4.92 21.38 -7.82
N THR B 491 4.62 20.35 -8.61
CA THR B 491 3.40 19.58 -8.38
C THR B 491 3.46 18.75 -7.11
N HIS B 492 4.65 18.50 -6.57
CA HIS B 492 4.80 17.77 -5.32
C HIS B 492 4.46 18.62 -4.10
N LEU B 493 4.18 19.91 -4.29
CA LEU B 493 3.69 20.77 -3.20
C LEU B 493 2.29 21.27 -3.54
N SER B 494 1.38 20.35 -3.82
CA SER B 494 0.04 20.69 -4.27
C SER B 494 -0.99 19.90 -3.49
N ASP B 495 -2.24 20.38 -3.54
CA ASP B 495 -3.36 19.67 -2.95
C ASP B 495 -3.47 18.23 -3.45
N ASP B 496 -3.09 18.00 -4.70
CA ASP B 496 -3.40 16.75 -5.38
C ASP B 496 -2.30 15.71 -5.25
N PHE B 497 -1.17 16.05 -4.64
CA PHE B 497 -0.06 15.12 -4.49
C PHE B 497 0.11 14.57 -3.07
N ILE B 498 -0.18 15.36 -2.05
CA ILE B 498 0.14 14.95 -0.69
C ILE B 498 -0.87 13.91 -0.22
N ARG B 499 -0.39 12.99 0.61
CA ARG B 499 -1.23 11.94 1.19
C ARG B 499 -1.96 12.45 2.42
N GLY B 500 -3.06 11.78 2.74
CA GLY B 500 -3.80 12.03 3.96
C GLY B 500 -5.17 12.62 3.69
N GLY B 501 -5.94 12.74 4.76
CA GLY B 501 -7.29 13.28 4.65
C GLY B 501 -7.38 14.79 4.60
N GLY B 502 -6.30 15.49 4.94
CA GLY B 502 -6.28 16.94 4.88
C GLY B 502 -5.38 17.46 3.79
N PHE B 503 -5.98 18.05 2.75
CA PHE B 503 -5.27 18.46 1.54
C PHE B 503 -5.75 19.84 1.10
N PHE B 504 -5.73 20.79 2.04
CA PHE B 504 -6.56 21.99 1.91
C PHE B 504 -5.80 23.31 1.90
N THR B 505 -4.47 23.30 1.79
CA THR B 505 -3.77 24.59 1.82
C THR B 505 -3.14 24.93 0.48
N GLY B 506 -1.82 24.99 0.42
CA GLY B 506 -1.13 25.41 -0.77
C GLY B 506 0.32 25.63 -0.46
N ALA B 507 1.10 25.89 -1.51
CA ALA B 507 2.54 26.03 -1.35
C ALA B 507 2.89 27.37 -0.70
N PHE B 508 3.91 27.34 0.17
CA PHE B 508 4.44 28.52 0.84
C PHE B 508 5.95 28.58 0.59
N VAL B 509 6.51 29.79 0.72
CA VAL B 509 7.95 29.97 0.71
C VAL B 509 8.31 30.91 1.85
N GLY B 510 9.42 30.64 2.53
CA GLY B 510 9.74 31.48 3.67
C GLY B 510 11.10 31.18 4.26
N MET B 511 11.36 31.82 5.39
CA MET B 511 12.62 31.69 6.11
C MET B 511 12.41 30.81 7.33
N GLN B 512 13.40 29.97 7.63
CA GLN B 512 13.23 28.96 8.67
C GLN B 512 14.57 28.73 9.37
N CYS B 513 14.49 28.43 10.66
CA CYS B 513 15.65 28.07 11.45
C CYS B 513 15.27 26.93 12.38
N GLN B 514 16.14 25.94 12.50
CA GLN B 514 15.90 24.82 13.39
C GLN B 514 17.15 24.53 14.19
N ASP B 515 16.96 24.16 15.45
CA ASP B 515 18.05 23.74 16.32
C ASP B 515 17.49 22.60 17.16
N THR B 516 17.73 21.36 16.72
CA THR B 516 17.29 20.19 17.45
C THR B 516 18.33 19.73 18.48
N SER B 517 19.29 20.58 18.83
CA SER B 517 20.20 20.29 19.94
C SER B 517 19.71 20.88 21.26
N GLY B 518 18.89 21.92 21.21
CA GLY B 518 18.41 22.60 22.41
C GLY B 518 18.98 23.98 22.62
N GLU B 519 20.00 24.37 21.85
CA GLU B 519 20.73 25.61 22.07
C GLU B 519 19.98 26.85 21.58
N ARG B 520 18.96 26.67 20.74
CA ARG B 520 18.15 27.79 20.25
C ARG B 520 19.00 28.80 19.48
N LEU B 521 19.96 28.30 18.70
CA LEU B 521 20.87 29.17 17.98
C LEU B 521 20.11 30.09 17.04
N PRO B 522 20.32 31.40 17.11
CA PRO B 522 19.58 32.32 16.24
C PRO B 522 20.12 32.33 14.81
N ALA B 523 19.25 32.74 13.90
CA ALA B 523 19.58 32.97 12.50
C ALA B 523 19.00 34.31 12.10
N ASP B 524 19.83 35.16 11.51
CA ASP B 524 19.45 36.53 11.16
C ASP B 524 19.25 36.63 9.65
N PHE B 525 18.04 37.02 9.25
CA PHE B 525 17.69 37.17 7.85
C PHE B 525 17.59 38.65 7.53
N LYS B 526 18.43 39.13 6.60
CA LYS B 526 18.52 40.56 6.33
C LYS B 526 17.35 41.08 5.51
N TYR B 527 16.81 40.27 4.60
CA TYR B 527 15.70 40.70 3.76
C TYR B 527 15.00 39.48 3.18
N PHE B 528 13.77 39.69 2.71
CA PHE B 528 13.02 38.65 2.00
C PHE B 528 12.39 39.28 0.76
N ARG B 529 12.85 38.86 -0.41
CA ARG B 529 12.34 39.33 -1.69
C ARG B 529 11.37 38.30 -2.26
N TYR B 530 10.14 38.74 -2.57
CA TYR B 530 9.16 37.93 -3.29
C TYR B 530 8.71 38.72 -4.50
N GLU B 531 9.16 38.31 -5.69
CA GLU B 531 8.95 39.07 -6.92
C GLU B 531 8.33 38.16 -7.98
N GLU B 532 7.04 38.35 -8.25
CA GLU B 532 6.39 37.65 -9.34
C GLU B 532 6.83 38.24 -10.67
N THR B 533 6.88 37.39 -11.70
CA THR B 533 7.43 37.81 -13.00
C THR B 533 6.42 37.70 -14.13
N MET C 1 42.60 -28.24 -0.27
CA MET C 1 42.43 -29.22 0.79
C MET C 1 41.13 -29.02 1.56
N LYS C 2 40.70 -27.77 1.70
CA LYS C 2 39.45 -27.45 2.39
C LYS C 2 38.33 -27.20 1.39
N ILE C 3 37.10 -27.58 1.79
CA ILE C 3 35.92 -27.16 1.05
C ILE C 3 35.66 -25.70 1.35
N THR C 4 35.49 -24.88 0.31
CA THR C 4 35.20 -23.47 0.47
C THR C 4 33.77 -23.19 0.05
N ASN C 5 33.01 -22.58 0.94
CA ASN C 5 31.60 -22.34 0.69
C ASN C 5 31.38 -20.90 0.23
N PRO C 6 30.36 -20.66 -0.61
CA PRO C 6 29.51 -21.69 -1.23
C PRO C 6 30.25 -22.48 -2.31
N VAL C 7 29.93 -23.77 -2.44
CA VAL C 7 30.55 -24.57 -3.50
C VAL C 7 29.90 -24.31 -4.86
N LEU C 8 28.66 -23.84 -4.90
CA LEU C 8 28.00 -23.38 -6.13
C LEU C 8 27.61 -21.93 -5.94
N LYS C 9 28.27 -21.03 -6.67
CA LYS C 9 28.07 -19.61 -6.48
C LYS C 9 26.93 -19.11 -7.35
N GLY C 10 26.27 -18.06 -6.87
CA GLY C 10 25.12 -17.54 -7.57
C GLY C 10 23.92 -18.47 -7.44
N PHE C 11 22.92 -18.17 -8.27
CA PHE C 11 21.60 -18.79 -8.19
C PHE C 11 21.68 -20.31 -8.35
N ASN C 12 21.71 -21.03 -7.22
CA ASN C 12 21.86 -22.48 -7.21
C ASN C 12 21.21 -23.06 -5.95
N PRO C 13 19.88 -23.02 -5.87
CA PRO C 13 19.21 -23.34 -4.60
C PRO C 13 18.79 -24.81 -4.51
N ASP C 14 18.34 -25.19 -3.31
CA ASP C 14 17.72 -26.48 -3.06
C ASP C 14 18.59 -27.68 -3.45
N PRO C 15 19.82 -27.78 -2.94
CA PRO C 15 20.71 -28.85 -3.39
C PRO C 15 20.21 -30.22 -2.97
N SER C 16 20.12 -31.13 -3.94
CA SER C 16 19.81 -32.53 -3.71
C SER C 16 21.05 -33.33 -4.09
N ILE C 17 21.81 -33.76 -3.09
CA ILE C 17 23.08 -34.41 -3.32
C ILE C 17 22.87 -35.92 -3.35
N CYS C 18 23.62 -36.61 -4.20
CA CYS C 18 23.54 -38.05 -4.27
C CYS C 18 24.85 -38.62 -4.77
N ARG C 19 25.06 -39.91 -4.47
CA ARG C 19 26.29 -40.60 -4.76
C ARG C 19 26.01 -41.75 -5.70
N ALA C 20 26.86 -41.90 -6.73
CA ALA C 20 26.85 -43.07 -7.60
C ALA C 20 28.27 -43.59 -7.59
N GLY C 21 28.53 -44.61 -6.78
CA GLY C 21 29.88 -45.15 -6.66
C GLY C 21 30.80 -44.16 -6.01
N GLU C 22 31.86 -43.76 -6.71
CA GLU C 22 32.76 -42.71 -6.25
C GLU C 22 32.52 -41.38 -6.98
N ASP C 23 31.35 -41.24 -7.60
CA ASP C 23 30.94 -40.01 -8.24
C ASP C 23 29.83 -39.36 -7.43
N TYR C 24 29.87 -38.03 -7.33
CA TYR C 24 28.91 -37.27 -6.54
C TYR C 24 28.24 -36.22 -7.42
N TYR C 25 26.94 -36.05 -7.23
CA TYR C 25 26.12 -35.17 -8.05
C TYR C 25 25.19 -34.36 -7.15
N MET C 26 24.96 -33.10 -7.52
CA MET C 26 24.01 -32.23 -6.83
C MET C 26 23.08 -31.59 -7.86
N ALA C 27 21.78 -31.81 -7.69
CA ALA C 27 20.77 -31.15 -8.50
C ALA C 27 20.25 -29.92 -7.77
N VAL C 28 20.05 -28.83 -8.51
CA VAL C 28 19.57 -27.57 -7.95
C VAL C 28 18.43 -27.06 -8.82
N SER C 29 17.61 -26.20 -8.22
CA SER C 29 16.39 -25.73 -8.86
C SER C 29 16.70 -24.59 -9.83
N THR C 30 15.85 -24.45 -10.84
CA THR C 30 16.04 -23.49 -11.90
C THR C 30 14.84 -22.60 -12.17
N PHE C 31 13.66 -22.94 -11.67
CA PHE C 31 12.46 -22.10 -11.71
C PHE C 31 12.12 -21.81 -13.17
N GLU C 32 12.00 -20.55 -13.60
CA GLU C 32 11.53 -20.27 -14.93
C GLU C 32 12.62 -20.36 -15.98
N TRP C 33 13.87 -20.64 -15.59
CA TRP C 33 14.99 -20.64 -16.52
C TRP C 33 15.12 -22.00 -17.18
N PHE C 34 15.30 -22.00 -18.50
CA PHE C 34 15.27 -23.17 -19.37
C PHE C 34 16.61 -23.34 -20.07
N PRO C 35 17.11 -24.58 -20.20
CA PRO C 35 16.58 -25.86 -19.74
C PRO C 35 16.55 -25.98 -18.22
N GLY C 36 15.70 -26.87 -17.70
CA GLY C 36 15.42 -26.95 -16.27
C GLY C 36 16.29 -27.95 -15.52
N VAL C 37 16.56 -27.63 -14.25
CA VAL C 37 17.42 -28.37 -13.33
C VAL C 37 18.87 -28.35 -13.80
N GLN C 38 19.77 -27.94 -12.92
CA GLN C 38 21.20 -28.06 -13.14
C GLN C 38 21.75 -29.16 -12.25
N ILE C 39 22.61 -30.00 -12.82
CA ILE C 39 23.27 -31.05 -12.04
C ILE C 39 24.77 -30.84 -12.13
N TYR C 40 25.42 -30.72 -10.99
CA TYR C 40 26.86 -30.57 -10.88
C TYR C 40 27.49 -31.89 -10.46
N HIS C 41 28.79 -32.01 -10.72
CA HIS C 41 29.51 -33.26 -10.49
C HIS C 41 30.83 -32.96 -9.78
N SER C 42 31.21 -33.86 -8.88
CA SER C 42 32.45 -33.72 -8.11
C SER C 42 33.00 -35.09 -7.80
N LYS C 43 34.33 -35.17 -7.69
CA LYS C 43 35.01 -36.35 -7.20
C LYS C 43 35.52 -36.17 -5.78
N ASP C 44 35.51 -34.95 -5.25
CA ASP C 44 36.12 -34.66 -3.96
C ASP C 44 35.30 -33.73 -3.07
N LEU C 45 34.08 -33.34 -3.49
CA LEU C 45 33.21 -32.42 -2.76
C LEU C 45 33.79 -31.01 -2.66
N ILE C 46 35.02 -30.82 -3.11
CA ILE C 46 35.64 -29.49 -3.15
C ILE C 46 35.32 -28.78 -4.45
N HIS C 47 35.56 -29.45 -5.58
CA HIS C 47 35.49 -28.86 -6.90
C HIS C 47 34.28 -29.42 -7.62
N TRP C 48 33.50 -28.54 -8.25
CA TRP C 48 32.25 -28.91 -8.89
C TRP C 48 32.20 -28.35 -10.30
N ARG C 49 31.77 -29.18 -11.24
CA ARG C 49 31.59 -28.78 -12.62
C ARG C 49 30.11 -28.90 -12.98
N LEU C 50 29.65 -27.99 -13.83
CA LEU C 50 28.29 -28.07 -14.35
C LEU C 50 28.23 -29.16 -15.41
N ALA C 51 27.49 -30.23 -15.13
CA ALA C 51 27.55 -31.44 -15.93
C ALA C 51 26.35 -31.67 -16.84
N ALA C 52 25.14 -31.33 -16.40
CA ALA C 52 23.98 -31.61 -17.23
C ALA C 52 22.82 -30.70 -16.83
N ARG C 53 21.90 -30.53 -17.78
CA ARG C 53 20.63 -29.85 -17.55
C ARG C 53 19.55 -30.73 -18.17
N PRO C 54 18.87 -31.56 -17.37
CA PRO C 54 18.10 -32.67 -17.95
C PRO C 54 16.85 -32.26 -18.70
N LEU C 55 16.13 -31.23 -18.25
CA LEU C 55 14.81 -30.94 -18.80
C LEU C 55 14.98 -30.06 -20.03
N GLN C 56 15.09 -30.71 -21.19
CA GLN C 56 15.48 -30.05 -22.43
C GLN C 56 14.36 -29.91 -23.45
N LYS C 57 13.24 -30.60 -23.28
CA LYS C 57 12.17 -30.56 -24.25
C LYS C 57 10.88 -30.08 -23.60
N THR C 58 10.02 -29.45 -24.42
CA THR C 58 8.71 -29.05 -23.94
C THR C 58 7.86 -30.24 -23.54
N SER C 59 8.17 -31.44 -24.02
CA SER C 59 7.47 -32.63 -23.54
C SER C 59 7.87 -32.98 -22.11
N GLN C 60 8.99 -32.48 -21.64
CA GLN C 60 9.36 -32.61 -20.23
C GLN C 60 9.00 -31.41 -19.39
N LEU C 61 9.05 -30.21 -19.96
CA LEU C 61 8.94 -28.98 -19.20
C LEU C 61 8.37 -27.88 -20.10
N ASP C 62 7.13 -27.50 -19.86
CA ASP C 62 6.42 -26.50 -20.68
C ASP C 62 6.05 -25.34 -19.77
N MET C 63 6.82 -24.26 -19.84
CA MET C 63 6.71 -23.16 -18.88
C MET C 63 6.30 -21.84 -19.49
N LYS C 64 5.90 -21.83 -20.77
CA LYS C 64 5.37 -20.63 -21.39
C LYS C 64 4.27 -20.01 -20.52
N GLY C 65 4.48 -18.77 -20.08
CA GLY C 65 3.51 -18.09 -19.24
C GLY C 65 3.61 -18.35 -17.75
N ASN C 66 4.54 -19.19 -17.30
CA ASN C 66 4.66 -19.46 -15.87
C ASN C 66 4.96 -18.17 -15.12
N PRO C 67 4.46 -18.02 -13.89
CA PRO C 67 4.79 -16.85 -13.10
C PRO C 67 6.27 -16.79 -12.80
N ASP C 68 6.75 -15.59 -12.49
CA ASP C 68 8.11 -15.44 -12.01
C ASP C 68 8.32 -16.28 -10.75
N SER C 69 9.41 -17.05 -10.74
CA SER C 69 9.75 -17.97 -9.64
C SER C 69 8.74 -19.08 -9.50
N GLY C 70 7.99 -19.35 -10.55
CA GLY C 70 7.27 -20.61 -10.70
C GLY C 70 8.19 -21.64 -11.33
N GLY C 71 7.60 -22.56 -12.08
CA GLY C 71 8.42 -23.56 -12.76
C GLY C 71 9.06 -24.56 -11.80
N VAL C 72 10.33 -24.86 -12.05
CA VAL C 72 11.03 -25.97 -11.39
C VAL C 72 11.48 -25.50 -10.02
N TRP C 73 10.79 -25.94 -8.97
CA TRP C 73 11.23 -25.67 -7.59
C TRP C 73 12.21 -26.78 -7.19
N ALA C 74 12.31 -27.06 -5.90
CA ALA C 74 13.36 -27.98 -5.43
C ALA C 74 13.25 -29.33 -6.14
N PRO C 75 14.37 -29.86 -6.72
CA PRO C 75 14.33 -31.19 -7.33
C PRO C 75 14.92 -32.26 -6.42
N CYS C 76 14.71 -33.54 -6.74
CA CYS C 76 15.33 -34.64 -6.02
C CYS C 76 16.02 -35.56 -7.01
N LEU C 77 17.34 -35.70 -6.86
CA LEU C 77 18.15 -36.55 -7.73
C LEU C 77 18.67 -37.72 -6.91
N SER C 78 18.38 -38.94 -7.37
CA SER C 78 18.85 -40.14 -6.67
C SER C 78 19.35 -41.16 -7.68
N TYR C 79 20.17 -42.09 -7.18
CA TYR C 79 20.74 -43.17 -7.98
C TYR C 79 20.46 -44.51 -7.30
N ALA C 80 19.78 -45.40 -8.00
CA ALA C 80 19.49 -46.72 -7.48
C ALA C 80 19.08 -47.61 -8.65
N ASP C 81 19.33 -48.92 -8.49
CA ASP C 81 18.97 -49.92 -9.49
C ASP C 81 19.59 -49.61 -10.85
N GLY C 82 20.80 -49.07 -10.85
CA GLY C 82 21.53 -48.85 -12.08
C GLY C 82 21.12 -47.62 -12.87
N GLN C 83 20.37 -46.70 -12.28
CA GLN C 83 19.94 -45.53 -13.04
C GLN C 83 19.71 -44.36 -12.09
N PHE C 84 19.66 -43.16 -12.68
CA PHE C 84 19.34 -41.95 -11.95
C PHE C 84 17.84 -41.68 -12.00
N TRP C 85 17.32 -41.16 -10.90
CA TRP C 85 15.92 -40.77 -10.80
C TRP C 85 15.86 -39.29 -10.44
N LEU C 86 15.11 -38.53 -11.22
CA LEU C 86 14.92 -37.09 -10.96
C LEU C 86 13.44 -36.84 -10.77
N ILE C 87 13.07 -36.36 -9.59
CA ILE C 87 11.72 -35.85 -9.34
C ILE C 87 11.79 -34.34 -9.36
N TYR C 88 10.82 -33.72 -10.02
CA TYR C 88 10.80 -32.27 -10.13
C TYR C 88 9.35 -31.80 -10.17
N SER C 89 9.19 -30.49 -10.04
CA SER C 89 7.90 -29.85 -10.01
C SER C 89 7.82 -28.79 -11.12
N ASP C 90 6.59 -28.48 -11.53
CA ASP C 90 6.29 -27.33 -12.38
C ASP C 90 5.20 -26.55 -11.65
N ILE C 91 5.60 -25.48 -10.97
CA ILE C 91 4.68 -24.69 -10.15
C ILE C 91 4.03 -23.63 -11.02
N LYS C 92 2.70 -23.62 -11.07
CA LYS C 92 1.96 -22.70 -11.91
C LYS C 92 1.41 -21.49 -11.15
N VAL C 93 1.25 -21.59 -9.84
CA VAL C 93 0.68 -20.52 -9.02
C VAL C 93 1.58 -20.32 -7.80
N VAL C 94 2.03 -19.08 -7.60
CA VAL C 94 2.98 -18.77 -6.54
C VAL C 94 2.46 -17.73 -5.56
N ASP C 95 1.22 -17.28 -5.73
CA ASP C 95 0.64 -16.26 -4.86
C ASP C 95 -0.79 -16.65 -4.49
N GLY C 96 -1.17 -16.34 -3.25
CA GLY C 96 -2.53 -16.52 -2.82
C GLY C 96 -2.73 -17.78 -2.01
N PRO C 97 -4.00 -18.18 -1.84
CA PRO C 97 -4.28 -19.35 -1.00
C PRO C 97 -3.84 -20.68 -1.59
N PHE C 98 -3.64 -20.78 -2.90
CA PHE C 98 -3.27 -22.04 -3.52
C PHE C 98 -1.83 -22.01 -4.02
N LYS C 99 -1.34 -23.17 -4.43
CA LYS C 99 0.01 -23.30 -4.95
C LYS C 99 0.02 -24.39 -6.03
N ASP C 100 -0.87 -24.24 -7.02
CA ASP C 100 -1.06 -25.25 -8.05
C ASP C 100 0.26 -25.58 -8.72
N GLY C 101 0.69 -26.83 -8.57
CA GLY C 101 1.92 -27.31 -9.17
C GLY C 101 1.91 -28.81 -9.18
N HIS C 102 2.63 -29.38 -10.14
CA HIS C 102 2.61 -30.82 -10.38
C HIS C 102 4.03 -31.39 -10.27
N ASN C 103 4.09 -32.62 -9.78
CA ASN C 103 5.35 -33.31 -9.52
C ASN C 103 5.52 -34.46 -10.51
N TYR C 104 6.74 -34.64 -11.02
CA TYR C 104 7.01 -35.57 -12.09
C TYR C 104 8.25 -36.40 -11.79
N LEU C 105 8.34 -37.54 -12.46
CA LEU C 105 9.51 -38.43 -12.38
C LEU C 105 10.08 -38.68 -13.78
N VAL C 106 11.39 -38.49 -13.92
CA VAL C 106 12.12 -38.88 -15.12
C VAL C 106 13.37 -39.64 -14.72
N THR C 107 13.86 -40.47 -15.64
CA THR C 107 15.01 -41.34 -15.38
C THR C 107 16.01 -41.24 -16.51
N ALA C 108 17.24 -41.63 -16.21
CA ALA C 108 18.32 -41.70 -17.19
C ALA C 108 19.39 -42.65 -16.69
N ASP C 109 20.18 -43.18 -17.62
CA ASP C 109 21.32 -44.02 -17.25
C ASP C 109 22.52 -43.17 -16.84
N ALA C 110 22.73 -42.06 -17.53
CA ALA C 110 23.82 -41.14 -17.24
C ALA C 110 23.22 -39.75 -17.03
N VAL C 111 23.88 -38.99 -16.15
CA VAL C 111 23.33 -37.68 -15.79
C VAL C 111 23.28 -36.76 -17.01
N ASP C 112 24.23 -36.92 -17.94
CA ASP C 112 24.25 -36.14 -19.17
C ASP C 112 23.76 -36.92 -20.38
N GLY C 113 23.12 -38.08 -20.16
CA GLY C 113 22.45 -38.78 -21.23
C GLY C 113 21.04 -38.26 -21.44
N GLU C 114 20.32 -38.94 -22.33
CA GLU C 114 18.94 -38.56 -22.58
C GLU C 114 18.06 -39.03 -21.42
N TRP C 115 17.18 -38.15 -20.97
CA TRP C 115 16.24 -38.46 -19.91
C TRP C 115 14.88 -38.82 -20.49
N SER C 116 14.16 -39.67 -19.77
CA SER C 116 12.86 -40.14 -20.22
C SER C 116 11.83 -39.01 -20.21
N ASP C 117 10.67 -39.30 -20.80
CA ASP C 117 9.54 -38.40 -20.67
C ASP C 117 8.93 -38.57 -19.28
N PRO C 118 8.29 -37.52 -18.75
CA PRO C 118 7.90 -37.54 -17.34
C PRO C 118 6.73 -38.47 -17.04
N VAL C 119 6.77 -39.08 -15.86
CA VAL C 119 5.64 -39.79 -15.27
C VAL C 119 4.97 -38.87 -14.25
N ARG C 120 3.66 -38.76 -14.34
CA ARG C 120 2.91 -37.98 -13.36
C ARG C 120 2.94 -38.68 -12.00
N LEU C 121 3.17 -37.90 -10.94
CA LEU C 121 3.16 -38.44 -9.59
C LEU C 121 1.95 -37.91 -8.81
N ASN C 122 2.02 -36.65 -8.37
CA ASN C 122 0.89 -36.03 -7.69
C ASN C 122 1.00 -34.51 -7.84
N SER C 123 0.10 -33.79 -7.18
CA SER C 123 0.07 -32.34 -7.25
C SER C 123 -0.22 -31.72 -5.89
N SER C 124 -0.09 -32.49 -4.82
CA SER C 124 -0.59 -32.14 -3.50
C SER C 124 0.34 -31.22 -2.73
N GLY C 125 1.50 -30.89 -3.28
CA GLY C 125 2.46 -30.05 -2.60
C GLY C 125 3.83 -30.18 -3.22
N PHE C 126 4.69 -29.22 -2.90
CA PHE C 126 5.97 -29.12 -3.57
C PHE C 126 7.05 -29.85 -2.75
N ASP C 127 8.32 -29.67 -3.15
CA ASP C 127 9.49 -30.36 -2.60
C ASP C 127 9.39 -31.88 -2.67
N PRO C 128 9.06 -32.48 -3.82
CA PRO C 128 8.93 -33.93 -3.87
C PRO C 128 10.28 -34.63 -3.80
N SER C 129 10.26 -35.83 -3.21
CA SER C 129 11.47 -36.62 -3.01
C SER C 129 11.12 -38.09 -3.16
N LEU C 130 12.04 -38.86 -3.73
CA LEU C 130 11.90 -40.31 -3.87
C LEU C 130 12.83 -41.00 -2.90
N PHE C 131 12.27 -41.91 -2.11
CA PHE C 131 13.03 -42.71 -1.16
C PHE C 131 13.06 -44.16 -1.62
N HIS C 132 14.26 -44.72 -1.74
CA HIS C 132 14.46 -46.11 -2.13
C HIS C 132 14.55 -46.95 -0.85
N ASP C 133 13.48 -47.65 -0.51
CA ASP C 133 13.43 -48.39 0.74
C ASP C 133 14.34 -49.63 0.66
N PRO C 134 14.98 -50.01 1.76
CA PRO C 134 15.83 -51.22 1.74
C PRO C 134 15.08 -52.48 1.33
N SER C 135 13.76 -52.53 1.56
CA SER C 135 12.98 -53.68 1.12
C SER C 135 12.80 -53.74 -0.39
N GLY C 136 13.10 -52.66 -1.11
CA GLY C 136 12.91 -52.61 -2.54
C GLY C 136 11.68 -51.85 -2.99
N LYS C 137 10.82 -51.43 -2.05
CA LYS C 137 9.70 -50.57 -2.38
C LYS C 137 10.19 -49.13 -2.58
N LYS C 138 9.33 -48.30 -3.18
CA LYS C 138 9.63 -46.91 -3.42
C LYS C 138 8.54 -46.03 -2.82
N TYR C 139 8.94 -44.86 -2.33
CA TYR C 139 8.03 -43.93 -1.69
C TYR C 139 8.34 -42.51 -2.14
N VAL C 140 7.28 -41.72 -2.32
CA VAL C 140 7.39 -40.31 -2.68
C VAL C 140 7.00 -39.47 -1.46
N LEU C 141 7.90 -38.57 -1.06
CA LEU C 141 7.65 -37.59 -0.02
C LEU C 141 7.37 -36.24 -0.65
N ASN C 142 6.52 -35.46 0.00
CA ASN C 142 6.37 -34.05 -0.33
C ASN C 142 5.58 -33.36 0.77
N MET C 143 5.75 -32.04 0.86
CA MET C 143 4.95 -31.29 1.81
C MET C 143 3.51 -31.24 1.33
N LEU C 144 2.60 -31.09 2.28
CA LEU C 144 1.17 -30.99 1.99
C LEU C 144 0.76 -29.52 2.07
N TRP C 145 0.24 -28.99 0.96
CA TRP C 145 -0.22 -27.61 0.94
C TRP C 145 -1.70 -27.56 1.30
N ASP C 146 -2.02 -26.78 2.33
CA ASP C 146 -3.38 -26.60 2.83
C ASP C 146 -3.82 -25.17 2.53
N HIS C 147 -4.75 -25.03 1.58
CA HIS C 147 -5.26 -23.72 1.19
C HIS C 147 -6.30 -23.15 2.15
N ARG C 148 -6.87 -23.97 3.04
CA ARG C 148 -8.03 -23.56 3.81
C ARG C 148 -7.68 -22.40 4.74
N GLU C 149 -8.65 -21.50 4.92
CA GLU C 149 -8.38 -20.19 5.51
C GLU C 149 -7.68 -20.30 6.87
N LYS C 150 -8.32 -20.98 7.82
CA LYS C 150 -7.82 -20.98 9.19
C LYS C 150 -6.77 -22.06 9.45
N HIS C 151 -6.06 -22.51 8.42
CA HIS C 151 -5.06 -23.56 8.55
C HIS C 151 -3.70 -23.04 8.10
N HIS C 152 -2.66 -23.41 8.84
CA HIS C 152 -1.31 -23.16 8.36
C HIS C 152 -1.11 -23.89 7.04
N SER C 153 -0.58 -23.17 6.05
CA SER C 153 -0.49 -23.71 4.69
C SER C 153 0.45 -24.92 4.60
N PHE C 154 1.40 -25.05 5.52
CA PHE C 154 2.37 -26.15 5.48
C PHE C 154 1.86 -27.25 6.42
N ALA C 155 1.02 -28.13 5.87
CA ALA C 155 0.25 -29.08 6.67
C ALA C 155 1.02 -30.32 7.09
N GLY C 156 2.28 -30.47 6.68
CA GLY C 156 3.08 -31.59 7.10
C GLY C 156 3.70 -32.32 5.93
N ILE C 157 4.22 -33.51 6.21
CA ILE C 157 4.93 -34.33 5.22
C ILE C 157 4.05 -35.49 4.82
N ALA C 158 3.73 -35.58 3.54
CA ALA C 158 2.94 -36.67 3.00
C ALA C 158 3.85 -37.77 2.50
N LEU C 159 3.41 -39.02 2.66
CA LEU C 159 4.13 -40.19 2.19
C LEU C 159 3.16 -41.11 1.45
N GLN C 160 3.55 -41.57 0.27
CA GLN C 160 2.76 -42.50 -0.50
C GLN C 160 3.69 -43.37 -1.33
N GLU C 161 3.31 -44.63 -1.51
CA GLU C 161 4.16 -45.59 -2.21
C GLU C 161 4.07 -45.39 -3.72
N TYR C 162 5.22 -45.51 -4.37
CA TYR C 162 5.32 -45.47 -5.83
C TYR C 162 5.58 -46.87 -6.36
N SER C 163 4.80 -47.28 -7.36
CA SER C 163 4.95 -48.59 -7.98
C SER C 163 5.75 -48.45 -9.27
N VAL C 164 6.97 -49.01 -9.27
CA VAL C 164 7.78 -49.00 -10.49
C VAL C 164 7.08 -49.77 -11.60
N SER C 165 6.33 -50.83 -11.26
CA SER C 165 5.66 -51.61 -12.29
C SER C 165 4.50 -50.82 -12.92
N GLU C 166 3.66 -50.21 -12.09
CA GLU C 166 2.51 -49.46 -12.59
C GLU C 166 2.85 -48.03 -12.99
N LYS C 167 4.04 -47.53 -12.62
CA LYS C 167 4.47 -46.17 -12.94
C LYS C 167 3.46 -45.14 -12.43
N LYS C 168 3.08 -45.27 -11.17
CA LYS C 168 2.15 -44.37 -10.52
C LYS C 168 2.21 -44.61 -9.02
N LEU C 169 1.64 -43.66 -8.26
CA LEU C 169 1.52 -43.82 -6.82
C LEU C 169 0.41 -44.81 -6.50
N VAL C 170 0.66 -45.69 -5.53
CA VAL C 170 -0.28 -46.74 -5.16
C VAL C 170 -0.65 -46.59 -3.69
N GLY C 171 -1.75 -47.24 -3.33
CA GLY C 171 -2.18 -47.19 -1.95
C GLY C 171 -2.65 -45.79 -1.54
N GLU C 172 -2.72 -45.59 -0.24
CA GLU C 172 -3.12 -44.31 0.32
C GLU C 172 -1.90 -43.53 0.80
N ARG C 173 -2.08 -42.22 0.92
CA ARG C 173 -1.02 -41.37 1.44
C ARG C 173 -1.23 -41.15 2.92
N LYS C 174 -0.11 -40.94 3.64
CA LYS C 174 -0.13 -40.77 5.08
C LYS C 174 0.70 -39.55 5.45
N VAL C 175 0.15 -38.69 6.30
CA VAL C 175 0.92 -37.60 6.89
C VAL C 175 1.74 -38.18 8.03
N ILE C 176 3.06 -38.19 7.87
CA ILE C 176 3.96 -38.87 8.81
C ILE C 176 4.69 -37.90 9.71
N PHE C 177 4.45 -36.59 9.58
CA PHE C 177 5.19 -35.59 10.34
C PHE C 177 4.51 -34.23 10.22
N LYS C 178 4.27 -33.57 11.35
CA LYS C 178 3.63 -32.26 11.36
C LYS C 178 4.59 -31.11 11.61
N GLY C 179 5.83 -31.39 11.97
CA GLY C 179 6.83 -30.36 12.15
C GLY C 179 7.02 -29.94 13.60
N THR C 180 7.84 -28.89 13.78
CA THR C 180 8.14 -28.30 15.08
C THR C 180 7.54 -26.89 15.12
N PRO C 181 7.63 -26.15 16.23
CA PRO C 181 7.05 -24.78 16.25
C PRO C 181 7.65 -23.83 15.22
N ILE C 182 8.77 -24.17 14.60
CA ILE C 182 9.32 -23.33 13.54
C ILE C 182 8.40 -23.32 12.32
N LYS C 183 7.67 -24.41 12.09
CA LYS C 183 6.64 -24.51 11.06
C LYS C 183 7.21 -24.27 9.66
N LEU C 184 6.33 -24.02 8.70
CA LEU C 184 6.69 -24.05 7.28
C LEU C 184 7.52 -25.29 6.95
N THR C 185 7.06 -26.44 7.44
CA THR C 185 7.79 -27.70 7.31
C THR C 185 7.77 -28.17 5.86
N GLN C 186 8.96 -28.44 5.31
CA GLN C 186 9.06 -28.77 3.89
C GLN C 186 10.38 -29.51 3.65
N ALA C 187 10.72 -29.68 2.39
CA ALA C 187 11.95 -30.36 1.96
C ALA C 187 12.17 -31.71 2.64
N PRO C 188 11.21 -32.63 2.57
CA PRO C 188 11.38 -33.93 3.25
C PRO C 188 12.37 -34.82 2.50
N HIS C 189 13.31 -35.40 3.24
CA HIS C 189 14.21 -36.41 2.71
C HIS C 189 14.31 -37.53 3.73
N LEU C 190 14.07 -38.76 3.28
CA LEU C 190 14.16 -39.93 4.15
C LEU C 190 15.50 -40.62 3.94
N TYR C 191 16.09 -41.08 5.06
CA TYR C 191 17.32 -41.85 5.04
C TYR C 191 17.18 -43.03 5.98
N TYR C 192 17.78 -44.16 5.59
CA TYR C 192 17.76 -45.39 6.39
C TYR C 192 19.19 -45.61 6.87
N ILE C 193 19.43 -45.32 8.14
CA ILE C 193 20.76 -45.38 8.75
C ILE C 193 20.64 -46.21 10.02
N ASN C 194 21.36 -47.33 10.06
CA ASN C 194 21.38 -48.21 11.23
C ASN C 194 19.96 -48.59 11.67
N ASP C 195 19.15 -48.95 10.68
CA ASP C 195 17.83 -49.56 10.88
C ASP C 195 16.83 -48.62 11.56
N VAL C 196 17.05 -47.31 11.46
CA VAL C 196 16.09 -46.31 11.92
C VAL C 196 15.93 -45.26 10.82
N TYR C 197 14.69 -44.90 10.53
CA TYR C 197 14.40 -43.90 9.50
C TYR C 197 14.71 -42.50 10.04
N TYR C 198 15.45 -41.72 9.25
CA TYR C 198 15.72 -40.33 9.53
C TYR C 198 14.99 -39.46 8.52
N LEU C 199 14.18 -38.52 9.01
CA LEU C 199 13.43 -37.60 8.17
C LEU C 199 14.04 -36.21 8.32
N LEU C 200 14.67 -35.74 7.25
CA LEU C 200 15.24 -34.41 7.19
C LEU C 200 14.24 -33.47 6.54
N THR C 201 13.99 -32.32 7.17
CA THR C 201 13.08 -31.32 6.63
C THR C 201 13.72 -29.94 6.71
N ALA C 202 13.08 -28.99 6.03
CA ALA C 202 13.38 -27.57 6.20
C ALA C 202 12.20 -26.92 6.93
N GLU C 203 12.50 -25.88 7.70
CA GLU C 203 11.47 -25.15 8.41
C GLU C 203 11.81 -23.67 8.45
N GLY C 204 10.77 -22.85 8.62
CA GLY C 204 10.93 -21.42 8.82
C GLY C 204 10.91 -20.57 7.57
N GLY C 205 10.77 -21.15 6.39
CA GLY C 205 10.81 -20.37 5.17
C GLY C 205 12.24 -20.06 4.75
N THR C 206 12.39 -19.70 3.48
CA THR C 206 13.72 -19.59 2.87
C THR C 206 14.31 -18.19 2.96
N ARG C 207 13.78 -17.35 3.84
CA ARG C 207 14.45 -16.09 4.15
C ARG C 207 15.37 -16.32 5.35
N TYR C 208 15.50 -15.34 6.25
CA TYR C 208 16.55 -15.44 7.27
C TYR C 208 16.17 -16.29 8.48
N GLU C 209 14.94 -16.81 8.54
CA GLU C 209 14.55 -17.77 9.56
C GLU C 209 14.73 -19.22 9.12
N HIS C 210 15.31 -19.44 7.93
CA HIS C 210 15.51 -20.78 7.40
C HIS C 210 16.25 -21.67 8.37
N ALA C 211 15.84 -22.93 8.43
CA ALA C 211 16.48 -23.91 9.30
C ALA C 211 16.31 -25.29 8.69
N ALA C 212 17.15 -26.22 9.17
CA ALA C 212 17.07 -27.63 8.82
C ALA C 212 16.82 -28.41 10.11
N THR C 213 15.73 -29.17 10.14
CA THR C 213 15.41 -29.99 11.30
C THR C 213 15.41 -31.46 10.91
N ILE C 214 15.69 -32.32 11.89
CA ILE C 214 15.80 -33.75 11.65
C ILE C 214 15.12 -34.51 12.79
N ALA C 215 14.40 -35.56 12.42
CA ALA C 215 13.72 -36.45 13.36
C ALA C 215 13.97 -37.89 12.93
N ARG C 216 13.61 -38.83 13.80
CA ARG C 216 13.88 -40.23 13.50
C ARG C 216 12.75 -41.09 14.05
N SER C 217 12.64 -42.30 13.51
CA SER C 217 11.59 -43.23 13.87
C SER C 217 11.95 -44.62 13.35
N SER C 218 11.41 -45.64 13.99
CA SER C 218 11.67 -47.01 13.57
C SER C 218 10.75 -47.43 12.43
N ARG C 219 9.55 -46.86 12.35
CA ARG C 219 8.63 -47.09 11.24
C ARG C 219 8.77 -45.97 10.23
N ILE C 220 8.70 -46.33 8.94
CA ILE C 220 8.81 -45.32 7.89
C ILE C 220 7.69 -44.29 8.02
N ASP C 221 6.53 -44.69 8.54
CA ASP C 221 5.38 -43.81 8.65
C ASP C 221 5.26 -43.17 10.03
N GLY C 222 6.30 -43.27 10.86
CA GLY C 222 6.32 -42.60 12.14
C GLY C 222 5.66 -43.39 13.25
N PRO C 223 5.45 -42.76 14.41
CA PRO C 223 5.73 -41.34 14.68
C PRO C 223 7.22 -41.04 14.88
N TYR C 224 7.62 -39.82 14.53
CA TYR C 224 9.01 -39.39 14.55
C TYR C 224 9.30 -38.57 15.80
N GLU C 225 10.47 -38.81 16.39
CA GLU C 225 10.95 -38.03 17.53
C GLU C 225 12.00 -37.04 17.05
N VAL C 226 11.93 -35.82 17.54
CA VAL C 226 12.73 -34.72 17.02
C VAL C 226 14.07 -34.67 17.75
N HIS C 227 15.13 -34.40 16.98
CA HIS C 227 16.49 -34.13 17.47
C HIS C 227 16.48 -33.32 18.76
N PRO C 228 17.28 -33.70 19.76
CA PRO C 228 17.22 -32.99 21.05
C PRO C 228 17.72 -31.56 20.98
N ASP C 229 18.64 -31.25 20.07
CA ASP C 229 19.14 -29.89 19.92
C ASP C 229 18.76 -29.35 18.54
N ASN C 230 17.46 -29.35 18.23
CA ASN C 230 16.89 -28.95 16.96
C ASN C 230 16.67 -27.44 16.92
N PRO C 231 16.91 -26.78 15.77
CA PRO C 231 17.33 -27.32 14.47
C PRO C 231 18.84 -27.56 14.39
N ILE C 232 19.26 -28.50 13.53
CA ILE C 232 20.68 -28.78 13.38
C ILE C 232 21.40 -27.71 12.57
N LEU C 233 20.68 -26.92 11.79
CA LEU C 233 21.28 -25.91 10.92
C LEU C 233 20.37 -24.70 10.87
N THR C 234 20.93 -23.53 11.17
CA THR C 234 20.24 -22.26 11.00
C THR C 234 21.24 -21.14 11.28
N ALA C 235 20.95 -19.97 10.73
CA ALA C 235 21.70 -18.76 11.04
C ALA C 235 20.79 -17.66 11.56
N PHE C 236 19.53 -18.00 11.91
CA PHE C 236 18.57 -16.99 12.34
C PHE C 236 19.08 -16.18 13.53
N HIS C 237 19.87 -16.80 14.40
CA HIS C 237 20.39 -16.16 15.61
C HIS C 237 21.68 -15.41 15.39
N ALA C 238 22.26 -15.48 14.19
CA ALA C 238 23.61 -14.95 13.93
C ALA C 238 23.59 -14.03 12.72
N PRO C 239 23.09 -12.79 12.88
CA PRO C 239 23.03 -11.88 11.73
C PRO C 239 24.39 -11.55 11.12
N SER C 240 25.47 -11.67 11.89
CA SER C 240 26.80 -11.37 11.40
C SER C 240 27.44 -12.51 10.63
N HIS C 241 26.88 -13.71 10.70
CA HIS C 241 27.49 -14.86 10.07
C HIS C 241 27.51 -14.69 8.55
N PRO C 242 28.62 -15.01 7.88
CA PRO C 242 28.69 -14.83 6.42
C PRO C 242 27.71 -15.70 5.65
N LEU C 243 27.28 -16.82 6.20
CA LEU C 243 26.27 -17.65 5.56
C LEU C 243 24.93 -17.42 6.26
N GLN C 244 23.89 -17.15 5.47
CA GLN C 244 22.56 -16.91 6.01
C GLN C 244 21.56 -17.78 5.28
N LYS C 245 20.32 -17.80 5.78
CA LYS C 245 19.23 -18.55 5.15
C LYS C 245 19.56 -20.02 5.01
N CYS C 246 20.27 -20.56 5.99
CA CYS C 246 20.84 -21.91 5.90
C CYS C 246 19.75 -22.94 6.16
N GLY C 247 19.31 -23.62 5.11
CA GLY C 247 18.29 -24.64 5.25
C GLY C 247 18.14 -25.43 3.98
N HIS C 248 17.07 -26.21 3.92
CA HIS C 248 16.78 -27.09 2.79
C HIS C 248 17.98 -27.98 2.47
N ALA C 249 18.31 -28.85 3.41
CA ALA C 249 19.50 -29.66 3.32
C ALA C 249 19.21 -31.06 2.77
N SER C 250 20.27 -31.73 2.34
CA SER C 250 20.26 -33.16 2.01
C SER C 250 21.59 -33.76 2.44
N ILE C 251 21.57 -35.05 2.78
CA ILE C 251 22.72 -35.71 3.40
C ILE C 251 23.24 -36.79 2.48
N VAL C 252 24.57 -36.89 2.40
CA VAL C 252 25.23 -37.97 1.66
C VAL C 252 26.27 -38.62 2.55
N GLN C 253 26.36 -39.95 2.48
CA GLN C 253 27.44 -40.70 3.09
C GLN C 253 28.43 -41.06 2.00
N THR C 254 29.66 -40.57 2.14
CA THR C 254 30.68 -40.81 1.13
C THR C 254 31.06 -42.29 1.09
N HIS C 255 31.74 -42.68 0.01
CA HIS C 255 32.32 -44.01 -0.07
C HIS C 255 33.50 -44.18 0.88
N THR C 256 34.00 -43.09 1.46
CA THR C 256 35.01 -43.14 2.49
C THR C 256 34.42 -43.16 3.90
N ASN C 257 33.11 -43.44 4.01
CA ASN C 257 32.42 -43.47 5.30
C ASN C 257 32.55 -42.15 6.06
N GLU C 258 32.23 -41.07 5.37
CA GLU C 258 32.13 -39.76 6.00
C GLU C 258 30.77 -39.16 5.64
N TRP C 259 30.36 -38.15 6.40
CA TRP C 259 29.00 -37.64 6.35
C TRP C 259 29.00 -36.15 6.08
N TYR C 260 28.20 -35.72 5.11
CA TYR C 260 28.21 -34.34 4.68
C TYR C 260 26.79 -33.86 4.41
N LEU C 261 26.60 -32.56 4.59
CA LEU C 261 25.30 -31.92 4.47
C LEU C 261 25.39 -30.79 3.45
N ALA C 262 24.62 -30.89 2.37
CA ALA C 262 24.49 -29.81 1.41
C ALA C 262 23.26 -28.99 1.75
N HIS C 263 23.37 -27.67 1.71
CA HIS C 263 22.25 -26.81 2.04
C HIS C 263 22.31 -25.56 1.17
N LEU C 264 21.18 -24.86 1.07
CA LEU C 264 21.21 -23.57 0.41
C LEU C 264 21.59 -22.50 1.41
N THR C 265 22.07 -21.38 0.87
CA THR C 265 22.53 -20.28 1.71
C THR C 265 22.50 -18.99 0.89
N GLY C 266 22.43 -17.87 1.61
CA GLY C 266 22.50 -16.55 0.99
C GLY C 266 23.62 -15.74 1.60
N ARG C 267 24.27 -14.92 0.77
CA ARG C 267 25.35 -14.05 1.20
C ARG C 267 24.92 -12.60 1.05
N PRO C 268 24.40 -11.96 2.10
CA PRO C 268 23.77 -10.65 1.95
C PRO C 268 24.73 -9.48 1.96
N ILE C 269 24.37 -8.47 1.17
CA ILE C 269 24.95 -7.14 1.26
C ILE C 269 24.13 -6.35 2.27
N HIS C 270 24.81 -5.76 3.25
CA HIS C 270 24.14 -4.96 4.29
C HIS C 270 24.21 -3.49 3.93
N SER C 271 23.37 -2.70 4.60
CA SER C 271 23.44 -1.25 4.52
C SER C 271 24.01 -0.71 5.83
N SER C 272 24.86 0.31 5.72
CA SER C 272 25.39 0.97 6.91
C SER C 272 24.34 1.81 7.60
N LYS C 273 23.25 2.15 6.90
CA LYS C 273 22.16 2.92 7.48
C LYS C 273 21.41 2.16 8.57
N GLU C 274 21.42 0.83 8.52
CA GLU C 274 20.53 0.02 9.34
C GLU C 274 21.33 -1.00 10.14
N SER C 275 20.72 -1.44 11.24
CA SER C 275 21.31 -2.52 12.02
C SER C 275 21.12 -3.85 11.31
N ILE C 276 22.18 -4.65 11.25
CA ILE C 276 22.06 -5.97 10.61
C ILE C 276 21.12 -6.88 11.39
N PHE C 277 20.84 -6.58 12.65
CA PHE C 277 19.85 -7.37 13.38
C PHE C 277 18.44 -7.06 12.89
N GLN C 278 18.22 -5.85 12.38
CA GLN C 278 16.92 -5.44 11.87
C GLN C 278 16.82 -5.62 10.36
N GLN C 279 17.79 -5.10 9.61
CA GLN C 279 17.85 -5.28 8.16
C GLN C 279 18.90 -6.34 7.87
N ARG C 280 18.45 -7.55 7.59
CA ARG C 280 19.36 -8.68 7.43
C ARG C 280 20.15 -8.63 6.12
N GLY C 281 19.68 -7.91 5.11
CA GLY C 281 20.47 -7.67 3.92
C GLY C 281 19.83 -8.20 2.65
N TRP C 282 20.49 -7.92 1.52
CA TRP C 282 20.00 -8.26 0.18
C TRP C 282 21.02 -9.13 -0.54
N CYS C 283 20.53 -10.17 -1.23
CA CYS C 283 21.39 -11.16 -1.87
C CYS C 283 21.21 -11.13 -3.39
N PRO C 284 21.97 -10.30 -4.11
CA PRO C 284 21.85 -10.32 -5.57
C PRO C 284 22.28 -11.62 -6.20
N LEU C 285 23.12 -12.41 -5.52
CA LEU C 285 23.53 -13.71 -6.01
C LEU C 285 22.51 -14.80 -5.69
N GLY C 286 21.39 -14.45 -5.08
CA GLY C 286 20.34 -15.41 -4.80
C GLY C 286 20.75 -16.39 -3.70
N ARG C 287 20.12 -17.56 -3.73
CA ARG C 287 20.48 -18.63 -2.82
C ARG C 287 21.52 -19.53 -3.49
N GLU C 288 22.61 -19.77 -2.78
CA GLU C 288 23.72 -20.58 -3.24
C GLU C 288 23.76 -21.89 -2.45
N THR C 289 24.64 -22.80 -2.85
CA THR C 289 24.77 -24.10 -2.21
C THR C 289 26.08 -24.17 -1.44
N ALA C 290 26.01 -24.62 -0.19
CA ALA C 290 27.16 -24.86 0.66
C ALA C 290 27.13 -26.31 1.13
N ILE C 291 28.28 -26.77 1.64
CA ILE C 291 28.40 -28.13 2.17
C ILE C 291 29.04 -28.05 3.55
N GLN C 292 28.45 -28.74 4.52
CA GLN C 292 28.98 -28.85 5.87
C GLN C 292 29.33 -30.30 6.16
N LYS C 293 30.21 -30.48 7.13
CA LYS C 293 30.54 -31.80 7.63
C LYS C 293 29.61 -32.16 8.80
N LEU C 294 29.21 -33.42 8.85
CA LEU C 294 28.39 -33.94 9.94
C LEU C 294 29.21 -34.87 10.83
N GLU C 295 28.75 -35.04 12.07
CA GLU C 295 29.35 -35.99 12.99
C GLU C 295 28.28 -36.47 13.96
N TRP C 296 28.37 -37.75 14.34
CA TRP C 296 27.30 -38.42 15.06
C TRP C 296 27.62 -38.58 16.54
N LYS C 297 26.58 -38.42 17.37
CA LYS C 297 26.62 -38.80 18.78
C LYS C 297 25.24 -39.31 19.14
N ASP C 298 25.18 -40.55 19.63
CA ASP C 298 23.95 -41.14 20.16
C ASP C 298 22.83 -41.16 19.11
N GLY C 299 23.19 -41.49 17.87
CA GLY C 299 22.21 -41.63 16.82
C GLY C 299 21.68 -40.34 16.24
N TRP C 300 22.31 -39.20 16.56
CA TRP C 300 21.90 -37.90 16.03
C TRP C 300 23.08 -37.24 15.32
N PRO C 301 22.89 -36.71 14.12
CA PRO C 301 23.99 -36.00 13.45
C PRO C 301 24.08 -34.55 13.93
N TYR C 302 25.29 -34.02 13.86
CA TYR C 302 25.55 -32.65 14.29
C TYR C 302 26.40 -31.94 13.24
N VAL C 303 26.11 -30.67 13.01
CA VAL C 303 26.88 -29.89 12.04
C VAL C 303 28.18 -29.46 12.69
N VAL C 304 29.30 -29.85 12.08
CA VAL C 304 30.62 -29.53 12.62
C VAL C 304 30.84 -28.03 12.59
N GLY C 305 31.15 -27.44 13.74
CA GLY C 305 31.42 -26.02 13.84
C GLY C 305 30.27 -25.17 14.35
N GLY C 306 29.10 -25.75 14.55
CA GLY C 306 27.93 -25.03 15.00
C GLY C 306 26.80 -25.10 13.99
N LYS C 307 25.62 -24.69 14.47
CA LYS C 307 24.41 -24.71 13.63
C LYS C 307 24.52 -23.77 12.44
N GLU C 308 25.42 -22.79 12.47
CA GLU C 308 25.47 -21.74 11.46
C GLU C 308 26.23 -22.15 10.21
N GLY C 309 26.99 -23.24 10.25
CA GLY C 309 27.80 -23.62 9.10
C GLY C 309 29.10 -22.84 9.05
N LEU C 310 30.07 -23.41 8.31
CA LEU C 310 31.41 -22.87 8.21
C LEU C 310 31.69 -22.40 6.79
N LEU C 311 32.57 -21.40 6.67
CA LEU C 311 33.06 -20.99 5.37
C LEU C 311 34.08 -21.98 4.81
N GLU C 312 34.93 -22.54 5.66
CA GLU C 312 35.93 -23.53 5.28
C GLU C 312 35.63 -24.84 6.01
N VAL C 313 35.44 -25.91 5.24
CA VAL C 313 34.95 -27.18 5.77
C VAL C 313 35.98 -28.27 5.48
N GLU C 314 36.19 -29.15 6.46
CA GLU C 314 37.10 -30.29 6.28
C GLU C 314 36.62 -31.18 5.15
N ALA C 315 37.47 -31.37 4.15
CA ALA C 315 37.12 -32.12 2.96
C ALA C 315 37.27 -33.63 3.19
N PRO C 316 36.51 -34.44 2.47
CA PRO C 316 36.60 -35.90 2.66
C PRO C 316 37.95 -36.44 2.25
N ALA C 317 38.21 -37.69 2.63
CA ALA C 317 39.48 -38.35 2.38
C ALA C 317 39.49 -38.91 0.95
N MET C 318 39.62 -38.00 -0.01
CA MET C 318 39.58 -38.34 -1.41
C MET C 318 40.69 -37.62 -2.16
N SER C 319 41.11 -38.19 -3.28
CA SER C 319 42.07 -37.54 -4.14
C SER C 319 41.44 -36.29 -4.76
N VAL C 320 42.20 -35.19 -4.76
CA VAL C 320 41.69 -33.94 -5.29
C VAL C 320 41.55 -34.06 -6.81
N LYS C 321 40.43 -33.57 -7.34
CA LYS C 321 40.18 -33.56 -8.78
C LYS C 321 39.62 -32.19 -9.16
N GLU C 322 40.48 -31.34 -9.71
CA GLU C 322 40.08 -30.04 -10.23
C GLU C 322 39.61 -30.17 -11.67
N PHE C 323 38.58 -29.41 -12.01
CA PHE C 323 38.04 -29.40 -13.35
C PHE C 323 38.47 -28.14 -14.09
N SER C 324 38.51 -28.24 -15.41
CA SER C 324 38.71 -27.08 -16.26
C SER C 324 37.42 -26.31 -16.38
N PRO C 325 37.50 -25.01 -16.74
CA PRO C 325 36.27 -24.21 -16.85
C PRO C 325 35.35 -24.72 -17.95
N THR C 326 34.04 -24.59 -17.70
CA THR C 326 33.01 -24.93 -18.67
C THR C 326 32.52 -23.71 -19.46
N TYR C 327 33.23 -22.59 -19.35
CA TYR C 327 32.94 -21.41 -20.15
C TYR C 327 34.25 -20.66 -20.37
N HIS C 328 34.29 -19.87 -21.43
CA HIS C 328 35.42 -18.99 -21.68
C HIS C 328 35.10 -17.58 -21.22
N ILE C 329 36.12 -16.88 -20.77
CA ILE C 329 35.94 -15.49 -20.36
C ILE C 329 35.39 -14.67 -21.52
N VAL C 330 35.84 -14.97 -22.73
CA VAL C 330 35.32 -14.33 -23.94
C VAL C 330 34.76 -15.43 -24.84
N ASP C 331 33.44 -15.51 -24.90
CA ASP C 331 32.76 -16.41 -25.83
C ASP C 331 32.59 -15.67 -27.15
N GLU C 332 33.15 -16.22 -28.23
CA GLU C 332 33.14 -15.55 -29.52
C GLU C 332 32.10 -16.11 -30.49
N PHE C 333 31.28 -17.07 -30.04
CA PHE C 333 30.18 -17.61 -30.83
C PHE C 333 30.63 -18.18 -32.17
N LYS C 334 31.88 -18.64 -32.24
CA LYS C 334 32.33 -19.35 -33.44
C LYS C 334 31.77 -20.76 -33.50
N ASP C 335 31.17 -21.23 -32.42
CA ASP C 335 30.60 -22.57 -32.29
C ASP C 335 29.30 -22.67 -33.10
N SER C 336 28.61 -23.79 -32.94
CA SER C 336 27.24 -23.98 -33.41
C SER C 336 26.31 -24.32 -32.25
N SER C 337 26.64 -23.84 -31.05
CA SER C 337 25.89 -24.22 -29.86
C SER C 337 26.01 -23.13 -28.81
N LEU C 338 25.00 -23.06 -27.95
CA LEU C 338 25.01 -22.14 -26.82
C LEU C 338 25.73 -22.80 -25.65
N ASN C 339 26.73 -22.10 -25.10
CA ASN C 339 27.43 -22.61 -23.93
C ASN C 339 26.45 -22.93 -22.81
N ARG C 340 26.81 -23.93 -21.99
CA ARG C 340 25.90 -24.47 -20.99
C ARG C 340 25.56 -23.49 -19.87
N HIS C 341 26.34 -22.42 -19.71
CA HIS C 341 26.01 -21.44 -18.68
C HIS C 341 24.98 -20.42 -19.14
N PHE C 342 24.60 -20.44 -20.42
CA PHE C 342 23.52 -19.58 -20.91
C PHE C 342 22.19 -20.29 -20.72
N GLN C 343 21.16 -19.54 -20.33
CA GLN C 343 19.81 -20.07 -20.31
C GLN C 343 18.88 -19.05 -20.95
N THR C 344 17.68 -19.52 -21.28
CA THR C 344 16.60 -18.68 -21.77
C THR C 344 15.44 -18.74 -20.80
N LEU C 345 14.48 -17.84 -20.97
CA LEU C 345 13.34 -17.78 -20.07
C LEU C 345 12.24 -18.69 -20.60
N ARG C 346 11.90 -19.71 -19.81
CA ARG C 346 10.68 -20.50 -19.96
C ARG C 346 10.67 -21.42 -21.19
N ILE C 347 11.18 -20.97 -22.32
CA ILE C 347 11.03 -21.67 -23.59
C ILE C 347 12.40 -22.09 -24.09
N PRO C 348 12.48 -23.11 -24.95
CA PRO C 348 13.76 -23.50 -25.51
C PRO C 348 14.32 -22.45 -26.46
N PHE C 349 15.63 -22.53 -26.69
CA PHE C 349 16.29 -21.71 -27.69
C PHE C 349 16.03 -22.31 -29.07
N THR C 350 15.14 -21.68 -29.84
CA THR C 350 14.83 -22.10 -31.21
C THR C 350 14.83 -20.88 -32.11
N ASP C 351 14.59 -21.13 -33.40
CA ASP C 351 14.48 -20.04 -34.39
C ASP C 351 13.45 -19.00 -34.00
N GLN C 352 12.52 -19.31 -33.10
CA GLN C 352 11.54 -18.33 -32.66
C GLN C 352 12.24 -17.11 -32.07
N ILE C 353 13.36 -17.30 -31.38
CA ILE C 353 14.02 -16.18 -30.71
C ILE C 353 15.46 -15.96 -31.18
N GLY C 354 16.12 -16.93 -31.79
CA GLY C 354 17.52 -16.70 -32.11
C GLY C 354 18.14 -17.90 -32.80
N SER C 355 19.41 -17.72 -33.18
CA SER C 355 20.16 -18.75 -33.89
C SER C 355 21.65 -18.54 -33.72
N VAL C 356 22.39 -19.64 -33.56
CA VAL C 356 23.84 -19.60 -33.59
C VAL C 356 24.39 -20.23 -34.88
N THR C 357 23.56 -20.31 -35.93
CA THR C 357 24.02 -20.83 -37.22
C THR C 357 23.69 -19.93 -38.41
N GLU C 358 22.76 -18.98 -38.29
CA GLU C 358 22.41 -18.15 -39.44
C GLU C 358 23.53 -17.19 -39.79
N ASN C 359 24.03 -16.45 -38.81
CA ASN C 359 25.12 -15.52 -39.05
C ASN C 359 26.40 -16.08 -38.44
N PRO C 360 27.34 -16.57 -39.23
CA PRO C 360 28.56 -17.17 -38.67
C PRO C 360 29.28 -16.23 -37.73
N HIS C 361 29.76 -16.79 -36.61
CA HIS C 361 30.55 -16.10 -35.59
C HIS C 361 29.74 -15.09 -34.78
N HIS C 362 28.40 -15.18 -34.82
CA HIS C 362 27.53 -14.28 -34.08
C HIS C 362 26.40 -15.07 -33.44
N LEU C 363 25.94 -14.58 -32.29
CA LEU C 363 24.65 -14.98 -31.77
C LEU C 363 23.60 -14.01 -32.29
N ARG C 364 22.65 -14.51 -33.07
CA ARG C 364 21.61 -13.70 -33.66
C ARG C 364 20.34 -13.86 -32.84
N LEU C 365 19.78 -12.75 -32.36
CA LEU C 365 18.52 -12.77 -31.65
C LEU C 365 17.49 -12.02 -32.46
N TYR C 366 16.35 -12.66 -32.69
CA TYR C 366 15.25 -12.05 -33.43
C TYR C 366 14.33 -11.35 -32.45
N GLY C 367 14.13 -10.05 -32.65
CA GLY C 367 13.39 -9.27 -31.67
C GLY C 367 12.00 -9.81 -31.42
N GLN C 368 11.69 -10.08 -30.15
CA GLN C 368 10.37 -10.53 -29.74
C GLN C 368 9.81 -9.63 -28.64
N GLU C 369 9.29 -10.24 -27.58
CA GLU C 369 8.55 -9.48 -26.59
C GLU C 369 9.49 -8.79 -25.60
N SER C 370 8.93 -7.82 -24.88
CA SER C 370 9.69 -7.02 -23.94
C SER C 370 10.12 -7.85 -22.74
N LEU C 371 10.97 -7.25 -21.90
CA LEU C 371 11.51 -7.90 -20.72
C LEU C 371 10.46 -8.13 -19.64
N THR C 372 9.27 -7.53 -19.76
CA THR C 372 8.20 -7.75 -18.80
C THR C 372 7.30 -8.90 -19.18
N SER C 373 7.64 -9.65 -20.23
CA SER C 373 6.75 -10.66 -20.79
C SER C 373 7.08 -12.04 -20.22
N LYS C 374 6.04 -12.79 -19.85
CA LYS C 374 6.23 -14.14 -19.36
C LYS C 374 6.11 -15.18 -20.47
N PHE C 375 6.23 -14.78 -21.73
CA PHE C 375 5.99 -15.74 -22.79
C PHE C 375 7.22 -15.91 -23.68
N THR C 376 7.42 -15.04 -24.67
CA THR C 376 8.47 -15.24 -25.67
C THR C 376 9.46 -14.08 -25.64
N GLN C 377 10.59 -14.27 -24.96
CA GLN C 377 11.65 -13.27 -24.87
C GLN C 377 12.89 -13.76 -25.61
N ALA C 378 13.41 -12.93 -26.52
CA ALA C 378 14.69 -13.21 -27.17
C ALA C 378 15.78 -12.69 -26.25
N PHE C 379 16.15 -13.53 -25.29
CA PHE C 379 16.99 -13.13 -24.16
C PHE C 379 17.84 -14.33 -23.78
N VAL C 380 19.16 -14.18 -23.81
CA VAL C 380 20.09 -15.26 -23.49
C VAL C 380 20.98 -14.75 -22.36
N ALA C 381 20.98 -15.44 -21.23
CA ALA C 381 21.52 -14.84 -20.02
C ALA C 381 22.30 -15.87 -19.22
N ARG C 382 23.20 -15.36 -18.37
CA ARG C 382 24.02 -16.17 -17.48
C ARG C 382 23.99 -15.57 -16.08
N ARG C 383 24.27 -16.41 -15.09
CA ARG C 383 24.17 -15.99 -13.69
C ARG C 383 25.26 -15.00 -13.29
N TRP C 384 24.89 -14.01 -12.48
CA TRP C 384 25.86 -13.37 -11.60
C TRP C 384 26.42 -14.43 -10.66
N GLN C 385 27.73 -14.63 -10.69
CA GLN C 385 28.33 -15.62 -9.80
C GLN C 385 29.49 -15.04 -9.00
N SER C 386 29.65 -13.73 -8.99
CA SER C 386 30.56 -13.04 -8.10
C SER C 386 29.99 -11.66 -7.82
N PHE C 387 30.42 -11.06 -6.72
CA PHE C 387 30.05 -9.68 -6.42
C PHE C 387 30.86 -8.67 -7.23
N TYR C 388 31.89 -9.11 -7.94
CA TYR C 388 32.77 -8.23 -8.70
C TYR C 388 33.03 -8.87 -10.05
N PHE C 389 32.48 -8.30 -11.11
CA PHE C 389 32.78 -8.79 -12.44
C PHE C 389 32.52 -7.68 -13.46
N GLU C 390 32.98 -7.92 -14.67
CA GLU C 390 32.64 -7.15 -15.84
C GLU C 390 32.01 -8.06 -16.86
N ALA C 391 30.92 -7.62 -17.47
CA ALA C 391 30.32 -8.33 -18.58
C ALA C 391 30.24 -7.37 -19.76
N GLU C 392 30.46 -7.90 -20.96
CA GLU C 392 30.64 -7.05 -22.12
C GLU C 392 30.21 -7.79 -23.37
N THR C 393 29.55 -7.07 -24.27
CA THR C 393 29.09 -7.63 -25.53
C THR C 393 29.26 -6.59 -26.62
N ALA C 394 29.05 -7.01 -27.87
CA ALA C 394 29.11 -6.14 -29.03
C ALA C 394 27.96 -6.49 -29.94
N VAL C 395 27.12 -5.51 -30.28
CA VAL C 395 25.87 -5.77 -30.97
C VAL C 395 25.83 -5.01 -32.28
N SER C 396 25.44 -5.70 -33.34
CA SER C 396 25.09 -5.06 -34.61
C SER C 396 23.57 -5.01 -34.68
N PHE C 397 23.01 -3.81 -34.71
CA PHE C 397 21.57 -3.64 -34.63
C PHE C 397 21.21 -2.32 -35.27
N PHE C 398 20.33 -2.35 -36.26
CA PHE C 398 19.94 -1.16 -37.02
C PHE C 398 18.42 -0.98 -36.95
N PRO C 399 17.90 -0.54 -35.80
CA PRO C 399 16.45 -0.39 -35.65
C PRO C 399 15.93 0.74 -36.52
N LYS C 400 14.69 0.56 -36.98
CA LYS C 400 14.04 1.55 -37.81
C LYS C 400 12.86 2.24 -37.12
N ASN C 401 12.46 1.77 -35.94
CA ASN C 401 11.39 2.42 -35.20
C ASN C 401 11.61 2.22 -33.72
N PHE C 402 10.92 3.03 -32.92
CA PHE C 402 11.14 3.07 -31.48
C PHE C 402 10.73 1.79 -30.76
N GLN C 403 10.06 0.86 -31.42
CA GLN C 403 9.66 -0.38 -30.77
C GLN C 403 10.70 -1.48 -30.94
N GLN C 404 11.88 -1.14 -31.46
CA GLN C 404 12.98 -2.08 -31.63
C GLN C 404 14.16 -1.66 -30.74
N ALA C 405 14.66 -2.61 -29.95
CA ALA C 405 15.75 -2.32 -29.02
C ALA C 405 16.50 -3.61 -28.73
N ALA C 406 17.82 -3.51 -28.62
CA ALA C 406 18.66 -4.67 -28.36
C ALA C 406 19.91 -4.24 -27.61
N GLY C 407 20.37 -5.08 -26.69
CA GLY C 407 21.57 -4.76 -25.95
C GLY C 407 21.91 -5.63 -24.78
N LEU C 408 22.35 -5.00 -23.69
CA LEU C 408 22.87 -5.68 -22.52
C LEU C 408 21.92 -5.50 -21.35
N VAL C 409 21.56 -6.59 -20.69
CA VAL C 409 20.52 -6.59 -19.67
C VAL C 409 21.05 -7.25 -18.39
N ASN C 410 20.74 -6.63 -17.26
CA ASN C 410 20.84 -7.26 -15.94
C ASN C 410 19.43 -7.42 -15.38
N TYR C 411 19.11 -8.64 -14.97
CA TYR C 411 17.72 -9.08 -14.88
C TYR C 411 17.52 -9.97 -13.66
N TYR C 412 16.41 -9.77 -12.96
CA TYR C 412 15.94 -10.69 -11.92
C TYR C 412 14.62 -11.34 -12.32
N ASN C 413 13.57 -10.57 -12.59
CA ASN C 413 12.33 -11.13 -13.08
C ASN C 413 11.67 -10.10 -14.00
N THR C 414 10.47 -10.42 -14.47
CA THR C 414 9.82 -9.57 -15.46
C THR C 414 9.53 -8.17 -14.95
N GLU C 415 9.60 -7.96 -13.63
CA GLU C 415 9.32 -6.65 -13.04
C GLU C 415 10.56 -5.93 -12.54
N ASN C 416 11.74 -6.53 -12.67
CA ASN C 416 12.94 -6.00 -12.01
C ASN C 416 14.13 -6.27 -12.92
N TRP C 417 14.56 -5.25 -13.64
CA TRP C 417 15.68 -5.36 -14.57
C TRP C 417 16.16 -3.97 -14.92
N THR C 418 17.35 -3.91 -15.52
CA THR C 418 17.82 -2.73 -16.24
C THR C 418 18.40 -3.19 -17.56
N ALA C 419 18.45 -2.28 -18.53
CA ALA C 419 18.81 -2.64 -19.88
C ALA C 419 19.45 -1.44 -20.56
N LEU C 420 20.59 -1.66 -21.19
CA LEU C 420 21.26 -0.67 -22.04
C LEU C 420 21.11 -1.15 -23.47
N GLN C 421 20.32 -0.45 -24.28
CA GLN C 421 19.91 -0.97 -25.58
C GLN C 421 20.10 0.03 -26.69
N VAL C 422 20.49 -0.46 -27.85
CA VAL C 422 20.43 0.30 -29.09
C VAL C 422 18.98 0.36 -29.54
N THR C 423 18.47 1.55 -29.79
CA THR C 423 17.08 1.72 -30.25
C THR C 423 17.02 2.90 -31.21
N TYR C 424 15.81 3.32 -31.54
CA TYR C 424 15.60 4.32 -32.59
C TYR C 424 14.70 5.44 -32.07
N ASP C 425 15.01 6.66 -32.49
CA ASP C 425 14.21 7.84 -32.17
C ASP C 425 13.92 8.57 -33.48
N ASP C 426 12.65 8.95 -33.66
CA ASP C 426 12.21 9.49 -34.95
C ASP C 426 12.98 10.74 -35.36
N ALA C 427 13.37 11.58 -34.41
CA ALA C 427 14.08 12.81 -34.74
C ALA C 427 15.59 12.68 -34.63
N LEU C 428 16.10 11.62 -34.01
CA LEU C 428 17.52 11.50 -33.71
C LEU C 428 18.22 10.33 -34.38
N GLY C 429 17.49 9.38 -34.96
CA GLY C 429 18.11 8.19 -35.49
C GLY C 429 18.38 7.15 -34.42
N ARG C 430 19.42 6.35 -34.63
CA ARG C 430 19.83 5.36 -33.65
C ARG C 430 20.33 6.05 -32.39
N ILE C 431 19.80 5.66 -31.23
CA ILE C 431 20.24 6.16 -29.94
C ILE C 431 20.53 4.97 -29.03
N LEU C 432 21.22 5.25 -27.92
CA LEU C 432 21.51 4.28 -26.88
C LEU C 432 20.75 4.70 -25.64
N GLU C 433 19.90 3.81 -25.14
CA GLU C 433 18.96 4.19 -24.09
C GLU C 433 19.11 3.28 -22.87
N LEU C 434 19.06 3.89 -21.70
CA LEU C 434 19.07 3.16 -20.44
C LEU C 434 17.64 3.06 -19.91
N SER C 435 17.20 1.84 -19.62
CA SER C 435 15.85 1.59 -19.12
C SER C 435 15.95 0.85 -17.79
N VAL C 436 15.19 1.32 -16.80
CA VAL C 436 15.20 0.77 -15.44
C VAL C 436 13.77 0.37 -15.08
N CYS C 437 13.61 -0.85 -14.59
CA CYS C 437 12.32 -1.37 -14.16
C CYS C 437 12.47 -1.90 -12.74
N GLU C 438 11.73 -1.30 -11.80
CA GLU C 438 11.89 -1.57 -10.38
C GLU C 438 10.53 -1.92 -9.80
N ASN C 439 10.27 -3.21 -9.59
CA ASN C 439 8.95 -3.73 -9.25
C ASN C 439 7.86 -3.10 -10.13
N LEU C 440 8.11 -3.12 -11.44
CA LEU C 440 7.24 -2.67 -12.52
C LEU C 440 7.13 -1.15 -12.64
N ALA C 441 7.84 -0.38 -11.81
CA ALA C 441 7.94 1.06 -12.01
C ALA C 441 9.05 1.34 -13.01
N PHE C 442 8.69 2.00 -14.12
CA PHE C 442 9.56 2.12 -15.29
C PHE C 442 10.10 3.53 -15.39
N SER C 443 11.42 3.65 -15.58
CA SER C 443 12.04 4.94 -15.80
C SER C 443 13.13 4.82 -16.85
N GLN C 444 13.37 5.93 -17.54
CA GLN C 444 14.45 6.04 -18.53
C GLN C 444 15.20 7.32 -18.16
N PRO C 445 16.22 7.21 -17.29
CA PRO C 445 16.69 8.39 -16.55
C PRO C 445 17.61 9.32 -17.32
N LEU C 446 18.19 8.90 -18.44
CA LEU C 446 19.09 9.76 -19.18
C LEU C 446 18.35 10.97 -19.73
N ILE C 447 18.82 12.17 -19.37
CA ILE C 447 18.20 13.39 -19.88
C ILE C 447 18.64 13.66 -21.32
N LYS C 448 19.95 13.63 -21.56
CA LYS C 448 20.48 13.80 -22.90
C LYS C 448 20.58 12.44 -23.56
N LYS C 449 20.01 12.31 -24.75
CA LYS C 449 20.05 11.04 -25.47
C LYS C 449 21.42 10.84 -26.10
N ILE C 450 21.89 9.59 -26.07
CA ILE C 450 23.19 9.23 -26.62
C ILE C 450 22.99 8.88 -28.09
N ILE C 451 23.59 9.67 -28.97
CA ILE C 451 23.43 9.50 -30.41
C ILE C 451 24.46 8.51 -30.94
N ILE C 452 24.03 7.62 -31.82
CA ILE C 452 24.90 6.66 -32.50
C ILE C 452 24.92 7.03 -33.98
N PRO C 453 26.09 7.32 -34.56
CA PRO C 453 26.14 7.64 -35.99
C PRO C 453 25.87 6.42 -36.85
N ASP C 454 25.47 6.71 -38.10
CA ASP C 454 25.07 5.64 -39.01
C ASP C 454 26.23 4.74 -39.39
N GLU C 455 27.46 5.23 -39.31
CA GLU C 455 28.62 4.47 -39.79
C GLU C 455 29.13 3.46 -38.77
N ILE C 456 28.56 3.37 -37.58
CA ILE C 456 29.07 2.49 -36.53
C ILE C 456 28.54 1.08 -36.71
N PRO C 457 29.37 0.10 -37.08
CA PRO C 457 28.86 -1.26 -37.29
C PRO C 457 28.52 -1.99 -36.00
N TYR C 458 29.25 -1.75 -34.91
CA TYR C 458 29.03 -2.43 -33.64
C TYR C 458 29.00 -1.42 -32.51
N VAL C 459 28.02 -1.54 -31.63
CA VAL C 459 28.00 -0.79 -30.38
C VAL C 459 28.47 -1.71 -29.28
N TYR C 460 29.54 -1.33 -28.60
CA TYR C 460 30.11 -2.13 -27.52
C TYR C 460 29.49 -1.71 -26.20
N LEU C 461 29.09 -2.69 -25.41
CA LEU C 461 28.32 -2.46 -24.19
C LEU C 461 28.98 -3.20 -23.04
N LYS C 462 29.08 -2.55 -21.89
CA LYS C 462 29.74 -3.13 -20.73
C LYS C 462 28.95 -2.80 -19.47
N VAL C 463 28.94 -3.73 -18.53
CA VAL C 463 28.49 -3.47 -17.17
C VAL C 463 29.60 -3.87 -16.21
N THR C 464 29.92 -2.99 -15.26
CA THR C 464 30.91 -3.25 -14.23
C THR C 464 30.21 -3.38 -12.89
N VAL C 465 30.29 -4.55 -12.28
CA VAL C 465 29.59 -4.85 -11.04
C VAL C 465 30.59 -4.81 -9.90
N GLN C 466 30.32 -3.98 -8.89
CA GLN C 466 31.20 -3.79 -7.73
C GLN C 466 30.35 -3.90 -6.46
N ARG C 467 29.99 -5.12 -6.09
CA ARG C 467 29.20 -5.41 -4.90
C ARG C 467 27.86 -4.69 -4.94
N GLU C 468 27.72 -3.59 -4.21
CA GLU C 468 26.41 -2.99 -4.00
C GLU C 468 25.96 -2.07 -5.12
N THR C 469 26.84 -1.68 -6.05
CA THR C 469 26.44 -0.86 -7.19
C THR C 469 27.06 -1.42 -8.46
N TYR C 470 26.44 -1.10 -9.60
CA TYR C 470 27.00 -1.42 -10.90
C TYR C 470 26.70 -0.26 -11.85
N THR C 471 27.52 -0.15 -12.89
CA THR C 471 27.38 0.91 -13.87
C THR C 471 27.60 0.36 -15.26
N TYR C 472 26.92 0.96 -16.24
CA TYR C 472 27.08 0.62 -17.65
C TYR C 472 28.08 1.58 -18.30
N SER C 473 28.75 1.09 -19.35
CA SER C 473 29.51 1.97 -20.22
C SER C 473 29.43 1.41 -21.64
N TYR C 474 29.77 2.26 -22.61
CA TYR C 474 29.61 1.92 -24.01
C TYR C 474 30.77 2.49 -24.83
N SER C 475 30.96 1.92 -26.02
CA SER C 475 32.01 2.37 -26.94
C SER C 475 31.58 2.13 -28.38
N PHE C 476 31.98 3.04 -29.27
CA PHE C 476 31.77 2.87 -30.70
C PHE C 476 33.00 2.34 -31.42
N ASP C 477 34.07 2.03 -30.70
CA ASP C 477 35.28 1.50 -31.33
C ASP C 477 36.02 0.47 -30.50
N GLN C 478 35.49 0.04 -29.36
CA GLN C 478 36.08 -0.94 -28.44
C GLN C 478 37.33 -0.43 -27.72
N GLN C 479 37.80 0.78 -28.01
CA GLN C 479 38.96 1.32 -27.33
C GLN C 479 38.63 2.44 -26.36
N GLU C 480 37.88 3.46 -26.79
CA GLU C 480 37.47 4.54 -25.91
C GLU C 480 36.05 4.27 -25.41
N TRP C 481 35.91 4.18 -24.08
CA TRP C 481 34.65 3.86 -23.43
C TRP C 481 34.11 5.07 -22.68
N GLU C 482 32.80 5.29 -22.79
CA GLU C 482 32.13 6.38 -22.08
C GLU C 482 31.27 5.79 -20.97
N LYS C 483 31.51 6.22 -19.74
CA LYS C 483 30.75 5.70 -18.61
C LYS C 483 29.42 6.43 -18.51
N ILE C 484 28.35 5.67 -18.31
CA ILE C 484 27.01 6.23 -18.11
C ILE C 484 26.86 6.51 -16.62
N ASP C 485 26.80 7.79 -16.26
CA ASP C 485 26.84 8.22 -14.86
C ASP C 485 25.47 8.09 -14.20
N VAL C 486 25.01 6.84 -14.11
CA VAL C 486 23.81 6.50 -13.35
C VAL C 486 24.15 5.26 -12.53
N PRO C 487 24.52 5.41 -11.26
CA PRO C 487 24.85 4.24 -10.44
C PRO C 487 23.61 3.44 -10.10
N LEU C 488 23.58 2.19 -10.53
CA LEU C 488 22.47 1.29 -10.27
C LEU C 488 22.79 0.43 -9.06
N GLU C 489 21.75 -0.04 -8.38
CA GLU C 489 21.91 -0.75 -7.12
C GLU C 489 21.76 -2.25 -7.33
N SER C 490 22.82 -3.00 -7.03
CA SER C 490 22.78 -4.46 -7.15
C SER C 490 21.73 -5.07 -6.24
N THR C 491 21.45 -4.42 -5.11
CA THR C 491 20.48 -4.97 -4.16
C THR C 491 19.06 -4.93 -4.70
N HIS C 492 18.80 -4.14 -5.74
CA HIS C 492 17.49 -4.14 -6.38
C HIS C 492 17.26 -5.34 -7.28
N LEU C 493 18.31 -6.10 -7.61
CA LEU C 493 18.16 -7.36 -8.33
C LEU C 493 18.38 -8.54 -7.39
N SER C 494 17.63 -8.62 -6.29
CA SER C 494 17.89 -9.62 -5.26
C SER C 494 16.60 -10.23 -4.76
N ASP C 495 16.72 -11.43 -4.18
CA ASP C 495 15.59 -12.11 -3.56
C ASP C 495 14.84 -11.22 -2.58
N ASP C 496 15.55 -10.34 -1.88
CA ASP C 496 15.02 -9.63 -0.74
C ASP C 496 14.40 -8.29 -1.09
N PHE C 497 14.45 -7.88 -2.35
CA PHE C 497 13.90 -6.62 -2.80
C PHE C 497 12.64 -6.74 -3.62
N ILE C 498 12.50 -7.80 -4.42
CA ILE C 498 11.41 -7.89 -5.39
C ILE C 498 10.13 -8.30 -4.67
N ARG C 499 9.02 -7.77 -5.16
CA ARG C 499 7.71 -8.04 -4.58
C ARG C 499 7.13 -9.35 -5.12
N GLY C 500 6.21 -9.91 -4.35
CA GLY C 500 5.45 -11.06 -4.78
C GLY C 500 5.81 -12.32 -4.01
N GLY C 501 4.99 -13.36 -4.23
CA GLY C 501 5.18 -14.63 -3.56
C GLY C 501 6.29 -15.49 -4.11
N GLY C 502 6.88 -15.10 -5.24
CA GLY C 502 8.00 -15.84 -5.80
C GLY C 502 9.28 -15.02 -5.81
N PHE C 503 10.23 -15.38 -4.96
CA PHE C 503 11.45 -14.59 -4.77
C PHE C 503 12.64 -15.53 -4.69
N PHE C 504 12.79 -16.38 -5.71
CA PHE C 504 13.54 -17.62 -5.58
C PHE C 504 14.71 -17.78 -6.54
N THR C 505 15.05 -16.77 -7.33
CA THR C 505 16.12 -16.96 -8.31
C THR C 505 17.38 -16.18 -7.95
N GLY C 506 17.73 -15.19 -8.75
CA GLY C 506 18.96 -14.46 -8.57
C GLY C 506 19.24 -13.64 -9.81
N ALA C 507 20.26 -12.79 -9.71
CA ALA C 507 20.55 -11.85 -10.79
C ALA C 507 21.25 -12.54 -11.96
N PHE C 508 20.87 -12.13 -13.17
CA PHE C 508 21.42 -12.61 -14.43
C PHE C 508 21.92 -11.43 -15.24
N VAL C 509 22.83 -11.72 -16.17
CA VAL C 509 23.30 -10.74 -17.14
C VAL C 509 23.33 -11.42 -18.51
N GLY C 510 22.97 -10.69 -19.56
CA GLY C 510 22.86 -11.36 -20.85
C GLY C 510 22.55 -10.40 -21.98
N MET C 511 22.38 -11.01 -23.17
CA MET C 511 22.12 -10.29 -24.41
C MET C 511 20.65 -10.43 -24.76
N GLN C 512 20.07 -9.36 -25.29
CA GLN C 512 18.63 -9.35 -25.49
C GLN C 512 18.28 -8.53 -26.72
N CYS C 513 17.19 -8.91 -27.37
CA CYS C 513 16.63 -8.14 -28.46
C CYS C 513 15.12 -8.16 -28.37
N GLN C 514 14.49 -6.99 -28.52
CA GLN C 514 13.05 -6.92 -28.55
C GLN C 514 12.60 -6.12 -29.77
N ASP C 515 11.47 -6.54 -30.34
CA ASP C 515 10.84 -5.88 -31.48
C ASP C 515 9.34 -6.03 -31.24
N THR C 516 8.75 -5.03 -30.60
CA THR C 516 7.31 -5.04 -30.38
C THR C 516 6.54 -4.34 -31.49
N SER C 517 7.20 -4.08 -32.62
CA SER C 517 6.49 -3.67 -33.83
C SER C 517 6.03 -4.87 -34.65
N GLY C 518 6.76 -5.98 -34.60
CA GLY C 518 6.37 -7.18 -35.29
C GLY C 518 7.30 -7.64 -36.39
N GLU C 519 8.33 -6.86 -36.72
CA GLU C 519 9.23 -7.20 -37.82
C GLU C 519 10.22 -8.31 -37.48
N ARG C 520 10.36 -8.67 -36.20
CA ARG C 520 11.33 -9.69 -35.79
C ARG C 520 12.74 -9.29 -36.18
N LEU C 521 13.07 -8.01 -36.01
CA LEU C 521 14.35 -7.49 -36.47
C LEU C 521 15.49 -8.19 -35.75
N PRO C 522 16.51 -8.67 -36.48
CA PRO C 522 17.61 -9.37 -35.82
C PRO C 522 18.66 -8.42 -35.25
N ALA C 523 19.24 -8.85 -34.13
CA ALA C 523 20.41 -8.23 -33.53
C ALA C 523 21.51 -9.28 -33.47
N ASP C 524 22.70 -8.92 -33.93
CA ASP C 524 23.83 -9.84 -34.02
C ASP C 524 24.86 -9.46 -32.97
N PHE C 525 25.09 -10.36 -32.01
CA PHE C 525 26.04 -10.14 -30.92
C PHE C 525 27.34 -10.84 -31.27
N LYS C 526 28.43 -10.07 -31.32
CA LYS C 526 29.69 -10.61 -31.81
C LYS C 526 30.40 -11.48 -30.77
N TYR C 527 30.26 -11.17 -29.49
CA TYR C 527 30.88 -11.95 -28.44
C TYR C 527 30.17 -11.63 -27.13
N PHE C 528 30.44 -12.45 -26.11
CA PHE C 528 29.99 -12.17 -24.75
C PHE C 528 31.13 -12.46 -23.80
N ARG C 529 31.59 -11.44 -23.08
CA ARG C 529 32.64 -11.57 -22.11
C ARG C 529 32.05 -11.55 -20.70
N TYR C 530 32.43 -12.51 -19.87
CA TYR C 530 32.09 -12.52 -18.46
C TYR C 530 33.38 -12.78 -17.69
N GLU C 531 33.89 -11.75 -17.00
CA GLU C 531 35.20 -11.78 -16.37
C GLU C 531 35.05 -11.42 -14.89
N GLU C 532 35.06 -12.44 -14.04
CA GLU C 532 35.03 -12.21 -12.59
C GLU C 532 36.38 -11.72 -12.11
N THR C 533 36.36 -10.77 -11.18
CA THR C 533 37.53 -10.32 -10.45
C THR C 533 37.23 -10.65 -8.99
N THR C 534 37.35 -11.93 -8.63
CA THR C 534 36.71 -12.36 -7.38
C THR C 534 37.46 -11.92 -6.14
N GLU C 535 38.58 -11.21 -6.28
CA GLU C 535 39.04 -10.25 -5.27
C GLU C 535 39.03 -10.81 -3.83
N MET D 1 -41.53 -1.61 -34.20
CA MET D 1 -40.66 -2.08 -33.12
C MET D 1 -39.32 -1.37 -33.16
N LYS D 2 -38.81 -1.02 -31.98
CA LYS D 2 -37.56 -0.28 -31.85
C LYS D 2 -36.41 -1.22 -31.51
N ILE D 3 -35.18 -0.69 -31.63
CA ILE D 3 -34.01 -1.32 -31.06
C ILE D 3 -33.99 -1.02 -29.56
N THR D 4 -33.88 -2.07 -28.74
CA THR D 4 -33.77 -1.92 -27.29
C THR D 4 -32.36 -2.26 -26.86
N ASN D 5 -31.68 -1.29 -26.26
CA ASN D 5 -30.28 -1.43 -25.86
C ASN D 5 -30.17 -1.86 -24.41
N PRO D 6 -29.17 -2.68 -24.05
CA PRO D 6 -28.15 -3.26 -24.94
C PRO D 6 -28.70 -4.35 -25.84
N VAL D 7 -28.29 -4.38 -27.12
CA VAL D 7 -28.72 -5.46 -28.01
C VAL D 7 -28.01 -6.75 -27.67
N LEU D 8 -26.79 -6.67 -27.12
CA LEU D 8 -26.07 -7.82 -26.59
C LEU D 8 -25.86 -7.59 -25.11
N LYS D 9 -26.51 -8.40 -24.28
CA LYS D 9 -26.46 -8.24 -22.84
C LYS D 9 -25.35 -9.11 -22.25
N GLY D 10 -24.85 -8.68 -21.10
CA GLY D 10 -23.71 -9.34 -20.52
C GLY D 10 -22.42 -8.99 -21.26
N PHE D 11 -21.35 -9.66 -20.83
CA PHE D 11 -19.99 -9.45 -21.33
C PHE D 11 -19.91 -9.62 -22.84
N ASN D 12 -20.00 -8.50 -23.57
CA ASN D 12 -19.91 -8.49 -25.04
C ASN D 12 -19.34 -7.15 -25.50
N PRO D 13 -18.05 -6.92 -25.30
CA PRO D 13 -17.46 -5.61 -25.57
C PRO D 13 -16.93 -5.45 -27.00
N ASP D 14 -16.54 -4.22 -27.32
CA ASP D 14 -15.79 -3.91 -28.54
C ASP D 14 -16.51 -4.36 -29.83
N PRO D 15 -17.76 -3.96 -30.03
CA PRO D 15 -18.53 -4.51 -31.17
C PRO D 15 -17.98 -4.03 -32.51
N SER D 16 -17.77 -4.99 -33.42
CA SER D 16 -17.34 -4.70 -34.79
C SER D 16 -18.47 -5.16 -35.71
N ILE D 17 -19.23 -4.20 -36.23
CA ILE D 17 -20.40 -4.50 -37.05
C ILE D 17 -20.00 -4.50 -38.52
N CYS D 18 -20.59 -5.40 -39.30
CA CYS D 18 -20.35 -5.40 -40.73
C CYS D 18 -21.58 -5.97 -41.44
N ARG D 19 -21.69 -5.63 -42.72
CA ARG D 19 -22.81 -6.03 -43.56
C ARG D 19 -22.33 -6.94 -44.67
N ALA D 20 -23.07 -8.02 -44.91
CA ALA D 20 -22.89 -8.90 -46.06
C ALA D 20 -24.25 -9.04 -46.72
N GLY D 21 -24.48 -8.29 -47.80
CA GLY D 21 -25.79 -8.26 -48.43
C GLY D 21 -26.83 -7.65 -47.53
N GLU D 22 -27.80 -8.46 -47.11
CA GLU D 22 -28.82 -8.00 -46.16
C GLU D 22 -28.70 -8.74 -44.82
N ASP D 23 -27.56 -9.37 -44.58
CA ASP D 23 -27.23 -9.98 -43.30
C ASP D 23 -26.22 -9.09 -42.58
N TYR D 24 -26.36 -9.01 -41.26
CA TYR D 24 -25.54 -8.12 -40.45
C TYR D 24 -24.85 -8.92 -39.37
N TYR D 25 -23.56 -8.64 -39.18
CA TYR D 25 -22.73 -9.42 -38.27
C TYR D 25 -22.02 -8.48 -37.30
N MET D 26 -21.85 -8.95 -36.06
CA MET D 26 -21.09 -8.22 -35.05
C MET D 26 -20.19 -9.18 -34.29
N ALA D 27 -18.90 -8.87 -34.27
CA ALA D 27 -17.94 -9.62 -33.46
C ALA D 27 -17.61 -8.83 -32.19
N VAL D 28 -17.51 -9.56 -31.07
CA VAL D 28 -17.18 -8.97 -29.79
C VAL D 28 -15.96 -9.70 -29.22
N SER D 29 -15.28 -9.04 -28.28
CA SER D 29 -14.06 -9.58 -27.68
C SER D 29 -14.38 -10.57 -26.57
N THR D 30 -13.46 -11.50 -26.35
CA THR D 30 -13.65 -12.59 -25.40
C THR D 30 -12.50 -12.77 -24.40
N PHE D 31 -11.35 -12.14 -24.62
CA PHE D 31 -10.23 -12.09 -23.67
C PHE D 31 -9.78 -13.51 -23.38
N GLU D 32 -9.72 -13.96 -22.12
CA GLU D 32 -9.18 -15.28 -21.80
C GLU D 32 -10.18 -16.41 -21.98
N TRP D 33 -11.41 -16.13 -22.39
CA TRP D 33 -12.44 -17.15 -22.50
C TRP D 33 -12.37 -17.82 -23.86
N PHE D 34 -12.43 -19.16 -23.86
CA PHE D 34 -12.22 -19.99 -25.03
C PHE D 34 -13.48 -20.79 -25.38
N PRO D 35 -13.85 -20.89 -26.66
CA PRO D 35 -13.16 -20.39 -27.86
C PRO D 35 -13.26 -18.88 -28.05
N GLY D 36 -12.43 -18.33 -28.93
CA GLY D 36 -12.23 -16.89 -29.00
C GLY D 36 -13.09 -16.21 -30.04
N VAL D 37 -13.50 -14.97 -29.70
CA VAL D 37 -14.36 -14.10 -30.50
C VAL D 37 -15.76 -14.70 -30.56
N GLN D 38 -16.77 -13.87 -30.30
CA GLN D 38 -18.16 -14.23 -30.56
C GLN D 38 -18.66 -13.40 -31.72
N ILE D 39 -19.35 -14.03 -32.67
CA ILE D 39 -19.95 -13.32 -33.79
C ILE D 39 -21.46 -13.52 -33.73
N TYR D 40 -22.19 -12.42 -33.74
CA TYR D 40 -23.64 -12.44 -33.75
C TYR D 40 -24.16 -12.04 -35.12
N HIS D 41 -25.39 -12.47 -35.42
CA HIS D 41 -25.99 -12.28 -36.73
C HIS D 41 -27.36 -11.64 -36.55
N SER D 42 -27.73 -10.77 -37.50
CA SER D 42 -29.01 -10.08 -37.43
C SER D 42 -29.48 -9.70 -38.82
N LYS D 43 -30.79 -9.56 -38.96
CA LYS D 43 -31.40 -9.05 -40.18
C LYS D 43 -32.28 -7.83 -39.94
N ASP D 44 -32.43 -7.40 -38.68
CA ASP D 44 -33.18 -6.21 -38.36
C ASP D 44 -32.44 -5.24 -37.43
N LEU D 45 -31.25 -5.62 -36.94
CA LEU D 45 -30.44 -4.90 -35.96
C LEU D 45 -31.09 -4.85 -34.58
N ILE D 46 -32.29 -5.41 -34.41
CA ILE D 46 -32.95 -5.50 -33.11
C ILE D 46 -32.61 -6.80 -32.40
N HIS D 47 -32.74 -7.92 -33.13
CA HIS D 47 -32.53 -9.25 -32.59
C HIS D 47 -31.21 -9.80 -33.14
N TRP D 48 -30.45 -10.42 -32.25
CA TRP D 48 -29.14 -10.95 -32.57
C TRP D 48 -29.04 -12.37 -32.04
N ARG D 49 -28.47 -13.28 -32.83
CA ARG D 49 -28.25 -14.64 -32.37
C ARG D 49 -26.77 -14.99 -32.46
N LEU D 50 -26.31 -15.77 -31.47
CA LEU D 50 -24.91 -16.18 -31.41
C LEU D 50 -24.63 -17.18 -32.51
N ALA D 51 -23.94 -16.74 -33.56
CA ALA D 51 -23.76 -17.52 -34.77
C ALA D 51 -22.48 -18.34 -34.80
N ALA D 52 -21.38 -17.81 -34.26
CA ALA D 52 -20.12 -18.51 -34.40
C ALA D 52 -19.15 -18.08 -33.31
N ARG D 53 -18.13 -18.90 -33.12
CA ARG D 53 -17.00 -18.59 -32.24
C ARG D 53 -15.76 -19.09 -32.97
N PRO D 54 -15.14 -18.22 -33.78
CA PRO D 54 -14.22 -18.72 -34.82
C PRO D 54 -12.94 -19.34 -34.28
N LEU D 55 -12.38 -18.82 -33.21
CA LEU D 55 -11.04 -19.22 -32.78
C LEU D 55 -11.17 -20.45 -31.87
N GLN D 56 -11.20 -21.63 -32.51
CA GLN D 56 -11.52 -22.87 -31.83
C GLN D 56 -10.31 -23.79 -31.61
N LYS D 57 -9.18 -23.52 -32.25
CA LYS D 57 -8.02 -24.39 -32.16
C LYS D 57 -6.83 -23.66 -31.57
N THR D 58 -5.98 -24.40 -30.87
CA THR D 58 -4.76 -23.84 -30.32
C THR D 58 -3.84 -23.28 -31.41
N SER D 59 -3.95 -23.79 -32.63
CA SER D 59 -3.20 -23.23 -33.75
C SER D 59 -3.69 -21.84 -34.13
N GLN D 60 -4.91 -21.48 -33.75
CA GLN D 60 -5.42 -20.12 -33.91
C GLN D 60 -5.32 -19.29 -32.64
N LEU D 61 -5.36 -19.93 -31.48
CA LEU D 61 -5.44 -19.18 -30.22
C LEU D 61 -4.93 -20.06 -29.08
N ASP D 62 -3.77 -19.73 -28.53
CA ASP D 62 -3.08 -20.51 -27.51
C ASP D 62 -2.89 -19.59 -26.30
N MET D 63 -3.81 -19.69 -25.33
CA MET D 63 -3.90 -18.72 -24.24
C MET D 63 -3.55 -19.31 -22.88
N LYS D 64 -3.03 -20.54 -22.83
CA LYS D 64 -2.58 -21.11 -21.57
C LYS D 64 -1.59 -20.17 -20.89
N GLY D 65 -1.89 -19.79 -19.64
CA GLY D 65 -1.05 -18.88 -18.89
C GLY D 65 -1.32 -17.40 -19.10
N ASN D 66 -2.18 -17.03 -20.05
CA ASN D 66 -2.43 -15.61 -20.30
C ASN D 66 -2.94 -14.93 -19.03
N PRO D 67 -2.58 -13.66 -18.82
CA PRO D 67 -3.11 -12.94 -17.67
C PRO D 67 -4.61 -12.73 -17.80
N ASP D 68 -5.24 -12.53 -16.65
CA ASP D 68 -6.64 -12.14 -16.63
C ASP D 68 -6.84 -10.92 -17.50
N SER D 69 -7.85 -10.97 -18.37
CA SER D 69 -8.17 -9.90 -19.31
C SER D 69 -7.06 -9.67 -20.33
N GLY D 70 -6.18 -10.64 -20.51
CA GLY D 70 -5.32 -10.71 -21.68
C GLY D 70 -6.09 -11.37 -22.81
N GLY D 71 -5.36 -12.00 -23.72
CA GLY D 71 -6.03 -12.76 -24.77
C GLY D 71 -6.67 -11.87 -25.81
N VAL D 72 -7.90 -12.23 -26.21
CA VAL D 72 -8.54 -11.64 -27.39
C VAL D 72 -9.16 -10.31 -26.99
N TRP D 73 -8.50 -9.21 -27.34
CA TRP D 73 -9.04 -7.88 -27.14
C TRP D 73 -9.98 -7.53 -28.30
N ALA D 74 -10.12 -6.25 -28.62
CA ALA D 74 -11.10 -5.82 -29.63
C ALA D 74 -10.84 -6.44 -30.99
N PRO D 75 -11.82 -7.17 -31.56
CA PRO D 75 -11.63 -7.74 -32.91
C PRO D 75 -12.20 -6.85 -34.00
N CYS D 76 -11.90 -7.17 -35.26
CA CYS D 76 -12.44 -6.45 -36.41
C CYS D 76 -12.94 -7.48 -37.43
N LEU D 77 -14.24 -7.46 -37.69
CA LEU D 77 -14.86 -8.39 -38.64
C LEU D 77 -15.33 -7.59 -39.85
N SER D 78 -14.95 -8.06 -41.05
CA SER D 78 -15.32 -7.37 -42.28
C SER D 78 -15.69 -8.38 -43.35
N TYR D 79 -16.39 -7.90 -44.38
CA TYR D 79 -16.80 -8.73 -45.51
C TYR D 79 -16.44 -8.00 -46.79
N ALA D 80 -15.64 -8.65 -47.64
CA ALA D 80 -15.18 -8.07 -48.89
C ALA D 80 -14.58 -9.17 -49.75
N ASP D 81 -14.67 -8.99 -51.07
CA ASP D 81 -14.10 -9.91 -52.04
C ASP D 81 -14.59 -11.34 -51.83
N GLY D 82 -15.81 -11.50 -51.33
CA GLY D 82 -16.41 -12.80 -51.23
C GLY D 82 -16.10 -13.59 -49.97
N GLN D 83 -15.43 -13.00 -48.99
CA GLN D 83 -15.11 -13.73 -47.77
C GLN D 83 -15.16 -12.80 -46.56
N PHE D 84 -15.21 -13.41 -45.38
CA PHE D 84 -15.10 -12.69 -44.13
C PHE D 84 -13.65 -12.59 -43.71
N TRP D 85 -13.28 -11.43 -43.18
CA TRP D 85 -11.94 -11.17 -42.67
C TRP D 85 -12.05 -10.86 -41.18
N LEU D 86 -11.38 -11.65 -40.35
CA LEU D 86 -11.37 -11.46 -38.91
C LEU D 86 -9.96 -11.07 -38.47
N ILE D 87 -9.84 -9.88 -37.89
CA ILE D 87 -8.59 -9.41 -37.32
C ILE D 87 -8.72 -9.48 -35.80
N TYR D 88 -7.77 -10.14 -35.15
CA TYR D 88 -7.85 -10.30 -33.71
C TYR D 88 -6.45 -10.21 -33.10
N SER D 89 -6.43 -10.04 -31.77
CA SER D 89 -5.22 -9.90 -30.99
C SER D 89 -5.14 -11.00 -29.95
N ASP D 90 -3.91 -11.30 -29.53
CA ASP D 90 -3.64 -12.15 -28.38
C ASP D 90 -2.69 -11.35 -27.49
N ILE D 91 -3.23 -10.69 -26.47
CA ILE D 91 -2.45 -9.84 -25.59
C ILE D 91 -1.84 -10.67 -24.47
N LYS D 92 -0.52 -10.55 -24.28
CA LYS D 92 0.23 -11.34 -23.32
C LYS D 92 0.60 -10.59 -22.05
N VAL D 93 0.65 -9.25 -22.09
CA VAL D 93 1.05 -8.42 -20.98
C VAL D 93 0.02 -7.29 -20.84
N VAL D 94 -0.62 -7.21 -19.69
CA VAL D 94 -1.68 -6.23 -19.48
C VAL D 94 -1.33 -5.20 -18.41
N ASP D 95 -0.17 -5.29 -17.77
CA ASP D 95 0.24 -4.33 -16.77
C ASP D 95 1.68 -3.90 -17.02
N GLY D 96 1.98 -2.65 -16.67
CA GLY D 96 3.33 -2.15 -16.75
C GLY D 96 3.55 -1.26 -17.96
N PRO D 97 4.82 -0.96 -18.24
CA PRO D 97 5.11 -0.05 -19.38
C PRO D 97 4.79 -0.64 -20.74
N PHE D 98 4.81 -1.95 -20.89
CA PHE D 98 4.59 -2.60 -22.18
C PHE D 98 3.21 -3.23 -22.23
N LYS D 99 2.82 -3.60 -23.45
CA LYS D 99 1.56 -4.28 -23.71
C LYS D 99 1.82 -5.32 -24.80
N ASP D 100 2.72 -6.26 -24.50
CA ASP D 100 3.11 -7.27 -25.47
C ASP D 100 1.89 -8.06 -25.94
N GLY D 101 1.68 -8.04 -27.25
CA GLY D 101 0.55 -8.70 -27.86
C GLY D 101 0.70 -8.67 -29.35
N HIS D 102 0.02 -9.62 -30.01
CA HIS D 102 0.21 -9.85 -31.44
C HIS D 102 -1.13 -9.86 -32.15
N ASN D 103 -1.14 -9.30 -33.35
CA ASN D 103 -2.34 -9.15 -34.18
C ASN D 103 -2.29 -10.13 -35.34
N TYR D 104 -3.43 -10.78 -35.60
CA TYR D 104 -3.54 -11.86 -36.58
C TYR D 104 -4.73 -11.63 -37.51
N LEU D 105 -4.72 -12.35 -38.62
CA LEU D 105 -5.79 -12.32 -39.61
C LEU D 105 -6.18 -13.74 -39.99
N VAL D 106 -7.48 -14.05 -39.90
CA VAL D 106 -8.03 -15.30 -40.40
C VAL D 106 -9.21 -14.96 -41.32
N THR D 107 -9.50 -15.87 -42.25
CA THR D 107 -10.55 -15.69 -43.24
C THR D 107 -11.47 -16.90 -43.25
N ALA D 108 -12.69 -16.70 -43.75
CA ALA D 108 -13.65 -17.77 -43.91
C ALA D 108 -14.69 -17.38 -44.95
N ASP D 109 -15.29 -18.40 -45.57
CA ASP D 109 -16.36 -18.15 -46.54
C ASP D 109 -17.68 -17.84 -45.85
N ALA D 110 -17.94 -18.47 -44.71
CA ALA D 110 -19.12 -18.22 -43.91
C ALA D 110 -18.68 -18.07 -42.45
N VAL D 111 -19.40 -17.20 -41.73
CA VAL D 111 -19.03 -16.88 -40.35
C VAL D 111 -18.97 -18.15 -39.50
N ASP D 112 -19.86 -19.10 -39.75
CA ASP D 112 -19.88 -20.35 -39.00
C ASP D 112 -19.18 -21.49 -39.71
N GLY D 113 -18.42 -21.19 -40.78
CA GLY D 113 -17.63 -22.21 -41.46
C GLY D 113 -16.27 -22.40 -40.82
N GLU D 114 -15.41 -23.13 -41.53
CA GLU D 114 -14.04 -23.32 -41.09
C GLU D 114 -13.24 -22.05 -41.31
N TRP D 115 -12.61 -21.55 -40.26
CA TRP D 115 -11.73 -20.41 -40.39
C TRP D 115 -10.29 -20.89 -40.63
N SER D 116 -9.57 -20.14 -41.44
CA SER D 116 -8.20 -20.51 -41.79
C SER D 116 -7.30 -20.44 -40.56
N ASP D 117 -6.06 -20.83 -40.75
CA ASP D 117 -5.04 -20.59 -39.73
C ASP D 117 -4.54 -19.16 -39.87
N PRO D 118 -4.00 -18.58 -38.80
CA PRO D 118 -3.78 -17.13 -38.79
C PRO D 118 -2.53 -16.70 -39.55
N VAL D 119 -2.60 -15.47 -40.06
CA VAL D 119 -1.46 -14.76 -40.65
C VAL D 119 -1.00 -13.72 -39.64
N ARG D 120 0.32 -13.61 -39.45
CA ARG D 120 0.87 -12.59 -38.55
C ARG D 120 0.80 -11.21 -39.21
N LEU D 121 0.33 -10.22 -38.46
CA LEU D 121 0.26 -8.87 -38.99
C LEU D 121 1.35 -8.01 -38.37
N ASN D 122 1.15 -7.61 -37.11
CA ASN D 122 2.15 -6.82 -36.40
C ASN D 122 1.92 -7.01 -34.90
N SER D 123 2.71 -6.30 -34.10
CA SER D 123 2.59 -6.35 -32.65
C SER D 123 2.59 -4.96 -32.02
N SER D 124 2.45 -3.91 -32.83
CA SER D 124 2.74 -2.54 -32.41
C SER D 124 1.64 -1.89 -31.58
N GLY D 125 0.53 -2.56 -31.35
CA GLY D 125 -0.55 -1.99 -30.59
C GLY D 125 -1.84 -2.72 -30.85
N PHE D 126 -2.77 -2.61 -29.90
CA PHE D 126 -4.00 -3.38 -29.94
C PHE D 126 -5.03 -2.68 -30.83
N ASP D 127 -6.28 -3.17 -30.82
CA ASP D 127 -7.37 -2.71 -31.68
C ASP D 127 -7.02 -2.73 -33.16
N PRO D 128 -6.56 -3.84 -33.72
CA PRO D 128 -6.24 -3.86 -35.15
C PRO D 128 -7.51 -3.87 -35.99
N SER D 129 -7.42 -3.25 -37.18
CA SER D 129 -8.58 -3.15 -38.06
C SER D 129 -8.11 -3.19 -39.51
N LEU D 130 -8.95 -3.79 -40.36
CA LEU D 130 -8.65 -3.99 -41.77
C LEU D 130 -9.55 -3.09 -42.61
N PHE D 131 -8.96 -2.22 -43.42
CA PHE D 131 -9.70 -1.31 -44.28
C PHE D 131 -9.55 -1.74 -45.75
N HIS D 132 -10.68 -1.85 -46.44
CA HIS D 132 -10.72 -2.27 -47.85
C HIS D 132 -10.87 -1.02 -48.71
N ASP D 133 -9.74 -0.43 -49.09
CA ASP D 133 -9.77 0.83 -49.80
C ASP D 133 -10.41 0.67 -51.18
N PRO D 134 -11.16 1.67 -51.65
CA PRO D 134 -11.79 1.57 -52.99
C PRO D 134 -10.80 1.33 -54.13
N SER D 135 -9.52 1.67 -53.95
CA SER D 135 -8.51 1.37 -54.95
C SER D 135 -8.24 -0.12 -55.09
N GLY D 136 -8.82 -0.97 -54.25
CA GLY D 136 -8.48 -2.37 -54.21
C GLY D 136 -7.37 -2.73 -53.25
N LYS D 137 -6.55 -1.76 -52.86
CA LYS D 137 -5.54 -1.98 -51.84
C LYS D 137 -6.19 -2.15 -50.47
N LYS D 138 -5.45 -2.79 -49.56
CA LYS D 138 -5.92 -3.04 -48.20
C LYS D 138 -4.92 -2.55 -47.18
N TYR D 139 -5.43 -2.03 -46.06
CA TYR D 139 -4.62 -1.39 -45.04
C TYR D 139 -5.05 -1.89 -43.66
N VAL D 140 -4.07 -2.01 -42.77
CA VAL D 140 -4.29 -2.40 -41.39
C VAL D 140 -4.08 -1.17 -40.50
N LEU D 141 -5.08 -0.86 -39.69
CA LEU D 141 -5.04 0.21 -38.70
C LEU D 141 -4.89 -0.39 -37.32
N ASN D 142 -4.19 0.31 -36.44
CA ASN D 142 -4.22 -0.01 -35.02
C ASN D 142 -3.70 1.17 -34.22
N MET D 143 -4.01 1.17 -32.93
CA MET D 143 -3.36 2.11 -32.03
C MET D 143 -1.88 1.74 -31.92
N LEU D 144 -1.07 2.72 -31.60
CA LEU D 144 0.38 2.55 -31.48
C LEU D 144 0.75 2.72 -30.02
N TRP D 145 1.31 1.66 -29.42
CA TRP D 145 1.64 1.65 -28.00
C TRP D 145 3.06 2.18 -27.79
N ASP D 146 3.19 3.20 -26.96
CA ASP D 146 4.48 3.83 -26.65
C ASP D 146 4.83 3.56 -25.20
N HIS D 147 5.85 2.73 -24.99
CA HIS D 147 6.30 2.36 -23.64
C HIS D 147 7.20 3.38 -23.00
N ARG D 148 7.70 4.37 -23.74
CA ARG D 148 8.76 5.23 -23.23
C ARG D 148 8.22 6.11 -22.10
N GLU D 149 9.09 6.37 -21.11
CA GLU D 149 8.63 6.89 -19.82
C GLU D 149 7.94 8.24 -19.96
N LYS D 150 8.49 9.13 -20.79
CA LYS D 150 7.98 10.49 -20.86
C LYS D 150 6.91 10.68 -21.93
N HIS D 151 6.41 9.59 -22.53
CA HIS D 151 5.41 9.66 -23.58
C HIS D 151 4.07 9.13 -23.08
N HIS D 152 2.99 9.75 -23.52
CA HIS D 152 1.68 9.13 -23.40
C HIS D 152 1.67 7.81 -24.16
N SER D 153 1.10 6.78 -23.54
CA SER D 153 1.19 5.43 -24.09
C SER D 153 0.41 5.29 -25.39
N PHE D 154 -0.63 6.08 -25.59
CA PHE D 154 -1.44 6.02 -26.80
C PHE D 154 -0.88 7.05 -27.77
N ALA D 155 0.04 6.60 -28.63
CA ALA D 155 0.79 7.49 -29.49
C ALA D 155 0.08 7.81 -30.81
N GLY D 156 -1.16 7.36 -30.99
CA GLY D 156 -1.85 7.67 -32.22
C GLY D 156 -2.31 6.45 -33.00
N ILE D 157 -2.72 6.68 -34.25
CA ILE D 157 -3.27 5.64 -35.11
C ILE D 157 -2.25 5.32 -36.20
N ALA D 158 -1.81 4.06 -36.24
CA ALA D 158 -0.87 3.62 -37.25
C ALA D 158 -1.61 3.08 -38.47
N LEU D 159 -1.05 3.34 -39.66
CA LEU D 159 -1.61 2.89 -40.92
C LEU D 159 -0.52 2.21 -41.73
N GLN D 160 -0.80 1.00 -42.23
CA GLN D 160 0.18 0.30 -43.04
C GLN D 160 -0.53 -0.60 -44.04
N GLU D 161 -0.03 -0.64 -45.27
CA GLU D 161 -0.68 -1.45 -46.30
C GLU D 161 -0.49 -2.94 -46.01
N TYR D 162 -1.54 -3.71 -46.27
CA TYR D 162 -1.49 -5.17 -46.21
C TYR D 162 -1.52 -5.75 -47.61
N SER D 163 -0.57 -6.63 -47.92
CA SER D 163 -0.49 -7.30 -49.22
C SER D 163 -1.17 -8.65 -49.13
N VAL D 164 -2.30 -8.81 -49.82
CA VAL D 164 -3.01 -10.08 -49.80
C VAL D 164 -2.15 -11.18 -50.40
N SER D 165 -1.37 -10.86 -51.43
CA SER D 165 -0.58 -11.89 -52.12
C SER D 165 0.59 -12.36 -51.26
N GLU D 166 1.29 -11.42 -50.63
CA GLU D 166 2.45 -11.76 -49.80
C GLU D 166 2.06 -12.17 -48.37
N LYS D 167 0.83 -11.92 -47.95
CA LYS D 167 0.35 -12.29 -46.61
C LYS D 167 1.17 -11.60 -45.53
N LYS D 168 1.38 -10.30 -45.69
CA LYS D 168 2.17 -9.53 -44.73
C LYS D 168 1.93 -8.05 -44.98
N LEU D 169 2.20 -7.24 -43.95
CA LEU D 169 2.23 -5.80 -44.14
C LEU D 169 3.49 -5.40 -44.91
N VAL D 170 3.36 -4.35 -45.74
CA VAL D 170 4.41 -3.94 -46.66
C VAL D 170 4.57 -2.43 -46.61
N GLY D 171 5.72 -1.96 -47.08
CA GLY D 171 5.98 -0.54 -47.18
C GLY D 171 6.02 0.15 -45.82
N GLU D 172 5.86 1.46 -45.87
CA GLU D 172 6.03 2.31 -44.69
C GLU D 172 4.82 2.24 -43.77
N ARG D 173 5.08 2.32 -42.47
CA ARG D 173 4.04 2.55 -41.47
C ARG D 173 3.99 4.04 -41.16
N LYS D 174 2.78 4.60 -41.10
CA LYS D 174 2.59 6.02 -40.87
C LYS D 174 1.58 6.23 -39.75
N VAL D 175 1.81 7.24 -38.92
CA VAL D 175 0.84 7.64 -37.92
C VAL D 175 -0.01 8.76 -38.52
N ILE D 176 -1.31 8.51 -38.64
CA ILE D 176 -2.19 9.40 -39.40
C ILE D 176 -3.03 10.30 -38.51
N PHE D 177 -2.99 10.11 -37.20
CA PHE D 177 -3.91 10.79 -36.29
C PHE D 177 -3.39 10.65 -34.87
N LYS D 178 -3.22 11.77 -34.16
CA LYS D 178 -2.74 11.74 -32.78
C LYS D 178 -3.86 11.85 -31.76
N GLY D 179 -5.07 12.19 -32.18
CA GLY D 179 -6.20 12.26 -31.28
C GLY D 179 -6.54 13.68 -30.87
N THR D 180 -7.44 13.77 -29.89
CA THR D 180 -7.92 15.03 -29.32
C THR D 180 -7.41 15.15 -27.88
N PRO D 181 -7.73 16.23 -27.14
CA PRO D 181 -7.29 16.30 -25.74
C PRO D 181 -7.83 15.17 -24.85
N ILE D 182 -8.89 14.46 -25.27
CA ILE D 182 -9.36 13.33 -24.48
C ILE D 182 -8.30 12.24 -24.39
N LYS D 183 -7.49 12.11 -25.45
CA LYS D 183 -6.38 11.16 -25.54
C LYS D 183 -6.83 9.71 -25.36
N LEU D 184 -5.88 8.82 -25.04
CA LEU D 184 -6.08 7.38 -25.10
C LEU D 184 -6.73 6.98 -26.41
N THR D 185 -6.24 7.56 -27.51
CA THR D 185 -6.83 7.36 -28.83
C THR D 185 -6.63 5.92 -29.28
N GLN D 186 -7.70 5.32 -29.81
CA GLN D 186 -7.90 3.88 -29.78
C GLN D 186 -8.94 3.51 -30.82
N ALA D 187 -9.15 2.20 -30.99
CA ALA D 187 -10.22 1.63 -31.80
C ALA D 187 -10.39 2.33 -33.17
N PRO D 188 -9.34 2.37 -33.99
CA PRO D 188 -9.45 3.07 -35.27
C PRO D 188 -10.25 2.27 -36.29
N HIS D 189 -11.20 2.93 -36.96
CA HIS D 189 -11.91 2.38 -38.11
C HIS D 189 -11.95 3.43 -39.20
N LEU D 190 -11.67 3.00 -40.43
CA LEU D 190 -11.68 3.87 -41.60
C LEU D 190 -12.93 3.58 -42.42
N TYR D 191 -13.50 4.63 -43.01
CA TYR D 191 -14.67 4.51 -43.88
C TYR D 191 -14.53 5.49 -45.04
N TYR D 192 -14.87 5.02 -46.23
CA TYR D 192 -14.85 5.86 -47.44
C TYR D 192 -16.29 6.23 -47.77
N ILE D 193 -16.63 7.50 -47.57
CA ILE D 193 -18.00 8.01 -47.75
C ILE D 193 -17.94 9.30 -48.54
N ASN D 194 -18.67 9.36 -49.66
CA ASN D 194 -18.73 10.55 -50.51
C ASN D 194 -17.32 11.01 -50.88
N ASP D 195 -16.46 10.05 -51.23
CA ASP D 195 -15.08 10.30 -51.64
C ASP D 195 -14.25 10.97 -50.54
N VAL D 196 -14.65 10.83 -49.28
CA VAL D 196 -13.92 11.39 -48.15
C VAL D 196 -13.63 10.27 -47.17
N TYR D 197 -12.44 10.31 -46.57
CA TYR D 197 -12.05 9.31 -45.58
C TYR D 197 -12.53 9.74 -44.21
N TYR D 198 -13.29 8.88 -43.54
CA TYR D 198 -13.72 9.11 -42.16
C TYR D 198 -12.98 8.15 -41.24
N LEU D 199 -12.32 8.70 -40.23
CA LEU D 199 -11.60 7.90 -39.23
C LEU D 199 -12.36 8.00 -37.92
N LEU D 200 -12.85 6.86 -37.44
CA LEU D 200 -13.54 6.75 -36.17
C LEU D 200 -12.59 6.17 -35.13
N THR D 201 -12.57 6.77 -33.94
CA THR D 201 -11.72 6.27 -32.86
C THR D 201 -12.50 6.29 -31.55
N ALA D 202 -11.93 5.59 -30.57
CA ALA D 202 -12.31 5.69 -29.17
C ALA D 202 -11.28 6.51 -28.41
N GLU D 203 -11.74 7.23 -27.39
CA GLU D 203 -10.86 8.06 -26.57
C GLU D 203 -11.31 8.01 -25.12
N GLY D 204 -10.38 8.35 -24.22
CA GLY D 204 -10.69 8.48 -22.80
C GLY D 204 -10.54 7.23 -21.97
N GLY D 205 -10.22 6.10 -22.57
CA GLY D 205 -10.17 4.85 -21.83
C GLY D 205 -11.56 4.29 -21.60
N THR D 206 -11.61 3.01 -21.22
CA THR D 206 -12.87 2.28 -21.25
C THR D 206 -13.63 2.32 -19.95
N ARG D 207 -13.29 3.23 -19.03
CA ARG D 207 -14.13 3.45 -17.86
C ARG D 207 -15.09 4.60 -18.17
N TYR D 208 -15.34 5.51 -17.22
CA TYR D 208 -16.45 6.45 -17.38
C TYR D 208 -16.11 7.68 -18.21
N GLU D 209 -14.86 7.85 -18.64
CA GLU D 209 -14.49 8.91 -19.58
C GLU D 209 -14.54 8.45 -21.03
N HIS D 210 -14.99 7.22 -21.29
CA HIS D 210 -15.01 6.66 -22.63
C HIS D 210 -15.82 7.52 -23.59
N ALA D 211 -15.35 7.62 -24.83
CA ALA D 211 -16.03 8.38 -25.86
C ALA D 211 -15.66 7.83 -27.23
N ALA D 212 -16.44 8.24 -28.24
CA ALA D 212 -16.17 7.94 -29.63
C ALA D 212 -15.92 9.25 -30.38
N THR D 213 -14.81 9.30 -31.10
CA THR D 213 -14.37 10.47 -31.84
C THR D 213 -14.39 10.13 -33.34
N ILE D 214 -14.63 11.14 -34.17
CA ILE D 214 -14.61 10.97 -35.62
C ILE D 214 -13.89 12.14 -36.26
N ALA D 215 -13.12 11.86 -37.31
CA ALA D 215 -12.43 12.87 -38.08
C ALA D 215 -12.50 12.48 -39.56
N ARG D 216 -12.16 13.43 -40.45
CA ARG D 216 -12.29 13.19 -41.88
C ARG D 216 -11.15 13.85 -42.63
N SER D 217 -10.82 13.27 -43.79
CA SER D 217 -9.73 13.77 -44.63
C SER D 217 -10.00 13.40 -46.08
N SER D 218 -9.39 14.18 -46.98
CA SER D 218 -9.44 13.83 -48.41
C SER D 218 -8.45 12.72 -48.76
N ARG D 219 -7.39 12.57 -47.98
CA ARG D 219 -6.37 11.55 -48.18
C ARG D 219 -6.41 10.54 -47.04
N ILE D 220 -6.09 9.29 -47.35
CA ILE D 220 -6.18 8.23 -46.35
C ILE D 220 -5.18 8.46 -45.22
N ASP D 221 -4.02 9.04 -45.51
CA ASP D 221 -3.01 9.26 -44.50
C ASP D 221 -3.06 10.67 -43.91
N GLY D 222 -4.15 11.40 -44.15
CA GLY D 222 -4.39 12.64 -43.45
C GLY D 222 -3.88 13.86 -44.19
N PRO D 223 -3.85 15.01 -43.50
CA PRO D 223 -4.25 15.16 -42.10
C PRO D 223 -5.76 15.10 -41.92
N TYR D 224 -6.20 14.69 -40.74
CA TYR D 224 -7.62 14.59 -40.43
C TYR D 224 -8.05 15.79 -39.60
N GLU D 225 -9.23 16.32 -39.92
CA GLU D 225 -9.87 17.37 -39.14
C GLU D 225 -10.98 16.77 -38.31
N VAL D 226 -11.11 17.24 -37.07
CA VAL D 226 -11.96 16.60 -36.08
C VAL D 226 -13.37 17.16 -36.17
N HIS D 227 -14.36 16.30 -35.92
CA HIS D 227 -15.77 16.68 -35.78
C HIS D 227 -15.92 17.94 -34.95
N PRO D 228 -16.66 18.94 -35.43
CA PRO D 228 -16.74 20.21 -34.69
C PRO D 228 -17.43 20.09 -33.35
N ASP D 229 -18.31 19.12 -33.17
CA ASP D 229 -18.94 18.85 -31.88
C ASP D 229 -18.48 17.51 -31.31
N ASN D 230 -17.18 17.24 -31.42
CA ASN D 230 -16.59 16.03 -30.89
C ASN D 230 -16.63 16.04 -29.36
N PRO D 231 -16.81 14.86 -28.73
CA PRO D 231 -17.04 13.54 -29.32
C PRO D 231 -18.49 13.35 -29.76
N ILE D 232 -18.71 12.47 -30.74
CA ILE D 232 -20.09 12.19 -31.16
C ILE D 232 -20.80 11.26 -30.20
N LEU D 233 -20.08 10.60 -29.29
CA LEU D 233 -20.70 9.68 -28.35
C LEU D 233 -19.91 9.68 -27.05
N THR D 234 -20.61 9.85 -25.93
CA THR D 234 -20.05 9.76 -24.58
C THR D 234 -21.12 10.06 -23.54
N ALA D 235 -21.01 9.44 -22.36
CA ALA D 235 -21.84 9.78 -21.21
C ALA D 235 -21.01 10.36 -20.06
N PHE D 236 -19.76 10.74 -20.33
CA PHE D 236 -18.88 11.28 -19.29
C PHE D 236 -19.57 12.42 -18.53
N HIS D 237 -20.22 13.33 -19.24
CA HIS D 237 -20.85 14.50 -18.67
C HIS D 237 -22.19 14.21 -18.01
N ALA D 238 -22.67 12.96 -18.03
CA ALA D 238 -24.02 12.61 -17.60
C ALA D 238 -23.97 11.40 -16.68
N PRO D 239 -23.55 11.58 -15.43
CA PRO D 239 -23.26 10.42 -14.57
C PRO D 239 -24.48 9.59 -14.19
N SER D 240 -25.69 10.11 -14.35
CA SER D 240 -26.90 9.35 -14.01
C SER D 240 -27.53 8.70 -15.23
N HIS D 241 -26.94 8.89 -16.40
CA HIS D 241 -27.46 8.25 -17.61
C HIS D 241 -27.39 6.73 -17.46
N PRO D 242 -28.42 5.99 -17.89
CA PRO D 242 -28.40 4.53 -17.68
C PRO D 242 -27.37 3.81 -18.53
N LEU D 243 -26.91 4.41 -19.63
CA LEU D 243 -25.80 3.88 -20.41
C LEU D 243 -24.56 4.69 -20.10
N GLN D 244 -23.49 4.00 -19.68
CA GLN D 244 -22.21 4.64 -19.35
C GLN D 244 -21.10 3.98 -20.15
N LYS D 245 -19.91 4.57 -20.10
CA LYS D 245 -18.72 4.06 -20.77
C LYS D 245 -18.96 3.92 -22.27
N CYS D 246 -19.67 4.88 -22.86
CA CYS D 246 -20.13 4.76 -24.25
C CYS D 246 -18.98 5.11 -25.18
N GLY D 247 -18.40 4.09 -25.81
CA GLY D 247 -17.32 4.31 -26.75
C GLY D 247 -17.02 3.04 -27.52
N HIS D 248 -15.89 3.06 -28.20
CA HIS D 248 -15.43 1.93 -29.01
C HIS D 248 -16.52 1.50 -30.00
N ALA D 249 -16.78 2.40 -30.93
CA ALA D 249 -17.90 2.28 -31.84
C ALA D 249 -17.43 1.83 -33.22
N SER D 250 -18.39 1.32 -34.00
CA SER D 250 -18.21 1.00 -35.40
C SER D 250 -19.50 1.32 -36.15
N ILE D 251 -19.36 1.69 -37.42
CA ILE D 251 -20.43 2.28 -38.21
C ILE D 251 -20.81 1.32 -39.33
N VAL D 252 -22.11 1.21 -39.58
CA VAL D 252 -22.62 0.45 -40.72
C VAL D 252 -23.62 1.31 -41.48
N GLN D 253 -23.55 1.24 -42.80
CA GLN D 253 -24.61 1.73 -43.67
C GLN D 253 -25.45 0.54 -44.08
N THR D 254 -26.71 0.54 -43.67
CA THR D 254 -27.61 -0.56 -43.96
C THR D 254 -27.94 -0.60 -45.46
N HIS D 255 -28.47 -1.75 -45.90
CA HIS D 255 -28.92 -1.85 -47.28
C HIS D 255 -30.14 -0.99 -47.55
N THR D 256 -30.73 -0.40 -46.53
CA THR D 256 -31.82 0.57 -46.68
C THR D 256 -31.33 2.00 -46.69
N ASN D 257 -30.01 2.22 -46.87
CA ASN D 257 -29.41 3.55 -46.92
C ASN D 257 -29.67 4.33 -45.62
N GLU D 258 -29.54 3.66 -44.49
CA GLU D 258 -29.58 4.29 -43.17
C GLU D 258 -28.27 4.00 -42.46
N TRP D 259 -27.99 4.78 -41.41
CA TRP D 259 -26.68 4.77 -40.76
C TRP D 259 -26.84 4.44 -39.28
N TYR D 260 -26.07 3.45 -38.80
CA TYR D 260 -26.13 3.02 -37.42
C TYR D 260 -24.73 2.87 -36.84
N LEU D 261 -24.68 2.92 -35.50
CA LEU D 261 -23.42 2.94 -34.76
C LEU D 261 -23.53 1.95 -33.61
N ALA D 262 -22.80 0.84 -33.70
CA ALA D 262 -22.70 -0.09 -32.58
C ALA D 262 -21.58 0.36 -31.66
N HIS D 263 -21.79 0.22 -30.35
CA HIS D 263 -20.81 0.70 -29.39
C HIS D 263 -20.91 -0.12 -28.11
N LEU D 264 -19.81 -0.14 -27.35
CA LEU D 264 -19.86 -0.78 -26.05
C LEU D 264 -20.39 0.21 -25.01
N THR D 265 -20.91 -0.34 -23.91
CA THR D 265 -21.45 0.48 -22.84
C THR D 265 -21.57 -0.37 -21.59
N GLY D 266 -21.65 0.30 -20.45
CA GLY D 266 -21.81 -0.35 -19.16
C GLY D 266 -23.08 0.13 -18.50
N ARG D 267 -23.71 -0.76 -17.74
CA ARG D 267 -24.95 -0.48 -17.02
C ARG D 267 -24.65 -0.63 -15.53
N PRO D 268 -24.27 0.45 -14.86
CA PRO D 268 -23.73 0.33 -13.50
C PRO D 268 -24.80 0.26 -12.42
N ILE D 269 -24.48 -0.51 -11.40
CA ILE D 269 -25.23 -0.49 -10.15
C ILE D 269 -24.72 0.66 -9.30
N HIS D 270 -25.63 1.53 -8.89
CA HIS D 270 -25.26 2.68 -8.06
C HIS D 270 -25.48 2.39 -6.60
N SER D 271 -24.86 3.22 -5.76
CA SER D 271 -25.07 3.20 -4.32
C SER D 271 -25.69 4.51 -3.90
N SER D 272 -26.81 4.45 -3.17
CA SER D 272 -27.37 5.66 -2.59
C SER D 272 -26.48 6.23 -1.50
N LYS D 273 -25.53 5.45 -1.01
CA LYS D 273 -24.57 5.84 0.01
C LYS D 273 -23.36 6.59 -0.57
N GLU D 274 -23.18 6.58 -1.89
CA GLU D 274 -21.99 7.17 -2.48
C GLU D 274 -22.35 8.26 -3.48
N SER D 275 -21.40 9.16 -3.70
CA SER D 275 -21.56 10.24 -4.67
C SER D 275 -21.59 9.69 -6.09
N ILE D 276 -22.55 10.16 -6.89
CA ILE D 276 -22.61 9.75 -8.28
C ILE D 276 -21.46 10.33 -9.07
N PHE D 277 -20.94 11.50 -8.67
CA PHE D 277 -19.81 12.09 -9.37
C PHE D 277 -18.53 11.33 -9.04
N GLN D 278 -18.38 10.88 -7.79
CA GLN D 278 -17.16 10.23 -7.31
C GLN D 278 -17.15 8.72 -7.59
N GLN D 279 -18.27 8.04 -7.37
CA GLN D 279 -18.37 6.60 -7.62
C GLN D 279 -19.41 6.39 -8.70
N ARG D 280 -18.95 6.27 -9.95
CA ARG D 280 -19.88 6.20 -11.08
C ARG D 280 -20.60 4.87 -11.19
N GLY D 281 -20.23 3.86 -10.40
CA GLY D 281 -20.98 2.63 -10.32
C GLY D 281 -20.13 1.40 -10.63
N TRP D 282 -20.75 0.24 -10.42
CA TRP D 282 -20.15 -1.06 -10.66
C TRP D 282 -20.99 -1.83 -11.69
N CYS D 283 -20.30 -2.52 -12.61
CA CYS D 283 -20.96 -3.22 -13.72
C CYS D 283 -20.62 -4.71 -13.71
N PRO D 284 -21.37 -5.53 -12.97
CA PRO D 284 -21.10 -6.98 -12.97
C PRO D 284 -21.40 -7.66 -14.30
N LEU D 285 -22.21 -7.05 -15.16
CA LEU D 285 -22.40 -7.55 -16.51
C LEU D 285 -21.32 -7.05 -17.47
N GLY D 286 -20.27 -6.41 -16.95
CA GLY D 286 -19.18 -5.98 -17.80
C GLY D 286 -19.63 -4.96 -18.83
N ARG D 287 -18.98 -4.99 -19.99
CA ARG D 287 -19.29 -4.07 -21.06
C ARG D 287 -20.14 -4.78 -22.11
N GLU D 288 -21.29 -4.19 -22.42
CA GLU D 288 -22.29 -4.73 -23.32
C GLU D 288 -22.29 -3.93 -24.62
N THR D 289 -23.04 -4.41 -25.61
CA THR D 289 -23.10 -3.77 -26.92
C THR D 289 -24.46 -3.10 -27.09
N ALA D 290 -24.45 -1.86 -27.58
CA ALA D 290 -25.65 -1.11 -27.89
C ALA D 290 -25.55 -0.56 -29.31
N ILE D 291 -26.68 -0.13 -29.86
CA ILE D 291 -26.73 0.41 -31.20
C ILE D 291 -27.46 1.76 -31.16
N GLN D 292 -26.88 2.77 -31.82
CA GLN D 292 -27.48 4.08 -31.96
C GLN D 292 -27.70 4.40 -33.43
N LYS D 293 -28.64 5.29 -33.69
CA LYS D 293 -28.89 5.75 -35.05
C LYS D 293 -28.10 7.00 -35.35
N LEU D 294 -27.65 7.13 -36.60
CA LEU D 294 -26.89 8.29 -37.04
C LEU D 294 -27.70 9.11 -38.05
N GLU D 295 -27.55 10.43 -38.00
CA GLU D 295 -28.03 11.33 -39.03
C GLU D 295 -26.92 12.30 -39.39
N TRP D 296 -26.95 12.82 -40.61
CA TRP D 296 -25.83 13.55 -41.18
C TRP D 296 -26.18 15.02 -41.39
N LYS D 297 -25.26 15.91 -40.97
CA LYS D 297 -25.38 17.34 -41.21
C LYS D 297 -24.02 17.84 -41.66
N ASP D 298 -23.98 18.41 -42.87
CA ASP D 298 -22.78 19.06 -43.42
C ASP D 298 -21.58 18.11 -43.48
N GLY D 299 -21.83 16.84 -43.76
CA GLY D 299 -20.76 15.87 -43.89
C GLY D 299 -20.21 15.32 -42.59
N TRP D 300 -20.95 15.48 -41.48
CA TRP D 300 -20.61 14.88 -40.19
C TRP D 300 -21.80 14.07 -39.69
N PRO D 301 -21.55 12.92 -39.05
CA PRO D 301 -22.64 12.17 -38.44
C PRO D 301 -22.90 12.63 -37.02
N TYR D 302 -24.14 12.42 -36.58
CA TYR D 302 -24.57 12.76 -35.23
C TYR D 302 -25.41 11.62 -34.68
N VAL D 303 -25.25 11.32 -33.39
CA VAL D 303 -26.04 10.30 -32.74
C VAL D 303 -27.44 10.86 -32.49
N VAL D 304 -28.46 10.16 -32.99
CA VAL D 304 -29.84 10.58 -32.75
C VAL D 304 -30.14 10.51 -31.26
N GLY D 305 -30.62 11.63 -30.71
CA GLY D 305 -30.98 11.72 -29.31
C GLY D 305 -29.95 12.41 -28.43
N GLY D 306 -28.77 12.70 -28.97
CA GLY D 306 -27.69 13.28 -28.21
C GLY D 306 -26.50 12.33 -28.08
N LYS D 307 -25.41 12.89 -27.55
CA LYS D 307 -24.16 12.14 -27.39
C LYS D 307 -24.30 10.95 -26.46
N GLU D 308 -25.23 10.99 -25.50
CA GLU D 308 -25.31 10.01 -24.44
C GLU D 308 -25.86 8.66 -24.89
N GLY D 309 -26.49 8.59 -26.06
CA GLY D 309 -27.08 7.34 -26.51
C GLY D 309 -28.44 7.07 -25.91
N LEU D 310 -29.28 6.34 -26.62
CA LEU D 310 -30.65 6.07 -26.21
C LEU D 310 -30.84 4.62 -25.81
N LEU D 311 -31.75 4.39 -24.86
CA LEU D 311 -32.12 3.04 -24.49
C LEU D 311 -33.03 2.39 -25.54
N GLU D 312 -33.89 3.18 -26.18
CA GLU D 312 -34.74 2.71 -27.26
C GLU D 312 -34.45 3.53 -28.50
N VAL D 313 -34.17 2.84 -29.61
CA VAL D 313 -33.60 3.46 -30.80
C VAL D 313 -34.46 3.13 -32.01
N GLU D 314 -34.57 4.10 -32.92
CA GLU D 314 -35.34 3.92 -34.15
C GLU D 314 -34.69 2.84 -35.03
N ALA D 315 -35.44 1.77 -35.31
CA ALA D 315 -34.95 0.64 -36.09
C ALA D 315 -34.97 0.97 -37.58
N PRO D 316 -34.06 0.38 -38.35
CA PRO D 316 -34.05 0.62 -39.79
C PRO D 316 -35.27 0.00 -40.47
N ALA D 317 -35.52 0.45 -41.70
CA ALA D 317 -36.67 0.01 -42.46
C ALA D 317 -36.51 -1.43 -42.94
N MET D 318 -36.55 -2.40 -42.01
CA MET D 318 -36.41 -3.80 -42.34
C MET D 318 -37.46 -4.60 -41.59
N SER D 319 -37.83 -5.74 -42.17
CA SER D 319 -38.76 -6.64 -41.50
C SER D 319 -38.12 -7.17 -40.23
N VAL D 320 -38.93 -7.30 -39.17
CA VAL D 320 -38.44 -7.91 -37.95
C VAL D 320 -38.10 -9.37 -38.20
N LYS D 321 -36.99 -9.82 -37.61
CA LYS D 321 -36.57 -11.22 -37.72
C LYS D 321 -36.10 -11.66 -36.34
N GLU D 322 -36.93 -12.43 -35.63
CA GLU D 322 -36.56 -12.98 -34.34
C GLU D 322 -35.95 -14.36 -34.52
N PHE D 323 -35.11 -14.75 -33.56
CA PHE D 323 -34.47 -16.06 -33.58
C PHE D 323 -34.90 -16.86 -32.37
N SER D 324 -35.02 -18.17 -32.56
CA SER D 324 -35.27 -19.05 -31.43
C SER D 324 -34.03 -19.12 -30.56
N PRO D 325 -34.18 -19.51 -29.29
CA PRO D 325 -33.03 -19.48 -28.38
C PRO D 325 -31.96 -20.50 -28.78
N THR D 326 -30.71 -20.11 -28.55
CA THR D 326 -29.56 -20.97 -28.84
C THR D 326 -28.95 -21.56 -27.58
N TYR D 327 -29.58 -21.39 -26.43
CA TYR D 327 -29.20 -22.12 -25.22
C TYR D 327 -30.44 -22.75 -24.60
N HIS D 328 -30.23 -23.78 -23.78
CA HIS D 328 -31.31 -24.44 -23.06
C HIS D 328 -31.55 -23.75 -21.72
N ILE D 329 -32.82 -23.52 -21.38
CA ILE D 329 -33.14 -23.03 -20.05
C ILE D 329 -32.67 -24.04 -19.00
N VAL D 330 -32.92 -25.32 -19.25
CA VAL D 330 -32.34 -26.40 -18.46
C VAL D 330 -31.57 -27.29 -19.44
N ASP D 331 -30.24 -27.23 -19.37
CA ASP D 331 -29.38 -28.04 -20.22
C ASP D 331 -29.09 -29.37 -19.54
N GLU D 332 -29.67 -30.44 -20.06
CA GLU D 332 -29.47 -31.79 -19.53
C GLU D 332 -28.34 -32.53 -20.23
N PHE D 333 -27.56 -31.84 -21.07
CA PHE D 333 -26.33 -32.39 -21.65
C PHE D 333 -26.59 -33.60 -22.53
N LYS D 334 -27.68 -33.53 -23.31
CA LYS D 334 -27.99 -34.60 -24.25
C LYS D 334 -27.26 -34.43 -25.58
N ASP D 335 -26.93 -33.21 -25.95
CA ASP D 335 -26.20 -32.96 -27.19
C ASP D 335 -24.79 -33.55 -27.10
N SER D 336 -24.20 -33.79 -28.27
CA SER D 336 -22.87 -34.38 -28.34
C SER D 336 -21.74 -33.40 -27.99
N SER D 337 -22.04 -32.10 -27.91
CA SER D 337 -21.03 -31.09 -27.62
C SER D 337 -21.61 -30.04 -26.69
N LEU D 338 -20.72 -29.35 -25.98
CA LEU D 338 -21.15 -28.32 -25.04
C LEU D 338 -21.86 -27.18 -25.77
N ASN D 339 -22.94 -26.69 -25.15
CA ASN D 339 -23.70 -25.59 -25.73
C ASN D 339 -22.82 -24.37 -25.96
N ARG D 340 -23.13 -23.63 -27.03
CA ARG D 340 -22.30 -22.52 -27.49
C ARG D 340 -22.25 -21.34 -26.52
N HIS D 341 -23.07 -21.32 -25.48
CA HIS D 341 -22.97 -20.27 -24.47
C HIS D 341 -22.05 -20.66 -23.32
N PHE D 342 -21.56 -21.89 -23.30
CA PHE D 342 -20.53 -22.31 -22.34
C PHE D 342 -19.15 -22.04 -22.91
N GLN D 343 -18.26 -21.51 -22.08
CA GLN D 343 -16.86 -21.34 -22.44
C GLN D 343 -15.97 -21.90 -21.33
N THR D 344 -14.71 -22.13 -21.68
CA THR D 344 -13.71 -22.55 -20.71
C THR D 344 -12.62 -21.49 -20.64
N LEU D 345 -11.78 -21.60 -19.61
CA LEU D 345 -10.73 -20.61 -19.38
C LEU D 345 -9.50 -20.99 -20.20
N ARG D 346 -9.19 -20.16 -21.20
CA ARG D 346 -7.89 -20.16 -21.89
C ARG D 346 -7.69 -21.34 -22.83
N ILE D 347 -8.05 -22.54 -22.42
CA ILE D 347 -7.73 -23.76 -23.17
C ILE D 347 -9.00 -24.40 -23.71
N PRO D 348 -8.90 -25.24 -24.76
CA PRO D 348 -10.10 -25.90 -25.27
C PRO D 348 -10.61 -26.96 -24.31
N PHE D 349 -11.90 -27.27 -24.47
CA PHE D 349 -12.54 -28.32 -23.67
C PHE D 349 -12.17 -29.68 -24.25
N THR D 350 -11.33 -30.43 -23.55
CA THR D 350 -10.90 -31.76 -23.96
C THR D 350 -10.91 -32.69 -22.75
N ASP D 351 -10.44 -33.92 -22.98
CA ASP D 351 -10.32 -34.93 -21.93
C ASP D 351 -9.44 -34.48 -20.78
N GLN D 352 -8.58 -33.49 -21.00
CA GLN D 352 -7.79 -32.94 -19.90
C GLN D 352 -8.68 -32.48 -18.75
N ILE D 353 -9.79 -31.82 -19.07
CA ILE D 353 -10.63 -31.21 -18.04
C ILE D 353 -12.03 -31.84 -18.00
N GLY D 354 -12.56 -32.29 -19.13
CA GLY D 354 -13.95 -32.74 -19.08
C GLY D 354 -14.36 -33.65 -20.22
N SER D 355 -15.60 -34.12 -20.13
CA SER D 355 -16.20 -34.94 -21.17
C SER D 355 -17.72 -34.95 -21.03
N VAL D 356 -18.41 -34.88 -22.17
CA VAL D 356 -19.86 -35.05 -22.20
C VAL D 356 -20.26 -36.44 -22.70
N THR D 357 -19.32 -37.23 -23.21
CA THR D 357 -19.63 -38.57 -23.71
C THR D 357 -19.25 -39.68 -22.74
N GLU D 358 -18.33 -39.42 -21.80
CA GLU D 358 -17.90 -40.48 -20.88
C GLU D 358 -19.07 -40.97 -20.04
N ASN D 359 -19.84 -40.05 -19.46
CA ASN D 359 -21.10 -40.37 -18.78
C ASN D 359 -22.22 -39.65 -19.52
N PRO D 360 -22.90 -40.33 -20.45
CA PRO D 360 -23.88 -39.63 -21.29
C PRO D 360 -24.97 -38.95 -20.46
N HIS D 361 -25.40 -37.78 -20.94
CA HIS D 361 -26.40 -36.93 -20.31
C HIS D 361 -25.92 -36.32 -18.98
N HIS D 362 -24.61 -36.35 -18.74
CA HIS D 362 -23.98 -35.61 -17.67
C HIS D 362 -22.82 -34.81 -18.24
N LEU D 363 -22.43 -33.76 -17.51
CA LEU D 363 -21.15 -33.10 -17.73
C LEU D 363 -20.17 -33.63 -16.68
N ARG D 364 -19.10 -34.28 -17.15
CA ARG D 364 -18.07 -34.79 -16.26
C ARG D 364 -16.86 -33.87 -16.31
N LEU D 365 -16.43 -33.41 -15.14
CA LEU D 365 -15.25 -32.55 -15.02
C LEU D 365 -14.21 -33.29 -14.18
N TYR D 366 -13.01 -33.44 -14.73
CA TYR D 366 -11.91 -34.07 -14.01
C TYR D 366 -11.18 -33.01 -13.20
N GLY D 367 -11.14 -33.19 -11.88
CA GLY D 367 -10.55 -32.20 -10.99
C GLY D 367 -9.15 -31.81 -11.40
N GLN D 368 -8.96 -30.52 -11.70
CA GLN D 368 -7.64 -30.01 -12.03
C GLN D 368 -7.29 -28.85 -11.10
N GLU D 369 -6.75 -27.77 -11.64
CA GLU D 369 -6.17 -26.74 -10.79
C GLU D 369 -7.25 -25.81 -10.22
N SER D 370 -6.85 -25.05 -9.21
CA SER D 370 -7.77 -24.18 -8.47
C SER D 370 -8.29 -23.03 -9.35
N LEU D 371 -9.28 -22.33 -8.81
CA LEU D 371 -9.85 -21.19 -9.52
C LEU D 371 -8.88 -20.01 -9.63
N THR D 372 -7.74 -20.05 -8.95
CA THR D 372 -6.72 -19.01 -9.09
C THR D 372 -5.68 -19.33 -10.15
N SER D 373 -5.78 -20.49 -10.83
CA SER D 373 -4.75 -20.90 -11.78
C SER D 373 -5.03 -20.31 -13.16
N LYS D 374 -4.00 -19.70 -13.75
CA LYS D 374 -4.09 -19.24 -15.12
C LYS D 374 -3.77 -20.33 -16.13
N PHE D 375 -3.78 -21.61 -15.73
CA PHE D 375 -3.33 -22.63 -16.66
C PHE D 375 -4.42 -23.65 -16.99
N THR D 376 -4.62 -24.69 -16.18
CA THR D 376 -5.58 -25.74 -16.53
C THR D 376 -6.68 -25.84 -15.47
N GLN D 377 -7.85 -25.27 -15.77
CA GLN D 377 -9.00 -25.27 -14.86
C GLN D 377 -10.15 -26.08 -15.46
N ALA D 378 -10.66 -27.05 -14.71
CA ALA D 378 -11.85 -27.80 -15.11
C ALA D 378 -13.08 -26.98 -14.71
N PHE D 379 -13.41 -26.01 -15.55
CA PHE D 379 -14.41 -24.98 -15.25
C PHE D 379 -15.14 -24.66 -16.53
N VAL D 380 -16.46 -24.86 -16.53
CA VAL D 380 -17.32 -24.59 -17.68
C VAL D 380 -18.37 -23.58 -17.23
N ALA D 381 -18.50 -22.47 -17.97
CA ALA D 381 -19.28 -21.36 -17.43
C ALA D 381 -19.94 -20.58 -18.56
N ARG D 382 -20.96 -19.81 -18.17
CA ARG D 382 -21.69 -18.93 -19.07
C ARG D 382 -21.85 -17.56 -18.41
N ARG D 383 -22.04 -16.54 -19.24
CA ARG D 383 -22.08 -15.16 -18.78
C ARG D 383 -23.33 -14.87 -17.93
N TRP D 384 -23.16 -14.01 -16.93
CA TRP D 384 -24.29 -13.25 -16.41
C TRP D 384 -24.83 -12.34 -17.50
N GLN D 385 -26.11 -12.48 -17.83
CA GLN D 385 -26.70 -11.62 -18.85
C GLN D 385 -27.98 -10.94 -18.38
N SER D 386 -28.31 -11.05 -17.10
CA SER D 386 -29.39 -10.28 -16.52
C SER D 386 -29.01 -9.94 -15.08
N PHE D 387 -29.55 -8.82 -14.57
CA PHE D 387 -29.35 -8.49 -13.16
C PHE D 387 -30.20 -9.35 -12.23
N TYR D 388 -31.18 -10.08 -12.78
CA TYR D 388 -32.08 -10.92 -11.99
C TYR D 388 -32.15 -12.27 -12.69
N PHE D 389 -31.64 -13.32 -12.03
CA PHE D 389 -31.72 -14.66 -12.58
C PHE D 389 -31.39 -15.66 -11.48
N GLU D 390 -31.68 -16.92 -11.77
CA GLU D 390 -31.22 -18.05 -10.98
C GLU D 390 -30.44 -18.99 -11.89
N ALA D 391 -29.38 -19.57 -11.35
CA ALA D 391 -28.66 -20.63 -12.02
C ALA D 391 -28.57 -21.82 -11.07
N GLU D 392 -28.63 -23.02 -11.64
CA GLU D 392 -28.80 -24.21 -10.81
C GLU D 392 -28.14 -25.41 -11.47
N THR D 393 -27.44 -26.20 -10.65
CA THR D 393 -26.86 -27.45 -11.11
C THR D 393 -27.05 -28.51 -10.03
N ALA D 394 -26.76 -29.75 -10.39
CA ALA D 394 -26.79 -30.89 -9.48
C ALA D 394 -25.53 -31.70 -9.73
N VAL D 395 -24.75 -31.96 -8.68
CA VAL D 395 -23.41 -32.50 -8.83
C VAL D 395 -23.29 -33.81 -8.05
N SER D 396 -22.76 -34.84 -8.72
CA SER D 396 -22.38 -36.09 -8.09
C SER D 396 -20.87 -36.05 -7.89
N PHE D 397 -20.43 -36.05 -6.63
CA PHE D 397 -19.02 -35.90 -6.30
C PHE D 397 -18.76 -36.51 -4.94
N PHE D 398 -17.77 -37.41 -4.87
CA PHE D 398 -17.46 -38.12 -3.63
C PHE D 398 -15.98 -37.92 -3.31
N PRO D 399 -15.61 -36.74 -2.81
CA PRO D 399 -14.21 -36.47 -2.50
C PRO D 399 -13.71 -37.30 -1.32
N LYS D 400 -12.41 -37.58 -1.35
CA LYS D 400 -11.75 -38.37 -0.31
C LYS D 400 -10.67 -37.61 0.45
N ASN D 401 -10.31 -36.40 0.00
CA ASN D 401 -9.35 -35.58 0.73
C ASN D 401 -9.70 -34.11 0.51
N PHE D 402 -9.21 -33.26 1.41
CA PHE D 402 -9.62 -31.85 1.42
C PHE D 402 -9.18 -31.08 0.17
N GLN D 403 -8.32 -31.66 -0.66
CA GLN D 403 -7.88 -30.99 -1.86
C GLN D 403 -8.78 -31.26 -3.05
N GLN D 404 -9.95 -31.85 -2.82
CA GLN D 404 -10.93 -32.13 -3.86
C GLN D 404 -12.20 -31.36 -3.55
N ALA D 405 -12.69 -30.61 -4.53
CA ALA D 405 -13.88 -29.80 -4.36
C ALA D 405 -14.53 -29.60 -5.72
N ALA D 406 -15.86 -29.55 -5.75
CA ALA D 406 -16.59 -29.36 -6.99
C ALA D 406 -17.95 -28.74 -6.69
N GLY D 407 -18.39 -27.83 -7.56
CA GLY D 407 -19.70 -27.26 -7.37
C GLY D 407 -20.06 -26.10 -8.27
N LEU D 408 -20.75 -25.12 -7.69
CA LEU D 408 -21.27 -23.97 -8.41
C LEU D 408 -20.39 -22.75 -8.13
N VAL D 409 -19.99 -22.05 -9.19
CA VAL D 409 -19.01 -20.97 -9.09
C VAL D 409 -19.54 -19.73 -9.80
N ASN D 410 -19.39 -18.57 -9.16
CA ASN D 410 -19.55 -17.29 -9.82
C ASN D 410 -18.19 -16.61 -9.86
N TYR D 411 -17.81 -16.11 -11.04
CA TYR D 411 -16.40 -15.90 -11.35
C TYR D 411 -16.22 -14.63 -12.17
N TYR D 412 -15.26 -13.80 -11.79
CA TYR D 412 -14.79 -12.72 -12.65
C TYR D 412 -13.41 -13.04 -13.21
N ASN D 413 -12.41 -13.22 -12.34
CA ASN D 413 -11.08 -13.61 -12.79
C ASN D 413 -10.44 -14.49 -11.70
N THR D 414 -9.15 -14.79 -11.88
CA THR D 414 -8.48 -15.74 -10.99
C THR D 414 -8.41 -15.25 -9.54
N GLU D 415 -8.55 -13.96 -9.31
CA GLU D 415 -8.48 -13.41 -7.95
C GLU D 415 -9.84 -13.03 -7.40
N ASN D 416 -10.92 -13.19 -8.16
CA ASN D 416 -12.23 -12.66 -7.79
C ASN D 416 -13.31 -13.66 -8.18
N TRP D 417 -13.75 -14.44 -7.20
CA TRP D 417 -14.75 -15.47 -7.40
C TRP D 417 -15.30 -15.89 -6.05
N THR D 418 -16.49 -16.48 -6.08
CA THR D 418 -17.04 -17.23 -4.97
C THR D 418 -17.44 -18.61 -5.49
N ALA D 419 -17.40 -19.61 -4.60
CA ALA D 419 -17.62 -20.99 -4.99
C ALA D 419 -18.30 -21.76 -3.89
N LEU D 420 -19.38 -22.46 -4.23
CA LEU D 420 -20.09 -23.38 -3.33
C LEU D 420 -19.78 -24.79 -3.79
N GLN D 421 -18.99 -25.52 -3.02
CA GLN D 421 -18.39 -26.76 -3.49
C GLN D 421 -18.60 -27.88 -2.50
N VAL D 422 -18.88 -29.08 -3.02
CA VAL D 422 -18.80 -30.30 -2.23
C VAL D 422 -17.33 -30.63 -2.03
N THR D 423 -16.93 -30.81 -0.78
CA THR D 423 -15.54 -31.13 -0.48
C THR D 423 -15.51 -32.10 0.70
N TYR D 424 -14.30 -32.41 1.18
CA TYR D 424 -14.10 -33.44 2.21
C TYR D 424 -13.34 -32.85 3.38
N ASP D 425 -13.77 -33.21 4.59
CA ASP D 425 -13.09 -32.83 5.82
C ASP D 425 -12.70 -34.10 6.56
N ASP D 426 -11.44 -34.16 7.03
CA ASP D 426 -10.92 -35.35 7.69
C ASP D 426 -11.79 -35.76 8.89
N ALA D 427 -12.40 -34.79 9.56
CA ALA D 427 -13.19 -35.09 10.76
C ALA D 427 -14.67 -35.27 10.49
N LEU D 428 -15.19 -34.72 9.39
CA LEU D 428 -16.63 -34.70 9.15
C LEU D 428 -17.07 -35.44 7.90
N GLY D 429 -16.15 -35.80 7.01
CA GLY D 429 -16.54 -36.39 5.75
C GLY D 429 -16.95 -35.34 4.74
N ARG D 430 -17.87 -35.72 3.85
CA ARG D 430 -18.37 -34.79 2.83
C ARG D 430 -19.06 -33.60 3.48
N ILE D 431 -18.62 -32.39 3.12
CA ILE D 431 -19.24 -31.16 3.56
C ILE D 431 -19.46 -30.26 2.36
N LEU D 432 -20.24 -29.21 2.56
CA LEU D 432 -20.48 -28.17 1.56
C LEU D 432 -19.82 -26.90 2.08
N GLU D 433 -18.79 -26.43 1.37
CA GLU D 433 -18.04 -25.26 1.78
C GLU D 433 -18.29 -24.09 0.83
N LEU D 434 -18.30 -22.90 1.40
CA LEU D 434 -18.37 -21.64 0.66
C LEU D 434 -17.01 -20.97 0.73
N SER D 435 -16.42 -20.69 -0.44
CA SER D 435 -15.11 -20.05 -0.55
C SER D 435 -15.26 -18.73 -1.27
N VAL D 436 -14.68 -17.67 -0.70
CA VAL D 436 -14.77 -16.31 -1.23
C VAL D 436 -13.35 -15.81 -1.50
N CYS D 437 -13.14 -15.27 -2.70
CA CYS D 437 -11.85 -14.71 -3.11
C CYS D 437 -12.09 -13.30 -3.62
N GLU D 438 -11.57 -12.31 -2.92
CA GLU D 438 -11.75 -10.91 -3.29
C GLU D 438 -10.36 -10.31 -3.48
N ASN D 439 -10.01 -10.04 -4.74
CA ASN D 439 -8.68 -9.58 -5.11
C ASN D 439 -7.60 -10.36 -4.34
N LEU D 440 -7.72 -11.70 -4.42
CA LEU D 440 -6.81 -12.71 -3.87
C LEU D 440 -6.83 -12.79 -2.35
N ALA D 441 -7.67 -12.03 -1.66
CA ALA D 441 -7.91 -12.27 -0.24
C ALA D 441 -8.94 -13.38 -0.10
N PHE D 442 -8.59 -14.43 0.63
CA PHE D 442 -9.32 -15.69 0.64
C PHE D 442 -9.96 -15.90 1.99
N SER D 443 -11.24 -16.26 2.00
CA SER D 443 -11.95 -16.57 3.23
C SER D 443 -12.96 -17.67 2.99
N GLN D 444 -13.24 -18.42 4.04
CA GLN D 444 -14.28 -19.46 4.04
C GLN D 444 -15.15 -19.15 5.25
N PRO D 445 -16.18 -18.30 5.07
CA PRO D 445 -16.78 -17.61 6.23
C PRO D 445 -17.73 -18.46 7.05
N LEU D 446 -18.22 -19.58 6.54
CA LEU D 446 -19.20 -20.37 7.28
C LEU D 446 -18.62 -20.87 8.60
N ILE D 447 -19.34 -20.60 9.68
CA ILE D 447 -18.89 -21.01 11.01
C ILE D 447 -19.16 -22.49 11.26
N LYS D 448 -20.32 -22.96 10.81
CA LYS D 448 -20.77 -24.32 11.02
C LYS D 448 -20.67 -25.07 9.70
N LYS D 449 -20.04 -26.23 9.72
CA LYS D 449 -19.89 -26.99 8.49
C LYS D 449 -21.21 -27.62 8.11
N ILE D 450 -21.56 -27.53 6.83
CA ILE D 450 -22.75 -28.15 6.29
C ILE D 450 -22.39 -29.59 5.93
N ILE D 451 -22.83 -30.54 6.75
CA ILE D 451 -22.51 -31.95 6.54
C ILE D 451 -23.42 -32.51 5.46
N ILE D 452 -22.84 -33.29 4.56
CA ILE D 452 -23.56 -33.98 3.49
C ILE D 452 -23.64 -35.46 3.86
N PRO D 453 -24.84 -36.01 4.05
CA PRO D 453 -24.95 -37.44 4.39
C PRO D 453 -24.44 -38.32 3.26
N ASP D 454 -23.91 -39.49 3.64
CA ASP D 454 -23.26 -40.39 2.69
C ASP D 454 -24.19 -40.80 1.56
N GLU D 455 -25.48 -40.96 1.83
CA GLU D 455 -26.41 -41.56 0.89
C GLU D 455 -26.99 -40.59 -0.11
N ILE D 456 -26.53 -39.34 -0.14
CA ILE D 456 -27.02 -38.38 -1.12
C ILE D 456 -26.26 -38.55 -2.42
N PRO D 457 -26.93 -38.92 -3.52
CA PRO D 457 -26.21 -39.10 -4.80
C PRO D 457 -25.93 -37.80 -5.51
N TYR D 458 -26.81 -36.82 -5.35
CA TYR D 458 -26.70 -35.53 -6.03
C TYR D 458 -26.91 -34.41 -5.03
N VAL D 459 -25.98 -33.45 -5.02
CA VAL D 459 -26.17 -32.22 -4.26
C VAL D 459 -26.65 -31.15 -5.23
N TYR D 460 -27.79 -30.55 -4.92
CA TYR D 460 -28.39 -29.54 -5.76
C TYR D 460 -27.96 -28.17 -5.27
N LEU D 461 -27.47 -27.34 -6.19
CA LEU D 461 -26.86 -26.06 -5.87
C LEU D 461 -27.49 -24.97 -6.73
N LYS D 462 -27.82 -23.85 -6.09
CA LYS D 462 -28.49 -22.75 -6.75
C LYS D 462 -27.86 -21.45 -6.34
N VAL D 463 -27.90 -20.46 -7.24
CA VAL D 463 -27.57 -19.09 -6.90
C VAL D 463 -28.68 -18.19 -7.45
N THR D 464 -29.15 -17.25 -6.63
CA THR D 464 -30.18 -16.30 -7.03
C THR D 464 -29.58 -14.90 -7.02
N VAL D 465 -29.52 -14.29 -8.19
CA VAL D 465 -28.93 -12.97 -8.36
C VAL D 465 -30.06 -11.94 -8.39
N GLN D 466 -29.99 -10.95 -7.49
CA GLN D 466 -30.99 -9.90 -7.38
C GLN D 466 -30.26 -8.55 -7.39
N ARG D 467 -29.86 -8.12 -8.59
CA ARG D 467 -29.15 -6.87 -8.86
C ARG D 467 -27.93 -6.75 -7.93
N GLU D 468 -28.06 -6.08 -6.78
CA GLU D 468 -26.88 -5.71 -5.96
C GLU D 468 -26.29 -6.86 -5.17
N THR D 469 -27.06 -7.89 -4.89
CA THR D 469 -26.62 -9.02 -4.07
C THR D 469 -27.04 -10.32 -4.72
N TYR D 470 -26.42 -11.41 -4.28
CA TYR D 470 -26.81 -12.73 -4.75
C TYR D 470 -26.58 -13.73 -3.62
N THR D 471 -27.33 -14.83 -3.67
CA THR D 471 -27.38 -15.77 -2.55
C THR D 471 -27.32 -17.19 -3.07
N TYR D 472 -26.58 -18.04 -2.37
CA TYR D 472 -26.53 -19.46 -2.66
C TYR D 472 -27.57 -20.22 -1.86
N SER D 473 -28.05 -21.32 -2.43
CA SER D 473 -28.96 -22.24 -1.77
C SER D 473 -28.56 -23.66 -2.15
N TYR D 474 -28.97 -24.62 -1.34
CA TYR D 474 -28.69 -26.02 -1.62
C TYR D 474 -29.86 -26.90 -1.21
N SER D 475 -29.87 -28.10 -1.77
CA SER D 475 -30.92 -29.07 -1.50
C SER D 475 -30.38 -30.47 -1.70
N PHE D 476 -30.90 -31.42 -0.93
CA PHE D 476 -30.54 -32.82 -1.07
C PHE D 476 -31.60 -33.61 -1.81
N ASP D 477 -32.72 -32.98 -2.20
CA ASP D 477 -33.80 -33.68 -2.90
C ASP D 477 -34.47 -32.83 -3.98
N GLN D 478 -34.00 -31.61 -4.23
CA GLN D 478 -34.59 -30.65 -5.17
C GLN D 478 -35.97 -30.18 -4.73
N GLN D 479 -36.41 -30.59 -3.54
CA GLN D 479 -37.67 -30.12 -2.97
C GLN D 479 -37.43 -29.05 -1.91
N GLU D 480 -36.72 -29.41 -0.84
CA GLU D 480 -36.45 -28.50 0.26
C GLU D 480 -35.11 -27.80 0.05
N TRP D 481 -35.15 -26.49 -0.14
CA TRP D 481 -33.96 -25.68 -0.38
C TRP D 481 -33.58 -24.94 0.90
N GLU D 482 -32.30 -24.98 1.25
CA GLU D 482 -31.77 -24.28 2.41
C GLU D 482 -30.95 -23.08 1.95
N LYS D 483 -31.29 -21.91 2.46
CA LYS D 483 -30.58 -20.67 2.11
C LYS D 483 -29.32 -20.55 2.94
N ILE D 484 -28.22 -20.20 2.29
CA ILE D 484 -26.97 -19.91 2.99
C ILE D 484 -26.98 -18.42 3.33
N ASP D 485 -26.98 -18.10 4.62
CA ASP D 485 -27.23 -16.74 5.10
C ASP D 485 -25.95 -15.90 5.06
N VAL D 486 -25.35 -15.84 3.88
CA VAL D 486 -24.22 -14.95 3.64
C VAL D 486 -24.53 -14.11 2.41
N PRO D 487 -24.93 -12.84 2.57
CA PRO D 487 -25.22 -12.01 1.39
C PRO D 487 -23.96 -11.59 0.66
N LEU D 488 -23.78 -12.06 -0.56
CA LEU D 488 -22.62 -11.72 -1.38
C LEU D 488 -22.96 -10.57 -2.31
N GLU D 489 -21.94 -9.78 -2.64
CA GLU D 489 -22.13 -8.54 -3.38
C GLU D 489 -21.84 -8.79 -4.87
N SER D 490 -22.83 -8.50 -5.71
CA SER D 490 -22.63 -8.63 -7.15
C SER D 490 -21.61 -7.62 -7.68
N THR D 491 -21.47 -6.49 -7.00
CA THR D 491 -20.54 -5.46 -7.44
C THR D 491 -19.09 -5.87 -7.25
N HIS D 492 -18.81 -6.91 -6.48
CA HIS D 492 -17.46 -7.43 -6.32
C HIS D 492 -17.04 -8.33 -7.49
N LEU D 493 -17.96 -8.66 -8.40
CA LEU D 493 -17.60 -9.37 -9.63
C LEU D 493 -17.81 -8.43 -10.80
N SER D 494 -17.18 -7.26 -10.77
CA SER D 494 -17.41 -6.24 -11.78
C SER D 494 -16.09 -5.66 -12.26
N ASP D 495 -16.14 -5.08 -13.47
CA ASP D 495 -15.00 -4.37 -14.01
C ASP D 495 -14.46 -3.34 -13.02
N ASP D 496 -15.34 -2.65 -12.31
CA ASP D 496 -14.96 -1.51 -11.50
C ASP D 496 -14.42 -1.89 -10.12
N PHE D 497 -14.49 -3.16 -9.73
CA PHE D 497 -14.01 -3.59 -8.42
C PHE D 497 -12.65 -4.26 -8.45
N ILE D 498 -12.36 -5.03 -9.48
CA ILE D 498 -11.18 -5.90 -9.47
C ILE D 498 -9.93 -5.07 -9.69
N ARG D 499 -8.84 -5.49 -9.05
CA ARG D 499 -7.55 -4.80 -9.15
C ARG D 499 -6.78 -5.28 -10.36
N GLY D 500 -5.87 -4.44 -10.83
CA GLY D 500 -4.96 -4.81 -11.90
C GLY D 500 -5.25 -4.04 -13.18
N GLY D 501 -4.39 -4.29 -14.18
CA GLY D 501 -4.49 -3.56 -15.43
C GLY D 501 -5.46 -4.13 -16.43
N GLY D 502 -5.95 -5.35 -16.18
CA GLY D 502 -6.95 -5.97 -17.03
C GLY D 502 -8.28 -6.14 -16.32
N PHE D 503 -9.29 -5.40 -16.77
CA PHE D 503 -10.59 -5.31 -16.10
C PHE D 503 -11.69 -5.33 -17.17
N PHE D 504 -11.64 -6.32 -18.05
CA PHE D 504 -12.27 -6.22 -19.36
C PHE D 504 -13.31 -7.29 -19.64
N THR D 505 -13.69 -8.09 -18.66
CA THR D 505 -14.65 -9.16 -18.96
C THR D 505 -15.99 -8.93 -18.28
N GLY D 506 -16.32 -9.74 -17.29
CA GLY D 506 -17.63 -9.68 -16.68
C GLY D 506 -17.92 -10.95 -15.91
N ALA D 507 -19.03 -10.91 -15.18
CA ALA D 507 -19.38 -12.03 -14.31
C ALA D 507 -19.82 -13.24 -15.13
N PHE D 508 -19.37 -14.43 -14.70
CA PHE D 508 -19.76 -15.71 -15.25
C PHE D 508 -20.28 -16.59 -14.13
N VAL D 509 -21.18 -17.52 -14.47
CA VAL D 509 -21.60 -18.57 -13.54
C VAL D 509 -21.37 -19.92 -14.21
N GLY D 510 -20.95 -20.91 -13.43
CA GLY D 510 -20.65 -22.17 -14.09
C GLY D 510 -20.40 -23.31 -13.14
N MET D 511 -20.09 -24.46 -13.74
CA MET D 511 -19.80 -25.69 -13.02
C MET D 511 -18.30 -25.90 -12.98
N GLN D 512 -17.80 -26.44 -11.86
CA GLN D 512 -16.36 -26.46 -11.64
C GLN D 512 -15.99 -27.66 -10.78
N CYS D 513 -14.79 -28.17 -10.99
CA CYS D 513 -14.24 -29.24 -10.16
C CYS D 513 -12.74 -29.08 -10.09
N GLN D 514 -12.19 -29.14 -8.88
CA GLN D 514 -10.76 -29.09 -8.69
C GLN D 514 -10.31 -30.28 -7.86
N ASP D 515 -9.12 -30.79 -8.18
CA ASP D 515 -8.48 -31.88 -7.43
C ASP D 515 -6.99 -31.53 -7.43
N THR D 516 -6.56 -30.83 -6.38
CA THR D 516 -5.15 -30.46 -6.24
C THR D 516 -4.35 -31.52 -5.51
N SER D 517 -4.87 -32.75 -5.41
CA SER D 517 -4.07 -33.88 -4.95
C SER D 517 -3.35 -34.56 -6.10
N GLY D 518 -3.95 -34.53 -7.30
CA GLY D 518 -3.40 -35.15 -8.49
C GLY D 518 -4.20 -36.34 -9.01
N GLU D 519 -5.25 -36.74 -8.31
CA GLU D 519 -6.00 -37.94 -8.68
C GLU D 519 -7.06 -37.70 -9.75
N ARG D 520 -7.25 -36.45 -10.18
CA ARG D 520 -8.14 -36.13 -11.30
C ARG D 520 -9.55 -36.65 -11.05
N LEU D 521 -10.00 -36.54 -9.81
CA LEU D 521 -11.28 -37.12 -9.43
C LEU D 521 -12.43 -36.47 -10.20
N PRO D 522 -13.31 -37.25 -10.80
CA PRO D 522 -14.40 -36.67 -11.59
C PRO D 522 -15.57 -36.22 -10.72
N ALA D 523 -16.23 -35.17 -11.19
CA ALA D 523 -17.53 -34.73 -10.71
C ALA D 523 -18.49 -34.75 -11.88
N ASP D 524 -19.70 -35.25 -11.65
CA ASP D 524 -20.71 -35.39 -12.69
C ASP D 524 -21.83 -34.39 -12.43
N PHE D 525 -22.10 -33.53 -13.40
CA PHE D 525 -23.15 -32.51 -13.33
C PHE D 525 -24.32 -32.96 -14.19
N LYS D 526 -25.47 -33.16 -13.56
CA LYS D 526 -26.63 -33.74 -14.24
C LYS D 526 -27.30 -32.75 -15.18
N TYR D 527 -27.32 -31.47 -14.81
CA TYR D 527 -27.93 -30.43 -15.62
C TYR D 527 -27.39 -29.08 -15.16
N PHE D 528 -27.50 -28.09 -16.04
CA PHE D 528 -27.25 -26.69 -15.70
C PHE D 528 -28.44 -25.87 -16.15
N ARG D 529 -29.05 -25.15 -15.22
CA ARG D 529 -30.21 -24.33 -15.48
C ARG D 529 -29.83 -22.86 -15.36
N TYR D 530 -30.27 -22.07 -16.34
CA TYR D 530 -30.07 -20.62 -16.30
C TYR D 530 -31.37 -19.97 -16.73
N GLU D 531 -32.09 -19.39 -15.77
CA GLU D 531 -33.41 -18.80 -16.00
C GLU D 531 -33.39 -17.36 -15.52
N GLU D 532 -33.53 -16.43 -16.45
CA GLU D 532 -33.57 -15.01 -16.10
C GLU D 532 -34.93 -14.66 -15.52
N THR D 533 -34.94 -13.77 -14.53
CA THR D 533 -36.15 -13.44 -13.78
C THR D 533 -36.88 -12.24 -14.35
O1 XYP E . 12.05 2.61 16.86
C1 XYP E . 12.00 2.77 18.22
C2 XYP E . 13.07 1.89 18.87
C3 XYP E . 13.11 2.05 20.34
C4 XYP E . 13.31 3.46 20.70
C5 XYP E . 12.26 4.38 20.02
O2 XYP E . 12.77 0.51 18.56
O3 XYP E . 14.19 1.20 20.88
O4 XYP E . 13.29 3.73 22.13
O5 XYP E . 12.22 4.19 18.55
C1 XYP E . 12.55 2.93 22.85
C2 XYP E . 12.91 3.11 24.39
C3 XYP E . 12.24 4.24 25.10
C4 XYP E . 10.87 4.43 24.77
C5 XYP E . 10.66 4.47 23.28
O2 XYP E . 12.62 1.89 25.06
O3 XYP E . 12.97 5.51 24.76
O4 XYP E . 10.11 3.27 25.31
O5 XYP E . 11.09 3.20 22.66
O1 XYP F . -12.84 15.19 2.01
C1 XYP F . -13.02 16.55 2.13
C2 XYP F . -14.04 17.07 1.09
C3 XYP F . -14.24 18.53 1.21
C4 XYP F . -14.59 18.92 2.59
C5 XYP F . -13.61 18.34 3.62
O2 XYP F . -13.52 16.76 -0.21
O3 XYP F . -15.33 18.93 0.30
O4 XYP F . -14.66 20.36 2.79
O5 XYP F . -13.46 16.87 3.49
C1 XYP F . -13.88 21.12 2.06
C2 XYP F . -14.34 22.63 2.23
C3 XYP F . -13.93 23.29 3.49
C4 XYP F . -12.55 23.09 3.84
C5 XYP F . -12.16 21.63 3.78
O2 XYP F . -13.86 23.37 1.14
O3 XYP F . -14.78 22.77 4.61
O4 XYP F . -11.67 23.83 2.91
O5 XYP F . -12.44 21.02 2.47
O1 XYP G . 7.08 -18.65 1.07
C1 XYP G . 8.00 -19.46 0.45
C2 XYP G . 8.89 -20.11 1.53
C3 XYP G . 9.85 -21.07 0.92
C4 XYP G . 9.14 -22.10 0.13
C5 XYP G . 8.19 -21.48 -0.92
O2 XYP G . 9.59 -19.08 2.25
O3 XYP G . 10.62 -21.70 2.01
O4 XYP G . 9.99 -23.05 -0.55
O5 XYP G . 7.28 -20.48 -0.32
C1 XYP G . 11.23 -22.68 -0.77
C2 XYP G . 12.10 -23.94 -1.16
C3 XYP G . 11.92 -24.45 -2.55
C4 XYP G . 11.93 -23.42 -3.55
C5 XYP G . 10.98 -22.30 -3.23
O2 XYP G . 13.46 -23.60 -0.93
O3 XYP G . 10.63 -25.19 -2.66
O4 XYP G . 13.29 -22.85 -3.65
O5 XYP G . 11.29 -21.70 -1.91
O1 XYP H . -6.43 0.93 -19.72
C1 XYP H . -7.18 0.32 -20.69
C2 XYP H . -8.06 1.34 -21.42
C3 XYP H . -8.86 0.70 -22.50
C4 XYP H . -7.99 -0.08 -23.41
C5 XYP H . -7.08 -1.07 -22.65
O2 XYP H . -8.93 1.95 -20.45
O3 XYP H . -9.56 1.76 -23.25
O4 XYP H . -8.71 -0.82 -24.44
O5 XYP H . -6.27 -0.34 -21.65
C1 XYP H . -9.94 -1.18 -24.15
C2 XYP H . -10.68 -1.59 -25.48
C3 XYP H . -10.36 -2.95 -25.99
C4 XYP H . -10.32 -3.98 -25.00
C5 XYP H . -9.48 -3.60 -23.82
O2 XYP H . -12.08 -1.43 -25.29
O3 XYP H . -9.02 -2.88 -26.68
O4 XYP H . -11.70 -4.20 -24.52
O5 XYP H . -9.96 -2.35 -23.21
#